data_7D56
#
_entry.id   7D56
#
_cell.length_a   199.577
_cell.length_b   115.343
_cell.length_c   127.844
_cell.angle_alpha   90.000
_cell.angle_beta   121.380
_cell.angle_gamma   90.000
#
_symmetry.space_group_name_H-M   'C 1 2 1'
#
loop_
_entity.id
_entity.type
_entity.pdbx_description
1 polymer 'Protein-arginine deiminase type-3'
2 non-polymer N-[(1S)-1-(AMINOCARBONYL)-4-(ETHANIMIDOYLAMINO)BUTYL]BENZAMIDE
3 non-polymer 'CALCIUM ION'
4 non-polymer 'CHLORIDE ION'
5 non-polymer 1,2-ETHANEDIOL
6 non-polymer GLYCEROL
7 water water
#
_entity_poly.entity_id   1
_entity_poly.type   'polypeptide(L)'
_entity_poly.pdbx_seq_one_letter_code
;MSLQRIVRVSLEHPTSAVCVAGVETLVDIYGSVPEGTEMFEVYGTPGVDIYISPNMERGRERADTRRWRFDATLEIIVVM
NSPSNDLNDSHVQISYHSSHEPLPLAYAVLYLTCVDISLDCDLNCEGRQDRNFVDKRQWVWGPSGYGGILLVNCDRDDPS
CDVQDNCDQHVHCLQDLEDMSVMVLRTQGPAALFDDHKLVLHTSSYDAKRAQVFHICGPEDVCEAYRHVLGQDKVSYEVP
RLHGDEERFFVEGLSFPDAGFTGLISFHVTLLDDSNEDFSASPIFTDTVVFRVAPWIMTPSTLPPLEVYVCRVRNNTCFV
DAVAELARKAGCKLTICPQAENRNDRWIQDEMELGYVQAPHKTLPVVFDSPRNGELQDFPYKRILGPDFGYVTREPRDRS
VSGLDSFGNLEVSPPVVANGKEYPLGRILIGGNLPGSSGRRVTQVVRDFLHAQKVQPPVELFVDWLAVGHVDEFLSFVPA
PDGKGFRMLLASPGACFKLFQEKQKCGHGRALLFQGVVDDEQVKTISINQVLSNKDLINYNKFVQSCIDWNREVLKRELG
LAECDIIDIPQLFKTERKKATAFFPDLVNMLVLGKHLGIPKPFGPIINGCCCLEEKVRSLLEPLGLHCTFIDDFTPYHML
HGEVHCGTNVCRKPFSFKWWNMVP
;
_entity_poly.pdbx_strand_id   C,B,A
#
# COMPACT_ATOMS: atom_id res chain seq x y z
N MET A 1 -30.06 22.09 -0.01
CA MET A 1 -29.01 22.34 0.97
C MET A 1 -28.32 23.67 0.70
N SER A 2 -28.92 24.48 -0.16
CA SER A 2 -28.43 25.81 -0.49
C SER A 2 -29.34 26.87 0.12
N LEU A 3 -29.04 28.13 -0.18
CA LEU A 3 -29.89 29.22 0.28
C LEU A 3 -31.23 29.17 -0.42
N GLN A 4 -32.30 29.47 0.31
CA GLN A 4 -33.65 29.41 -0.21
C GLN A 4 -34.30 30.78 -0.12
N ARG A 5 -34.87 31.24 -1.24
CA ARG A 5 -35.60 32.50 -1.29
C ARG A 5 -36.97 32.26 -1.89
N ILE A 6 -37.95 33.03 -1.45
CA ILE A 6 -39.30 32.99 -2.00
C ILE A 6 -39.61 34.37 -2.55
N VAL A 7 -39.79 34.45 -3.86
CA VAL A 7 -40.12 35.70 -4.54
C VAL A 7 -41.50 35.52 -5.16
N ARG A 8 -42.46 36.28 -4.68
CA ARG A 8 -43.84 36.17 -5.14
C ARG A 8 -44.10 37.15 -6.27
N VAL A 9 -44.96 36.75 -7.20
CA VAL A 9 -45.33 37.56 -8.34
C VAL A 9 -46.81 37.89 -8.23
N SER A 10 -47.26 38.83 -9.06
CA SER A 10 -48.64 39.26 -9.05
C SER A 10 -49.20 39.24 -10.47
N LEU A 11 -50.47 38.85 -10.59
CA LEU A 11 -51.14 38.85 -11.89
C LEU A 11 -51.47 40.26 -12.37
N GLU A 12 -51.19 41.28 -11.56
CA GLU A 12 -51.52 42.66 -11.89
C GLU A 12 -50.36 43.41 -12.53
N HIS A 13 -49.15 43.27 -11.99
CA HIS A 13 -47.97 43.94 -12.49
C HIS A 13 -46.77 43.01 -12.37
N PRO A 14 -45.84 43.07 -13.31
CA PRO A 14 -44.66 42.21 -13.22
C PRO A 14 -43.72 42.68 -12.11
N THR A 15 -42.86 41.76 -11.68
CA THR A 15 -41.86 42.03 -10.66
C THR A 15 -40.47 42.03 -11.28
N SER A 16 -39.53 42.65 -10.58
CA SER A 16 -38.18 42.91 -11.06
C SER A 16 -37.15 42.36 -10.09
N ALA A 17 -37.32 41.10 -9.69
CA ALA A 17 -36.51 40.52 -8.63
C ALA A 17 -35.05 40.38 -9.06
N VAL A 18 -34.16 40.53 -8.08
CA VAL A 18 -32.72 40.33 -8.27
C VAL A 18 -32.32 39.08 -7.50
N CYS A 19 -31.68 38.15 -8.20
CA CYS A 19 -31.29 36.87 -7.63
C CYS A 19 -29.77 36.70 -7.72
N VAL A 20 -29.26 35.77 -6.92
CA VAL A 20 -27.83 35.49 -6.86
C VAL A 20 -27.57 34.16 -7.55
N ALA A 21 -26.47 34.10 -8.29
CA ALA A 21 -26.16 32.91 -9.08
C ALA A 21 -26.03 31.69 -8.18
N GLY A 22 -26.60 30.57 -8.64
CA GLY A 22 -26.58 29.33 -7.89
C GLY A 22 -27.68 29.19 -6.85
N VAL A 23 -28.24 30.29 -6.37
CA VAL A 23 -29.26 30.24 -5.33
C VAL A 23 -30.60 29.91 -5.96
N GLU A 24 -31.38 29.07 -5.30
CA GLU A 24 -32.71 28.72 -5.77
C GLU A 24 -33.72 29.77 -5.30
N THR A 25 -34.75 29.98 -6.11
CA THR A 25 -35.82 30.91 -5.78
C THR A 25 -37.16 30.23 -6.01
N LEU A 26 -37.94 30.05 -4.94
CA LEU A 26 -39.30 29.56 -5.08
C LEU A 26 -40.18 30.68 -5.63
N VAL A 27 -41.04 30.35 -6.59
CA VAL A 27 -41.91 31.33 -7.22
C VAL A 27 -43.35 30.99 -6.87
N ASP A 28 -44.03 31.92 -6.19
CA ASP A 28 -45.45 31.80 -5.90
C ASP A 28 -46.11 33.14 -6.22
N ILE A 29 -47.40 33.29 -5.89
CA ILE A 29 -48.15 34.50 -6.23
C ILE A 29 -48.82 35.06 -4.99
N TYR A 30 -48.98 36.37 -4.96
CA TYR A 30 -49.90 36.99 -4.02
C TYR A 30 -51.33 36.74 -4.47
N GLY A 31 -52.18 36.35 -3.53
CA GLY A 31 -53.57 36.12 -3.87
C GLY A 31 -53.77 34.82 -4.64
N SER A 32 -54.96 34.70 -5.21
CA SER A 32 -55.39 33.47 -5.84
C SER A 32 -55.23 33.54 -7.36
N VAL A 33 -55.38 32.37 -7.99
CA VAL A 33 -55.28 32.23 -9.44
C VAL A 33 -56.60 32.65 -10.06
N PRO A 34 -56.69 32.79 -11.39
CA PRO A 34 -58.00 33.04 -12.04
C PRO A 34 -59.09 32.07 -11.59
N GLU A 35 -60.35 32.48 -11.76
CA GLU A 35 -61.47 31.75 -11.15
C GLU A 35 -61.57 30.33 -11.69
N GLY A 36 -61.32 30.12 -12.97
CA GLY A 36 -61.49 28.81 -13.55
C GLY A 36 -60.20 28.12 -13.96
N THR A 37 -59.14 28.31 -13.16
CA THR A 37 -57.84 27.77 -13.51
C THR A 37 -57.80 26.25 -13.33
N GLU A 38 -57.41 25.55 -14.40
CA GLU A 38 -57.22 24.11 -14.36
C GLU A 38 -55.81 23.66 -14.69
N MET A 39 -55.07 24.42 -15.48
CA MET A 39 -53.72 24.05 -15.89
C MET A 39 -52.84 25.29 -15.87
N PHE A 40 -51.54 25.08 -16.08
CA PHE A 40 -50.62 26.20 -16.16
C PHE A 40 -49.38 25.78 -16.94
N GLU A 41 -48.76 26.77 -17.59
CA GLU A 41 -47.48 26.61 -18.23
C GLU A 41 -46.50 27.61 -17.64
N VAL A 42 -45.21 27.28 -17.70
CA VAL A 42 -44.17 28.19 -17.25
C VAL A 42 -43.05 28.20 -18.29
N TYR A 43 -42.51 29.38 -18.56
CA TYR A 43 -41.50 29.57 -19.59
C TYR A 43 -40.40 30.47 -19.04
N GLY A 44 -39.18 30.26 -19.51
CA GLY A 44 -38.05 31.04 -19.06
C GLY A 44 -37.10 31.36 -20.19
N THR A 45 -36.50 32.54 -20.10
CA THR A 45 -35.42 33.02 -20.95
C THR A 45 -34.28 32.00 -20.95
N PRO A 46 -33.56 31.84 -22.07
CA PRO A 46 -32.35 31.01 -22.04
C PRO A 46 -31.43 31.40 -20.90
N GLY A 47 -30.87 30.40 -20.23
CA GLY A 47 -30.06 30.63 -19.06
C GLY A 47 -30.83 30.69 -17.76
N VAL A 48 -32.14 30.45 -17.79
CA VAL A 48 -32.99 30.45 -16.60
C VAL A 48 -33.54 29.04 -16.45
N ASP A 49 -33.14 28.36 -15.37
CA ASP A 49 -33.54 26.97 -15.12
C ASP A 49 -34.79 26.97 -14.25
N ILE A 50 -35.86 26.37 -14.76
CA ILE A 50 -37.15 26.28 -14.06
C ILE A 50 -37.46 24.82 -13.81
N TYR A 51 -37.72 24.48 -12.56
CA TYR A 51 -38.05 23.13 -12.17
C TYR A 51 -39.37 23.12 -11.42
N ILE A 52 -40.14 22.05 -11.61
CA ILE A 52 -41.39 21.84 -10.88
C ILE A 52 -41.16 20.69 -9.91
N SER A 53 -41.77 20.78 -8.72
CA SER A 53 -41.57 19.73 -7.74
C SER A 53 -42.69 19.73 -6.72
N PRO A 54 -43.16 18.58 -6.27
CA PRO A 54 -44.13 18.56 -5.17
C PRO A 54 -43.48 19.01 -3.87
N ASN A 55 -44.29 19.57 -2.98
CA ASN A 55 -43.77 20.07 -1.72
C ASN A 55 -43.44 18.95 -0.73
N MET A 56 -43.84 17.71 -1.02
CA MET A 56 -43.58 16.58 -0.15
C MET A 56 -42.24 15.91 -0.47
N GLU A 57 -42.08 15.45 -1.72
CA GLU A 57 -40.85 14.82 -2.16
C GLU A 57 -39.88 15.87 -2.68
N ARG A 58 -38.61 15.47 -2.82
CA ARG A 58 -37.58 16.39 -3.28
C ARG A 58 -36.92 15.90 -4.58
N GLY A 59 -37.75 15.48 -5.54
CA GLY A 59 -37.28 15.20 -6.88
C GLY A 59 -37.68 16.32 -7.80
N ARG A 60 -36.70 16.86 -8.52
CA ARG A 60 -36.91 18.00 -9.42
C ARG A 60 -37.10 17.52 -10.85
N GLU A 61 -37.81 18.32 -11.62
CA GLU A 61 -38.15 18.00 -13.00
C GLU A 61 -38.32 19.31 -13.76
N ARG A 62 -37.78 19.35 -14.98
CA ARG A 62 -37.91 20.56 -15.80
C ARG A 62 -39.38 20.88 -16.04
N ALA A 63 -39.71 22.17 -15.92
CA ALA A 63 -41.10 22.60 -15.88
C ALA A 63 -41.59 23.28 -17.14
N ASP A 64 -40.71 23.60 -18.09
CA ASP A 64 -41.09 24.39 -19.27
C ASP A 64 -41.25 23.53 -20.51
N THR A 65 -41.81 22.32 -20.37
CA THR A 65 -41.94 21.42 -21.51
C THR A 65 -43.35 20.90 -21.73
N ARG A 66 -44.29 21.15 -20.82
CA ARG A 66 -45.65 20.66 -20.99
C ARG A 66 -46.62 21.62 -20.30
N ARG A 67 -47.90 21.30 -20.42
CA ARG A 67 -48.97 22.02 -19.72
C ARG A 67 -49.37 21.22 -18.49
N TRP A 68 -49.05 21.74 -17.30
CA TRP A 68 -49.24 21.01 -16.06
C TRP A 68 -50.64 21.22 -15.52
N ARG A 69 -51.29 20.13 -15.09
CA ARG A 69 -52.50 20.25 -14.28
C ARG A 69 -52.21 21.08 -13.04
N PHE A 70 -53.09 22.03 -12.75
CA PHE A 70 -52.86 22.90 -11.61
C PHE A 70 -52.94 22.11 -10.31
N ASP A 71 -52.06 22.46 -9.37
CA ASP A 71 -52.00 21.79 -8.08
C ASP A 71 -51.32 22.74 -7.10
N ALA A 72 -52.01 23.09 -6.02
CA ALA A 72 -51.46 24.03 -5.06
C ALA A 72 -50.28 23.43 -4.29
N THR A 73 -50.13 22.12 -4.29
CA THR A 73 -49.03 21.46 -3.60
C THR A 73 -47.76 21.38 -4.44
N LEU A 74 -47.77 21.91 -5.65
CA LEU A 74 -46.58 21.98 -6.47
C LEU A 74 -45.89 23.32 -6.30
N GLU A 75 -44.58 23.33 -6.51
CA GLU A 75 -43.80 24.55 -6.40
C GLU A 75 -42.78 24.60 -7.54
N ILE A 76 -42.50 25.82 -7.99
CA ILE A 76 -41.57 26.06 -9.08
C ILE A 76 -40.32 26.75 -8.54
N ILE A 77 -39.17 26.23 -8.93
CA ILE A 77 -37.86 26.71 -8.49
C ILE A 77 -37.16 27.30 -9.71
N VAL A 78 -36.65 28.52 -9.54
CA VAL A 78 -35.91 29.22 -10.59
C VAL A 78 -34.46 29.35 -10.13
N VAL A 79 -33.53 28.98 -10.99
CA VAL A 79 -32.10 29.08 -10.72
C VAL A 79 -31.41 29.65 -11.94
N MET A 80 -30.53 30.63 -11.72
CA MET A 80 -29.68 31.18 -12.78
C MET A 80 -28.24 30.95 -12.37
N ASN A 81 -27.57 29.97 -13.01
CA ASN A 81 -26.20 29.63 -12.67
C ASN A 81 -25.17 30.58 -13.29
N SER A 82 -25.61 31.55 -14.08
CA SER A 82 -24.71 32.47 -14.76
C SER A 82 -25.21 33.90 -14.59
N PRO A 83 -24.31 34.86 -14.39
CA PRO A 83 -24.76 36.24 -14.16
C PRO A 83 -25.28 36.90 -15.43
N SER A 84 -26.14 37.89 -15.23
CA SER A 84 -26.73 38.61 -16.34
C SER A 84 -25.77 39.65 -16.88
N ASN A 85 -25.88 39.93 -18.18
CA ASN A 85 -25.07 40.98 -18.81
C ASN A 85 -25.71 42.35 -18.70
N ASP A 86 -27.04 42.42 -18.56
CA ASP A 86 -27.72 43.69 -18.42
C ASP A 86 -28.95 43.49 -17.55
N LEU A 87 -29.42 44.59 -16.96
CA LEU A 87 -30.51 44.53 -15.99
C LEU A 87 -31.77 43.93 -16.62
N ASN A 88 -32.30 42.91 -15.97
CA ASN A 88 -33.57 42.28 -16.36
C ASN A 88 -33.51 41.70 -17.77
N ASP A 89 -32.35 41.20 -18.18
CA ASP A 89 -32.20 40.60 -19.50
C ASP A 89 -32.82 39.21 -19.58
N SER A 90 -33.34 38.68 -18.47
CA SER A 90 -34.00 37.39 -18.45
C SER A 90 -35.28 37.51 -17.65
N HIS A 91 -36.20 36.56 -17.86
CA HIS A 91 -37.49 36.64 -17.19
C HIS A 91 -38.14 35.26 -17.18
N VAL A 92 -39.12 35.13 -16.29
CA VAL A 92 -39.97 33.94 -16.17
C VAL A 92 -41.41 34.38 -16.39
N GLN A 93 -42.17 33.57 -17.12
CA GLN A 93 -43.56 33.86 -17.44
C GLN A 93 -44.40 32.66 -17.08
N ILE A 94 -45.39 32.86 -16.21
CA ILE A 94 -46.32 31.81 -15.79
C ILE A 94 -47.69 32.13 -16.36
N SER A 95 -48.21 31.26 -17.20
CA SER A 95 -49.53 31.43 -17.78
C SER A 95 -50.50 30.42 -17.17
N TYR A 96 -51.70 30.88 -16.86
CA TYR A 96 -52.74 30.03 -16.29
C TYR A 96 -53.80 29.77 -17.34
N HIS A 97 -54.19 28.50 -17.49
CA HIS A 97 -55.05 28.07 -18.59
C HIS A 97 -56.24 27.28 -18.06
N SER A 98 -57.31 27.28 -18.86
CA SER A 98 -58.50 26.50 -18.60
C SER A 98 -58.93 25.82 -19.88
N SER A 99 -59.59 24.66 -19.74
CA SER A 99 -60.12 23.95 -20.89
C SER A 99 -61.31 24.66 -21.52
N HIS A 100 -61.90 25.64 -20.84
CA HIS A 100 -63.08 26.33 -21.35
C HIS A 100 -62.70 27.33 -22.46
N GLU A 101 -61.85 28.34 -22.11
CA GLU A 101 -61.48 29.25 -23.19
C GLU A 101 -60.09 28.90 -23.72
N PRO A 102 -59.85 29.08 -25.02
CA PRO A 102 -58.57 28.65 -25.61
C PRO A 102 -57.40 29.54 -25.25
N LEU A 103 -57.63 30.77 -24.87
CA LEU A 103 -56.54 31.69 -24.57
C LEU A 103 -56.18 31.62 -23.09
N PRO A 104 -54.96 32.04 -22.73
CA PRO A 104 -54.58 32.03 -21.31
C PRO A 104 -55.51 32.90 -20.47
N LEU A 105 -55.78 32.43 -19.24
CA LEU A 105 -56.60 33.21 -18.32
C LEU A 105 -55.84 34.43 -17.83
N ALA A 106 -54.59 34.25 -17.44
CA ALA A 106 -53.78 35.34 -16.92
C ALA A 106 -52.30 34.98 -17.06
N TYR A 107 -51.48 36.02 -17.04
CA TYR A 107 -50.03 35.92 -17.06
C TYR A 107 -49.45 36.42 -15.74
N ALA A 108 -48.24 35.98 -15.45
CA ALA A 108 -47.48 36.44 -14.29
C ALA A 108 -46.01 36.51 -14.71
N VAL A 109 -45.47 37.71 -14.82
CA VAL A 109 -44.15 37.95 -15.38
C VAL A 109 -43.23 38.38 -14.25
N LEU A 110 -42.03 37.78 -14.21
CA LEU A 110 -41.01 38.14 -13.23
C LEU A 110 -39.70 38.33 -13.98
N TYR A 111 -39.24 39.57 -14.06
CA TYR A 111 -37.92 39.84 -14.61
C TYR A 111 -36.84 39.58 -13.58
N LEU A 112 -35.67 39.13 -14.05
CA LEU A 112 -34.59 38.68 -13.19
C LEU A 112 -33.31 39.41 -13.55
N THR A 113 -32.59 39.89 -12.54
CA THR A 113 -31.24 40.43 -12.70
C THR A 113 -30.33 39.55 -11.85
N CYS A 114 -29.51 38.73 -12.50
CA CYS A 114 -28.68 37.77 -11.78
C CYS A 114 -27.29 38.36 -11.55
N VAL A 115 -26.82 38.25 -10.31
CA VAL A 115 -25.51 38.74 -9.90
C VAL A 115 -24.78 37.59 -9.21
N ASP A 116 -23.52 37.40 -9.57
CA ASP A 116 -22.70 36.33 -9.01
C ASP A 116 -21.76 36.93 -7.97
N ILE A 117 -22.13 36.79 -6.70
CA ILE A 117 -21.36 37.31 -5.58
C ILE A 117 -20.88 36.14 -4.73
N SER A 118 -19.57 36.09 -4.49
CA SER A 118 -19.02 35.03 -3.67
C SER A 118 -17.71 35.47 -3.05
N LEU A 119 -17.53 35.16 -1.77
CA LEU A 119 -16.31 35.45 -1.03
C LEU A 119 -15.66 34.12 -0.67
N ASP A 120 -14.44 33.90 -1.17
CA ASP A 120 -13.75 32.63 -0.94
C ASP A 120 -12.26 32.90 -0.77
N CYS A 121 -11.61 32.20 0.15
CA CYS A 121 -10.18 32.35 0.34
C CYS A 121 -9.43 31.07 0.00
N ASP A 122 -9.62 30.00 0.76
CA ASP A 122 -9.05 28.69 0.42
C ASP A 122 -9.93 27.64 1.11
N LEU A 123 -11.02 27.24 0.44
CA LEU A 123 -11.97 26.32 1.05
C LEU A 123 -11.36 24.93 1.09
N ASN A 124 -10.68 24.61 2.19
CA ASN A 124 -10.02 23.32 2.37
C ASN A 124 -11.01 22.16 2.27
N VAL A 134 -19.47 20.79 1.63
CA VAL A 134 -18.88 21.79 2.52
C VAL A 134 -19.89 22.90 2.79
N ASP A 135 -19.74 23.57 3.93
CA ASP A 135 -20.64 24.65 4.34
C ASP A 135 -20.03 26.04 4.18
N LYS A 136 -18.71 26.16 4.27
CA LYS A 136 -17.94 27.40 4.13
C LYS A 136 -18.18 28.38 5.26
N ARG A 137 -19.05 28.05 6.22
CA ARG A 137 -19.29 28.91 7.38
C ARG A 137 -18.94 28.21 8.70
N GLN A 138 -18.41 26.99 8.65
CA GLN A 138 -18.04 26.25 9.84
C GLN A 138 -16.66 25.62 9.65
N TRP A 139 -15.92 25.51 10.76
CA TRP A 139 -14.59 24.91 10.78
C TRP A 139 -14.68 23.58 11.52
N VAL A 140 -14.28 22.50 10.86
CA VAL A 140 -14.37 21.15 11.40
C VAL A 140 -12.99 20.50 11.36
N TRP A 141 -12.70 19.70 12.38
CA TRP A 141 -11.41 19.03 12.49
C TRP A 141 -11.45 17.67 11.79
N GLY A 142 -10.27 17.19 11.41
CA GLY A 142 -10.13 15.88 10.83
C GLY A 142 -9.65 15.90 9.39
N PRO A 143 -9.29 14.73 8.86
CA PRO A 143 -8.88 14.67 7.45
C PRO A 143 -9.98 15.06 6.48
N SER A 144 -11.24 14.83 6.84
CA SER A 144 -12.38 15.25 6.03
C SER A 144 -12.86 16.65 6.41
N GLY A 145 -12.01 17.48 6.99
CA GLY A 145 -12.38 18.80 7.41
C GLY A 145 -12.00 19.87 6.39
N TYR A 146 -12.57 21.06 6.59
CA TYR A 146 -12.37 22.19 5.69
C TYR A 146 -12.29 23.48 6.50
N GLY A 147 -11.80 24.52 5.86
CA GLY A 147 -11.66 25.83 6.48
C GLY A 147 -10.34 26.47 6.13
N GLY A 148 -10.29 27.79 6.21
CA GLY A 148 -9.08 28.53 5.91
C GLY A 148 -8.20 28.74 7.12
N ILE A 149 -6.91 28.83 6.89
CA ILE A 149 -5.90 28.98 7.94
C ILE A 149 -5.32 30.38 7.85
N LEU A 150 -5.25 31.07 8.99
CA LEU A 150 -4.69 32.41 9.08
C LEU A 150 -3.55 32.40 10.08
N LEU A 151 -2.42 32.99 9.70
CA LEU A 151 -1.27 33.09 10.58
C LEU A 151 -1.36 34.35 11.43
N VAL A 152 -0.34 34.55 12.27
CA VAL A 152 -0.31 35.70 13.17
C VAL A 152 0.71 36.74 12.74
N ASN A 153 1.68 36.39 11.90
CA ASN A 153 2.62 37.33 11.30
C ASN A 153 3.42 38.08 12.38
N CYS A 154 4.11 37.31 13.21
CA CYS A 154 4.81 37.82 14.38
C CYS A 154 6.30 38.02 14.16
N ASP A 155 6.71 38.25 12.92
CA ASP A 155 8.13 38.35 12.56
C ASP A 155 8.43 39.77 12.09
N ARG A 156 9.65 39.97 11.57
CA ARG A 156 10.08 41.24 11.02
C ARG A 156 10.65 41.00 9.62
N ASP A 157 9.80 41.15 8.61
CA ASP A 157 10.23 41.08 7.22
C ASP A 157 10.70 42.42 6.70
N ASP A 158 10.21 43.53 7.25
CA ASP A 158 10.62 44.86 6.82
C ASP A 158 11.80 45.32 7.66
N PRO A 159 12.97 45.55 7.06
CA PRO A 159 14.13 45.97 7.85
C PRO A 159 14.01 47.37 8.44
N SER A 160 13.09 48.20 7.94
CA SER A 160 12.96 49.57 8.42
C SER A 160 12.42 49.64 9.84
N CYS A 161 11.69 48.61 10.29
CA CYS A 161 11.03 48.63 11.58
C CYS A 161 11.85 47.88 12.61
N ASP A 162 11.96 48.47 13.80
CA ASP A 162 12.50 47.77 14.97
C ASP A 162 11.40 47.05 15.74
N VAL A 163 10.15 47.14 15.28
CA VAL A 163 9.01 46.57 15.99
C VAL A 163 8.40 45.45 15.15
N GLN A 164 7.36 44.81 15.67
CA GLN A 164 6.76 43.65 15.04
C GLN A 164 5.94 44.06 13.81
N ASP A 165 5.74 43.09 12.91
CA ASP A 165 4.96 43.31 11.69
C ASP A 165 3.47 43.38 11.94
N ASN A 166 3.00 42.99 13.13
CA ASN A 166 1.58 43.11 13.46
C ASN A 166 1.19 44.51 13.89
N CYS A 167 2.16 45.37 14.20
CA CYS A 167 1.86 46.67 14.79
C CYS A 167 1.47 47.71 13.74
N ASP A 168 2.07 47.67 12.56
CA ASP A 168 1.76 48.67 11.55
C ASP A 168 0.38 48.45 10.96
N GLN A 169 -0.31 49.55 10.65
CA GLN A 169 -1.56 49.47 9.92
C GLN A 169 -1.33 49.51 8.41
N HIS A 170 -0.11 49.85 7.98
CA HIS A 170 0.27 49.81 6.58
C HIS A 170 0.99 48.49 6.29
N VAL A 171 1.39 48.31 5.03
CA VAL A 171 2.23 47.19 4.62
C VAL A 171 3.42 47.78 3.87
N HIS A 172 4.50 48.06 4.60
CA HIS A 172 5.70 48.63 4.00
C HIS A 172 6.80 47.59 3.81
N CYS A 173 6.41 46.37 3.47
CA CYS A 173 7.36 45.32 3.06
C CYS A 173 6.83 44.62 1.82
N LEU A 174 7.75 44.17 0.98
CA LEU A 174 7.38 43.52 -0.27
C LEU A 174 7.15 42.03 -0.13
N GLN A 175 7.67 41.40 0.93
CA GLN A 175 7.50 39.99 1.15
C GLN A 175 6.74 39.67 2.44
N ASP A 176 6.32 40.70 3.19
CA ASP A 176 5.45 40.46 4.34
C ASP A 176 4.11 39.88 3.90
N LEU A 177 3.68 40.19 2.67
CA LEU A 177 2.43 39.65 2.14
C LEU A 177 2.43 38.12 2.09
N GLU A 178 3.61 37.50 2.03
CA GLU A 178 3.67 36.04 2.05
C GLU A 178 3.12 35.47 3.35
N ASP A 179 3.17 36.24 4.44
CA ASP A 179 2.66 35.77 5.72
C ASP A 179 1.15 35.91 5.83
N MET A 180 0.52 36.69 4.95
CA MET A 180 -0.92 36.93 5.02
C MET A 180 -1.67 35.87 4.21
N SER A 181 -3.00 35.94 4.28
CA SER A 181 -3.88 35.01 3.59
C SER A 181 -4.72 35.76 2.57
N VAL A 182 -4.83 35.19 1.37
CA VAL A 182 -5.60 35.82 0.30
C VAL A 182 -7.09 35.59 0.53
N MET A 183 -7.90 36.46 -0.08
CA MET A 183 -9.35 36.34 0.03
C MET A 183 -9.95 37.05 -1.17
N VAL A 184 -10.56 36.29 -2.08
CA VAL A 184 -11.06 36.83 -3.35
C VAL A 184 -12.57 36.98 -3.25
N LEU A 185 -13.06 38.13 -3.71
CA LEU A 185 -14.48 38.45 -3.75
C LEU A 185 -14.89 38.65 -5.20
N ARG A 186 -15.61 37.68 -5.77
CA ARG A 186 -16.11 37.80 -7.13
C ARG A 186 -17.49 38.43 -7.09
N THR A 187 -17.69 39.45 -7.93
CA THR A 187 -18.89 40.27 -7.95
C THR A 187 -19.37 40.50 -9.38
N GLN A 188 -19.49 39.41 -10.14
CA GLN A 188 -19.89 39.52 -11.53
C GLN A 188 -21.34 39.95 -11.66
N GLY A 189 -21.63 40.68 -12.74
CA GLY A 189 -22.97 41.13 -13.01
C GLY A 189 -23.00 42.44 -13.76
N PRO A 190 -24.19 42.99 -13.98
CA PRO A 190 -24.29 44.28 -14.67
C PRO A 190 -23.80 45.41 -13.78
N ALA A 191 -23.08 46.35 -14.41
CA ALA A 191 -22.48 47.44 -13.65
C ALA A 191 -23.54 48.39 -13.11
N ALA A 192 -24.57 48.69 -13.90
CA ALA A 192 -25.60 49.63 -13.46
C ALA A 192 -26.30 49.16 -12.19
N LEU A 193 -26.35 47.84 -11.97
CA LEU A 193 -26.91 47.30 -10.73
C LEU A 193 -26.22 47.91 -9.52
N PHE A 194 -24.90 48.10 -9.59
CA PHE A 194 -24.16 48.65 -8.46
C PHE A 194 -24.38 50.14 -8.28
N ASP A 195 -25.03 50.81 -9.25
CA ASP A 195 -25.50 52.17 -9.00
C ASP A 195 -26.69 52.18 -8.06
N ASP A 196 -27.36 51.04 -7.89
CA ASP A 196 -28.53 50.92 -7.04
C ASP A 196 -28.27 50.09 -5.78
N HIS A 197 -27.24 49.25 -5.77
CA HIS A 197 -26.98 48.33 -4.67
C HIS A 197 -25.59 48.55 -4.12
N LYS A 198 -25.45 48.36 -2.80
CA LYS A 198 -24.18 48.51 -2.12
C LYS A 198 -23.53 47.15 -1.87
N LEU A 199 -22.20 47.15 -1.87
CA LEU A 199 -21.42 45.96 -1.59
C LEU A 199 -20.57 46.25 -0.36
N VAL A 200 -20.83 45.51 0.73
CA VAL A 200 -20.22 45.83 2.02
C VAL A 200 -19.49 44.60 2.55
N LEU A 201 -18.18 44.73 2.77
CA LEU A 201 -17.41 43.75 3.51
C LEU A 201 -17.41 44.15 4.98
N HIS A 202 -17.44 43.18 5.87
CA HIS A 202 -17.55 43.51 7.29
C HIS A 202 -17.11 42.33 8.14
N THR A 203 -17.04 42.58 9.45
CA THR A 203 -16.63 41.60 10.44
C THR A 203 -17.01 42.13 11.81
N SER A 204 -17.18 41.21 12.76
CA SER A 204 -17.50 41.61 14.12
C SER A 204 -16.33 42.35 14.75
N SER A 205 -16.66 43.27 15.66
CA SER A 205 -15.61 44.07 16.31
C SER A 205 -14.64 43.20 17.08
N TYR A 206 -15.12 42.10 17.68
CA TYR A 206 -14.23 41.18 18.36
C TYR A 206 -13.22 40.59 17.38
N ASP A 207 -13.70 40.05 16.27
CA ASP A 207 -12.80 39.55 15.23
C ASP A 207 -11.98 40.68 14.62
N ALA A 208 -12.54 41.89 14.58
CA ALA A 208 -11.82 43.04 14.03
C ALA A 208 -10.61 43.38 14.89
N LYS A 209 -10.70 43.17 16.20
CA LYS A 209 -9.55 43.40 17.08
C LYS A 209 -8.53 42.27 17.02
N ARG A 210 -8.82 41.19 16.30
CA ARG A 210 -7.93 40.04 16.24
C ARG A 210 -7.23 39.86 14.91
N ALA A 211 -7.61 40.61 13.88
CA ALA A 211 -7.00 40.48 12.56
C ALA A 211 -7.22 41.78 11.79
N GLN A 212 -6.46 41.92 10.70
CA GLN A 212 -6.56 43.08 9.83
C GLN A 212 -6.71 42.62 8.40
N VAL A 213 -7.43 43.42 7.59
CA VAL A 213 -7.67 43.13 6.19
C VAL A 213 -7.22 44.33 5.36
N PHE A 214 -6.60 44.06 4.22
CA PHE A 214 -6.15 45.08 3.29
C PHE A 214 -6.75 44.83 1.92
N HIS A 215 -7.44 45.84 1.39
CA HIS A 215 -7.85 45.83 -0.01
C HIS A 215 -6.68 46.22 -0.89
N ILE A 216 -6.81 45.97 -2.19
CA ILE A 216 -5.75 46.26 -3.15
C ILE A 216 -6.28 47.28 -4.16
N CYS A 217 -5.47 48.29 -4.45
CA CYS A 217 -5.82 49.34 -5.39
C CYS A 217 -4.80 49.45 -6.53
N GLY A 218 -3.76 48.63 -6.52
CA GLY A 218 -2.79 48.54 -7.59
C GLY A 218 -2.01 47.26 -7.43
N PRO A 219 -1.97 46.43 -8.47
CA PRO A 219 -1.55 45.03 -8.29
C PRO A 219 -0.04 44.89 -8.14
N GLU A 220 0.38 44.27 -7.02
CA GLU A 220 1.67 43.62 -6.81
C GLU A 220 2.86 44.57 -6.78
N ASP A 221 2.67 45.87 -6.95
CA ASP A 221 3.82 46.76 -7.08
C ASP A 221 3.90 47.83 -5.99
N VAL A 222 2.78 48.41 -5.58
CA VAL A 222 2.77 49.58 -4.72
C VAL A 222 2.38 49.15 -3.31
N CYS A 223 3.17 49.57 -2.33
CA CYS A 223 2.84 49.29 -0.94
C CYS A 223 1.62 50.09 -0.48
N GLU A 224 1.49 51.33 -0.95
CA GLU A 224 0.32 52.13 -0.57
C GLU A 224 -0.97 51.65 -1.23
N ALA A 225 -0.87 50.74 -2.20
CA ALA A 225 -2.07 50.23 -2.86
C ALA A 225 -2.80 49.22 -1.99
N TYR A 226 -2.09 48.55 -1.08
CA TYR A 226 -2.69 47.62 -0.13
C TYR A 226 -3.35 48.45 0.97
N ARG A 227 -4.53 48.99 0.65
CA ARG A 227 -5.23 49.90 1.55
C ARG A 227 -5.88 49.12 2.70
N HIS A 228 -5.59 49.55 3.93
CA HIS A 228 -6.20 48.95 5.12
C HIS A 228 -7.67 49.30 5.16
N VAL A 229 -8.52 48.27 5.26
CA VAL A 229 -9.96 48.46 5.16
C VAL A 229 -10.68 47.93 6.40
N LEU A 230 -10.07 46.95 7.08
CA LEU A 230 -10.66 46.35 8.27
C LEU A 230 -9.57 46.19 9.32
N GLY A 231 -9.80 46.74 10.50
CA GLY A 231 -8.82 46.68 11.57
C GLY A 231 -9.47 46.86 12.91
N GLN A 232 -8.74 47.51 13.83
CA GLN A 232 -9.21 47.62 15.21
C GLN A 232 -10.52 48.40 15.29
N ASP A 233 -10.59 49.55 14.62
CA ASP A 233 -11.81 50.35 14.61
C ASP A 233 -12.65 50.15 13.37
N LYS A 234 -12.02 49.79 12.25
CA LYS A 234 -12.73 49.57 10.99
C LYS A 234 -13.37 48.19 11.01
N VAL A 235 -14.69 48.14 11.24
CA VAL A 235 -15.41 46.89 11.22
C VAL A 235 -16.13 46.63 9.90
N SER A 236 -16.41 47.67 9.11
CA SER A 236 -17.05 47.52 7.82
C SER A 236 -16.37 48.41 6.80
N TYR A 237 -16.56 48.08 5.52
CA TYR A 237 -15.91 48.75 4.41
C TYR A 237 -16.74 48.54 3.16
N GLU A 238 -16.74 49.54 2.28
CA GLU A 238 -17.52 49.49 1.04
C GLU A 238 -16.56 49.23 -0.11
N VAL A 239 -16.69 48.06 -0.74
CA VAL A 239 -15.79 47.67 -1.83
C VAL A 239 -16.20 48.38 -3.11
N PRO A 240 -15.33 49.18 -3.70
CA PRO A 240 -15.71 49.96 -4.90
C PRO A 240 -15.64 49.18 -6.20
N ARG A 241 -15.25 47.91 -6.18
CA ARG A 241 -15.05 47.12 -7.39
C ARG A 241 -14.05 47.79 -8.34
N LEU A 242 -12.87 48.09 -7.78
CA LEU A 242 -11.85 48.83 -8.54
C LEU A 242 -11.26 48.00 -9.68
N HIS A 243 -11.27 46.68 -9.55
CA HIS A 243 -10.68 45.82 -10.58
C HIS A 243 -11.71 45.18 -11.50
N GLY A 244 -12.96 45.06 -11.07
CA GLY A 244 -13.97 44.47 -11.93
C GLY A 244 -14.18 42.98 -11.77
N ASP A 245 -15.37 42.61 -11.30
CA ASP A 245 -15.84 41.25 -11.08
C ASP A 245 -14.98 40.45 -10.11
N GLU A 246 -13.93 41.05 -9.56
CA GLU A 246 -13.06 40.36 -8.61
C GLU A 246 -12.22 41.38 -7.85
N GLU A 247 -12.26 41.29 -6.52
CA GLU A 247 -11.44 42.09 -5.64
C GLU A 247 -10.59 41.17 -4.76
N ARG A 248 -9.31 41.51 -4.61
CA ARG A 248 -8.39 40.72 -3.80
C ARG A 248 -8.13 41.41 -2.48
N PHE A 249 -8.22 40.66 -1.38
CA PHE A 249 -7.92 41.16 -0.06
C PHE A 249 -6.87 40.28 0.60
N PHE A 250 -6.06 40.88 1.46
CA PHE A 250 -5.03 40.17 2.21
C PHE A 250 -5.26 40.38 3.70
N VAL A 251 -5.48 39.30 4.42
CA VAL A 251 -5.79 39.35 5.84
C VAL A 251 -4.61 38.79 6.63
N GLU A 252 -4.23 39.48 7.70
CA GLU A 252 -3.18 39.02 8.61
C GLU A 252 -3.72 38.96 10.03
N GLY A 253 -3.45 37.87 10.73
CA GLY A 253 -3.89 37.75 12.10
C GLY A 253 -3.07 38.61 13.04
N LEU A 254 -3.68 38.95 14.17
CA LEU A 254 -3.05 39.82 15.16
C LEU A 254 -2.83 39.15 16.50
N SER A 255 -3.41 37.97 16.75
CA SER A 255 -3.26 37.32 18.04
C SER A 255 -3.28 35.81 17.87
N PHE A 256 -2.74 35.12 18.87
CA PHE A 256 -2.77 33.67 18.96
C PHE A 256 -4.01 33.21 19.72
N PRO A 257 -4.42 31.95 19.56
CA PRO A 257 -5.52 31.44 20.38
C PRO A 257 -5.18 31.50 21.86
N ASP A 258 -6.11 32.06 22.64
CA ASP A 258 -5.87 32.26 24.06
C ASP A 258 -7.09 31.84 24.87
N ALA A 259 -7.13 32.18 26.16
CA ALA A 259 -8.21 31.72 27.01
C ALA A 259 -9.56 32.25 26.52
N GLY A 260 -9.62 33.52 26.11
CA GLY A 260 -10.87 34.10 25.67
C GLY A 260 -11.12 34.07 24.18
N PHE A 261 -10.14 33.61 23.39
CA PHE A 261 -10.25 33.60 21.93
C PHE A 261 -10.21 32.16 21.45
N THR A 262 -11.34 31.67 20.93
CA THR A 262 -11.42 30.30 20.44
C THR A 262 -10.52 30.07 19.24
N GLY A 263 -10.24 31.12 18.47
CA GLY A 263 -9.37 31.03 17.32
C GLY A 263 -10.04 31.15 15.97
N LEU A 264 -11.31 31.53 15.92
CA LEU A 264 -12.04 31.65 14.66
C LEU A 264 -12.45 33.10 14.44
N ILE A 265 -12.29 33.56 13.20
CA ILE A 265 -12.68 34.90 12.80
C ILE A 265 -13.51 34.80 11.52
N SER A 266 -14.62 35.54 11.48
CA SER A 266 -15.55 35.51 10.36
C SER A 266 -15.49 36.82 9.61
N PHE A 267 -15.44 36.74 8.28
CA PHE A 267 -15.50 37.89 7.39
C PHE A 267 -16.69 37.70 6.47
N HIS A 268 -17.56 38.72 6.41
CA HIS A 268 -18.80 38.63 5.64
C HIS A 268 -18.80 39.65 4.52
N VAL A 269 -19.49 39.31 3.43
CA VAL A 269 -19.81 40.24 2.35
C VAL A 269 -21.32 40.26 2.20
N THR A 270 -21.86 41.43 1.91
CA THR A 270 -23.31 41.61 1.87
C THR A 270 -23.69 42.54 0.73
N LEU A 271 -24.74 42.17 0.01
CA LEU A 271 -25.31 42.99 -1.04
C LEU A 271 -26.55 43.67 -0.47
N LEU A 272 -26.56 44.99 -0.48
CA LEU A 272 -27.64 45.78 0.07
C LEU A 272 -28.42 46.51 -1.02
N ASP A 273 -29.71 46.70 -0.78
CA ASP A 273 -30.63 47.37 -1.70
C ASP A 273 -31.11 48.66 -1.05
N ASP A 274 -30.42 49.76 -1.30
CA ASP A 274 -30.71 51.02 -0.62
C ASP A 274 -31.63 51.95 -1.40
N SER A 275 -31.79 51.74 -2.70
CA SER A 275 -32.77 52.50 -3.47
C SER A 275 -33.60 51.59 -4.36
N ALA A 281 -31.34 50.71 3.53
CA ALA A 281 -30.92 49.57 2.73
C ALA A 281 -31.44 48.26 3.31
N SER A 282 -31.71 47.29 2.45
CA SER A 282 -32.22 45.98 2.86
C SER A 282 -31.35 44.90 2.22
N PRO A 283 -30.70 44.05 3.01
CA PRO A 283 -29.86 43.01 2.42
C PRO A 283 -30.69 41.91 1.77
N ILE A 284 -30.13 41.35 0.70
CA ILE A 284 -30.81 40.28 -0.04
C ILE A 284 -29.85 39.11 -0.22
N PHE A 285 -28.59 39.29 0.17
CA PHE A 285 -27.62 38.21 0.10
C PHE A 285 -26.42 38.52 0.98
N THR A 286 -25.97 37.51 1.73
CA THR A 286 -24.80 37.59 2.58
C THR A 286 -24.00 36.30 2.46
N ASP A 287 -22.67 36.43 2.40
CA ASP A 287 -21.76 35.30 2.27
C ASP A 287 -20.65 35.44 3.31
N THR A 288 -20.21 34.32 3.87
CA THR A 288 -19.28 34.34 4.99
C THR A 288 -18.05 33.48 4.71
N VAL A 289 -16.96 33.80 5.39
CA VAL A 289 -15.71 33.06 5.31
C VAL A 289 -15.09 33.02 6.70
N VAL A 290 -14.73 31.83 7.17
CA VAL A 290 -14.25 31.62 8.53
C VAL A 290 -12.80 31.18 8.48
N PHE A 291 -11.91 31.97 9.08
CA PHE A 291 -10.51 31.63 9.26
C PHE A 291 -10.28 31.07 10.66
N ARG A 292 -9.36 30.12 10.76
CA ARG A 292 -8.85 29.63 12.04
C ARG A 292 -7.40 30.07 12.20
N VAL A 293 -7.09 30.67 13.34
CA VAL A 293 -5.73 31.11 13.62
C VAL A 293 -4.90 29.89 13.98
N ALA A 294 -3.84 29.67 13.21
CA ALA A 294 -3.01 28.49 13.42
C ALA A 294 -2.29 28.59 14.77
N PRO A 295 -2.24 27.51 15.53
CA PRO A 295 -1.68 27.57 16.88
C PRO A 295 -0.16 27.46 16.86
N TRP A 296 0.42 27.52 18.06
CA TRP A 296 1.86 27.40 18.24
C TRP A 296 2.20 25.96 18.61
N ILE A 297 3.12 25.37 17.85
CA ILE A 297 3.45 23.95 17.97
C ILE A 297 4.90 23.82 18.42
N MET A 298 5.13 22.96 19.42
CA MET A 298 6.46 22.74 19.95
C MET A 298 7.12 21.54 19.28
N THR A 299 8.46 21.54 19.29
CA THR A 299 9.23 20.48 18.64
C THR A 299 9.99 19.67 19.69
N PRO A 300 9.70 18.38 19.84
CA PRO A 300 10.44 17.56 20.80
C PRO A 300 11.81 17.16 20.26
N SER A 301 12.63 16.63 21.17
CA SER A 301 14.02 16.30 20.86
C SER A 301 14.16 15.22 19.80
N THR A 302 13.08 14.51 19.46
CA THR A 302 13.18 13.43 18.49
C THR A 302 13.34 13.94 17.05
N LEU A 303 12.93 15.18 16.77
CA LEU A 303 13.01 15.73 15.43
C LEU A 303 14.43 16.16 15.09
N PRO A 304 14.77 16.19 13.80
CA PRO A 304 16.12 16.64 13.40
C PRO A 304 16.33 18.10 13.74
N PRO A 305 17.51 18.46 14.23
CA PRO A 305 17.77 19.84 14.63
C PRO A 305 18.18 20.70 13.44
N LEU A 306 18.02 22.01 13.62
CA LEU A 306 18.42 22.99 12.62
C LEU A 306 19.49 23.95 13.12
N GLU A 307 19.25 24.62 14.25
CA GLU A 307 20.18 25.61 14.79
C GLU A 307 20.36 25.37 16.28
N VAL A 308 21.60 25.30 16.73
CA VAL A 308 21.94 25.14 18.13
C VAL A 308 22.35 26.50 18.70
N TYR A 309 21.81 26.83 19.87
CA TYR A 309 22.07 28.10 20.53
C TYR A 309 22.80 27.84 21.84
N VAL A 310 23.78 28.69 22.15
CA VAL A 310 24.58 28.53 23.36
C VAL A 310 25.20 29.88 23.70
N CYS A 311 25.37 30.13 25.00
CA CYS A 311 25.95 31.38 25.46
C CYS A 311 27.47 31.29 25.51
N ARG A 312 28.08 32.46 25.75
CA ARG A 312 29.53 32.59 25.93
C ARG A 312 29.72 33.57 27.08
N VAL A 313 30.10 33.08 28.25
CA VAL A 313 30.11 33.92 29.43
C VAL A 313 31.56 34.18 29.86
N ARG A 314 31.73 35.01 30.90
CA ARG A 314 33.06 35.45 31.33
C ARG A 314 34.00 34.30 31.67
N ASN A 315 33.49 33.09 31.91
CA ASN A 315 34.37 31.97 32.20
C ASN A 315 33.95 30.72 31.46
N ASN A 316 33.25 30.89 30.34
CA ASN A 316 32.89 29.78 29.44
C ASN A 316 33.98 29.67 28.38
N THR A 317 34.87 28.69 28.54
CA THR A 317 36.05 28.56 27.69
C THR A 317 35.95 27.39 26.74
N CYS A 318 35.74 26.17 27.26
CA CYS A 318 35.73 24.97 26.43
C CYS A 318 34.35 24.38 26.23
N PHE A 319 33.34 24.85 26.97
CA PHE A 319 31.98 24.37 26.76
C PHE A 319 31.46 24.77 25.38
N VAL A 320 31.72 26.02 24.98
CA VAL A 320 31.30 26.48 23.65
C VAL A 320 32.02 25.67 22.58
N ASP A 321 33.32 25.41 22.77
CA ASP A 321 34.08 24.64 21.79
C ASP A 321 33.55 23.22 21.68
N ALA A 322 33.19 22.60 22.81
CA ALA A 322 32.64 21.26 22.77
C ALA A 322 31.28 21.24 22.09
N VAL A 323 30.42 22.21 22.40
CA VAL A 323 29.12 22.32 21.73
C VAL A 323 29.31 22.48 20.23
N ALA A 324 30.30 23.28 19.83
CA ALA A 324 30.58 23.48 18.41
C ALA A 324 31.01 22.18 17.75
N GLU A 325 32.07 21.55 18.27
CA GLU A 325 32.61 20.34 17.66
C GLU A 325 31.68 19.15 17.79
N LEU A 326 30.62 19.25 18.61
CA LEU A 326 29.67 18.15 18.73
C LEU A 326 28.38 18.39 17.97
N ALA A 327 28.04 19.65 17.66
CA ALA A 327 26.89 19.92 16.83
C ALA A 327 27.25 19.89 15.34
N ARG A 328 28.53 19.96 15.00
CA ARG A 328 28.96 19.83 13.62
C ARG A 328 28.70 18.44 13.04
N LYS A 329 28.36 17.45 13.86
CA LYS A 329 28.04 16.13 13.33
C LYS A 329 26.58 16.02 12.88
N ALA A 330 25.69 16.88 13.38
CA ALA A 330 24.29 16.84 12.96
C ALA A 330 23.94 17.95 11.97
N GLY A 331 24.90 18.79 11.61
CA GLY A 331 24.67 19.86 10.67
C GLY A 331 23.77 20.95 11.23
N CYS A 332 24.27 21.67 12.24
CA CYS A 332 23.52 22.73 12.89
C CYS A 332 24.24 24.06 12.69
N LYS A 333 23.51 25.16 12.91
CA LYS A 333 24.02 26.48 12.58
C LYS A 333 24.90 27.07 13.67
N LEU A 334 24.72 26.64 14.92
CA LEU A 334 25.60 27.03 16.03
C LEU A 334 25.59 28.55 16.23
N THR A 335 24.44 29.06 16.65
CA THR A 335 24.32 30.46 17.01
C THR A 335 24.88 30.68 18.40
N ILE A 336 25.71 31.71 18.54
CA ILE A 336 26.44 31.99 19.77
C ILE A 336 26.10 33.40 20.23
N CYS A 337 25.97 33.57 21.55
CA CYS A 337 25.72 34.87 22.17
C CYS A 337 27.02 35.37 22.81
N PRO A 338 27.36 36.64 22.61
CA PRO A 338 28.65 37.16 23.10
C PRO A 338 28.81 37.23 24.62
N GLN A 339 27.81 37.74 25.34
CA GLN A 339 27.97 37.83 26.79
C GLN A 339 26.76 37.38 27.60
N ALA A 340 25.55 37.36 27.04
CA ALA A 340 24.33 37.01 27.76
C ALA A 340 24.07 37.90 28.96
N GLU A 341 24.73 39.07 29.02
CA GLU A 341 24.59 40.03 30.12
C GLU A 341 24.88 39.40 31.48
N ASN A 342 25.71 38.36 31.50
CA ASN A 342 26.05 37.67 32.75
C ASN A 342 27.53 37.37 32.83
N ARG A 346 23.67 32.70 30.39
CA ARG A 346 24.13 31.31 30.32
C ARG A 346 22.97 30.34 30.13
N TRP A 347 21.80 30.70 30.67
CA TRP A 347 20.62 29.85 30.60
C TRP A 347 19.82 30.23 29.35
N ILE A 348 20.30 29.74 28.20
CA ILE A 348 19.63 30.04 26.93
C ILE A 348 18.44 29.13 26.69
N GLN A 349 18.26 28.09 27.51
CA GLN A 349 17.11 27.22 27.42
C GLN A 349 15.98 27.63 28.35
N ASP A 350 16.19 28.66 29.19
CA ASP A 350 15.17 29.13 30.10
C ASP A 350 14.44 30.38 29.61
N GLU A 351 15.02 31.10 28.65
CA GLU A 351 14.44 32.36 28.21
C GLU A 351 13.52 32.20 27.02
N MET A 352 13.74 31.19 26.19
CA MET A 352 12.99 31.04 24.95
C MET A 352 12.67 29.57 24.70
N GLU A 353 11.56 29.35 24.00
CA GLU A 353 11.20 28.04 23.47
C GLU A 353 10.91 28.20 21.98
N LEU A 354 11.56 27.39 21.15
CA LEU A 354 11.51 27.57 19.70
C LEU A 354 10.49 26.59 19.11
N GLY A 355 9.26 27.08 18.87
CA GLY A 355 8.24 26.33 18.19
C GLY A 355 8.02 26.82 16.78
N TYR A 356 6.82 26.58 16.26
CA TYR A 356 6.50 27.05 14.92
C TYR A 356 4.99 27.15 14.77
N VAL A 357 4.57 27.85 13.72
CA VAL A 357 3.17 27.98 13.34
C VAL A 357 3.07 27.59 11.87
N GLN A 358 2.14 26.70 11.55
CA GLN A 358 2.07 26.06 10.25
C GLN A 358 0.89 26.58 9.43
N ALA A 359 1.13 26.80 8.15
CA ALA A 359 0.11 27.25 7.20
C ALA A 359 0.30 26.51 5.89
N PRO A 360 -0.77 26.32 5.12
CA PRO A 360 -0.63 25.61 3.84
C PRO A 360 0.23 26.33 2.81
N HIS A 361 0.64 27.58 3.07
CA HIS A 361 1.49 28.32 2.15
C HIS A 361 2.86 28.62 2.73
N LYS A 362 2.94 29.10 3.97
CA LYS A 362 4.22 29.45 4.60
C LYS A 362 4.15 29.08 6.08
N THR A 363 4.82 28.00 6.46
CA THR A 363 4.96 27.62 7.85
C THR A 363 6.22 28.25 8.42
N LEU A 364 6.06 29.10 9.44
CA LEU A 364 7.24 29.80 9.93
C LEU A 364 7.53 29.43 11.37
N PRO A 365 8.81 29.32 11.74
CA PRO A 365 9.14 29.09 13.15
C PRO A 365 8.87 30.34 13.98
N VAL A 366 8.51 30.12 15.24
CA VAL A 366 8.14 31.20 16.16
C VAL A 366 8.81 30.93 17.50
N VAL A 367 9.43 31.96 18.05
CA VAL A 367 9.98 31.91 19.40
C VAL A 367 8.90 32.32 20.38
N PHE A 368 8.87 31.63 21.52
CA PHE A 368 8.04 31.99 22.66
C PHE A 368 8.98 32.46 23.76
N ASP A 369 8.83 33.72 24.13
CA ASP A 369 9.70 34.36 25.12
C ASP A 369 9.14 34.13 26.52
N SER A 370 9.99 33.69 27.42
CA SER A 370 9.61 33.38 28.78
C SER A 370 9.42 34.67 29.59
N PRO A 371 8.56 34.66 30.60
CA PRO A 371 8.51 35.78 31.55
C PRO A 371 9.60 35.76 32.60
N ARG A 372 10.47 34.75 32.59
CA ARG A 372 11.66 34.72 33.43
C ARG A 372 12.70 35.62 32.77
N ASN A 373 12.74 36.88 33.21
CA ASN A 373 13.56 37.92 32.60
C ASN A 373 14.64 38.37 33.58
N GLY A 374 15.66 39.02 33.02
CA GLY A 374 16.74 39.56 33.83
C GLY A 374 18.12 39.35 33.27
N GLU A 375 18.33 38.23 32.58
CA GLU A 375 19.62 37.91 31.99
C GLU A 375 19.58 37.92 30.47
N LEU A 376 18.68 37.14 29.86
CA LEU A 376 18.54 37.10 28.41
C LEU A 376 17.25 37.77 27.95
N GLN A 377 16.71 38.69 28.74
CA GLN A 377 15.42 39.31 28.43
C GLN A 377 15.44 40.07 27.10
N ASP A 378 16.61 40.46 26.62
CA ASP A 378 16.71 41.22 25.38
C ASP A 378 17.01 40.35 24.16
N PHE A 379 17.52 39.13 24.36
CA PHE A 379 17.95 38.30 23.24
C PHE A 379 16.84 37.99 22.24
N PRO A 380 15.65 37.50 22.65
CA PRO A 380 14.65 37.14 21.63
C PRO A 380 14.15 38.31 20.80
N TYR A 381 13.68 39.39 21.45
CA TYR A 381 13.09 40.49 20.70
C TYR A 381 14.10 41.31 19.92
N LYS A 382 15.41 41.03 20.08
CA LYS A 382 16.44 41.77 19.39
C LYS A 382 17.12 40.96 18.29
N ARG A 383 17.57 39.73 18.59
CA ARG A 383 18.42 39.02 17.65
C ARG A 383 17.91 37.60 17.37
N ILE A 384 16.61 37.38 17.45
CA ILE A 384 16.07 36.07 17.10
C ILE A 384 14.92 36.12 16.10
N LEU A 385 14.20 37.23 15.96
CA LEU A 385 13.09 37.29 15.00
C LEU A 385 13.61 37.88 13.68
N GLY A 386 14.05 37.00 12.79
CA GLY A 386 14.51 37.40 11.49
C GLY A 386 13.35 37.58 10.54
N PRO A 387 13.60 37.39 9.24
CA PRO A 387 12.49 37.49 8.26
C PRO A 387 11.40 36.47 8.55
N ASP A 388 11.75 35.18 8.54
CA ASP A 388 10.80 34.12 8.89
C ASP A 388 11.09 33.62 10.30
N PHE A 389 10.73 34.45 11.28
CA PHE A 389 10.85 34.04 12.69
C PHE A 389 9.86 34.88 13.51
N GLY A 390 8.72 34.29 13.83
CA GLY A 390 7.73 34.98 14.62
C GLY A 390 8.14 35.09 16.08
N TYR A 391 7.50 36.04 16.77
CA TYR A 391 7.77 36.31 18.18
C TYR A 391 6.46 36.36 18.94
N VAL A 392 6.36 35.61 20.02
CA VAL A 392 5.21 35.67 20.92
C VAL A 392 5.73 35.61 22.34
N THR A 393 5.04 36.29 23.25
CA THR A 393 5.45 36.32 24.66
C THR A 393 4.23 36.56 25.54
N ARG A 394 4.36 36.14 26.79
CA ARG A 394 3.29 36.28 27.78
C ARG A 394 3.87 36.76 29.09
N GLU A 395 3.40 37.93 29.55
CA GLU A 395 3.81 38.52 30.80
C GLU A 395 2.60 38.70 31.71
N PRO A 396 2.67 38.28 32.97
CA PRO A 396 1.51 38.38 33.85
C PRO A 396 1.39 39.76 34.50
N ARG A 397 0.15 40.13 34.79
CA ARG A 397 -0.09 41.43 35.41
C ARG A 397 0.41 41.48 36.85
N ASP A 398 0.36 40.34 37.55
CA ASP A 398 0.83 40.27 38.93
C ASP A 398 2.35 40.45 39.01
N SER A 402 4.26 35.96 39.70
CA SER A 402 5.62 36.01 39.19
C SER A 402 6.10 34.61 38.83
N GLY A 403 6.92 34.53 37.77
CA GLY A 403 7.41 33.25 37.30
C GLY A 403 8.63 32.76 38.08
N LEU A 404 8.58 31.51 38.54
CA LEU A 404 9.74 30.86 39.13
C LEU A 404 10.12 29.59 38.39
N ASP A 405 9.18 28.94 37.73
CA ASP A 405 9.44 27.85 36.79
C ASP A 405 9.12 28.41 35.40
N SER A 406 10.08 28.34 34.48
CA SER A 406 9.85 29.00 33.20
C SER A 406 10.79 28.45 32.12
N PHE A 407 10.20 27.68 31.19
CA PHE A 407 10.79 27.21 29.94
C PHE A 407 11.98 26.30 30.08
N GLY A 408 12.45 26.05 31.30
CA GLY A 408 13.19 24.83 31.53
C GLY A 408 12.15 23.80 31.86
N ASN A 409 11.07 24.32 32.45
CA ASN A 409 9.89 23.56 32.84
C ASN A 409 8.99 23.21 31.67
N LEU A 410 9.24 23.77 30.49
CA LEU A 410 8.37 23.60 29.33
C LEU A 410 9.05 22.71 28.31
N GLU A 411 8.53 21.49 28.12
CA GLU A 411 9.06 20.57 27.12
C GLU A 411 7.89 19.94 26.36
N VAL A 412 8.21 19.02 25.45
CA VAL A 412 7.20 18.40 24.60
C VAL A 412 7.62 16.96 24.30
N SER A 413 6.63 16.06 24.29
CA SER A 413 6.83 14.63 24.06
C SER A 413 6.67 14.30 22.58
N PRO A 414 7.17 13.15 22.14
CA PRO A 414 6.95 12.70 20.76
C PRO A 414 5.49 12.30 20.56
N PRO A 415 5.09 12.02 19.32
CA PRO A 415 3.71 11.54 19.10
C PRO A 415 3.44 10.26 19.87
N VAL A 416 2.28 10.21 20.52
CA VAL A 416 1.92 9.13 21.42
C VAL A 416 0.46 8.75 21.21
N VAL A 417 0.04 7.71 21.92
CA VAL A 417 -1.36 7.26 21.94
C VAL A 417 -1.69 6.93 23.39
N ALA A 418 -2.70 7.59 23.93
CA ALA A 418 -3.06 7.37 25.33
C ALA A 418 -4.53 7.74 25.54
N ASN A 419 -5.15 7.08 26.51
CA ASN A 419 -6.56 7.29 26.85
C ASN A 419 -7.47 7.02 25.65
N GLY A 420 -7.01 6.18 24.73
CA GLY A 420 -7.73 5.94 23.49
C GLY A 420 -7.40 6.98 22.44
N LYS A 421 -7.20 8.22 22.88
CA LYS A 421 -6.90 9.32 21.97
C LYS A 421 -5.51 9.18 21.38
N GLU A 422 -5.31 9.82 20.23
CA GLU A 422 -4.03 9.85 19.54
C GLU A 422 -3.49 11.27 19.52
N TYR A 423 -2.23 11.44 19.94
CA TYR A 423 -1.56 12.73 19.97
C TYR A 423 -0.45 12.70 18.93
N PRO A 424 -0.74 13.06 17.68
CA PRO A 424 0.29 13.00 16.63
C PRO A 424 1.31 14.12 16.68
N LEU A 425 1.07 15.16 17.48
CA LEU A 425 2.07 16.20 17.70
C LEU A 425 2.64 16.14 19.11
N GLY A 426 2.44 15.03 19.81
CA GLY A 426 2.92 14.90 21.18
C GLY A 426 2.07 15.72 22.14
N ARG A 427 2.50 15.73 23.39
CA ARG A 427 1.83 16.50 24.43
C ARG A 427 2.83 17.41 25.11
N ILE A 428 2.34 18.53 25.62
CA ILE A 428 3.17 19.50 26.32
C ILE A 428 3.40 19.00 27.74
N LEU A 429 4.60 19.24 28.27
CA LEU A 429 4.97 18.83 29.61
C LEU A 429 5.44 20.05 30.39
N ILE A 430 4.72 20.37 31.47
CA ILE A 430 5.09 21.42 32.41
C ILE A 430 4.96 20.87 33.82
N GLY A 431 5.68 21.49 34.75
CA GLY A 431 5.75 21.03 36.12
C GLY A 431 4.94 21.87 37.10
N GLY A 432 4.77 21.31 38.29
CA GLY A 432 4.06 22.00 39.35
C GLY A 432 3.91 21.10 40.55
N ASN A 433 2.90 21.39 41.37
CA ASN A 433 2.58 20.55 42.51
C ASN A 433 1.09 20.19 42.48
N LEU A 434 0.75 19.06 43.13
CA LEU A 434 -0.65 18.66 43.15
C LEU A 434 -1.48 19.54 44.10
N PRO A 435 -1.20 19.57 45.43
CA PRO A 435 -2.03 20.42 46.31
C PRO A 435 -1.56 21.86 46.33
N GLY A 436 -0.85 22.29 45.31
CA GLY A 436 -0.22 23.61 45.31
C GLY A 436 0.69 23.86 46.49
N ARG A 441 3.86 26.54 40.93
CA ARG A 441 3.24 26.33 39.61
C ARG A 441 3.64 27.42 38.63
N VAL A 442 3.74 27.03 37.34
CA VAL A 442 4.01 28.00 36.30
C VAL A 442 2.83 28.97 36.20
N THR A 443 3.13 30.22 35.80
CA THR A 443 2.14 31.29 35.77
C THR A 443 0.91 30.85 34.97
N GLN A 444 -0.24 31.43 35.33
CA GLN A 444 -1.50 31.01 34.71
C GLN A 444 -1.59 31.46 33.26
N VAL A 445 -0.94 32.56 32.89
CA VAL A 445 -1.05 33.06 31.52
C VAL A 445 -0.36 32.11 30.55
N VAL A 446 0.82 31.60 30.92
CA VAL A 446 1.53 30.64 30.08
C VAL A 446 0.73 29.34 29.97
N ARG A 447 0.16 28.89 31.08
CA ARG A 447 -0.70 27.71 31.06
C ARG A 447 -1.88 27.90 30.12
N ASP A 448 -2.52 29.08 30.19
CA ASP A 448 -3.67 29.34 29.34
C ASP A 448 -3.29 29.35 27.87
N PHE A 449 -2.14 29.95 27.55
CA PHE A 449 -1.65 29.93 26.17
C PHE A 449 -1.43 28.51 25.68
N LEU A 450 -0.68 27.72 26.46
CA LEU A 450 -0.37 26.35 26.04
C LEU A 450 -1.63 25.50 25.90
N HIS A 451 -2.57 25.64 26.82
CA HIS A 451 -3.81 24.88 26.73
C HIS A 451 -4.69 25.36 25.58
N ALA A 452 -4.61 26.65 25.23
CA ALA A 452 -5.43 27.17 24.15
C ALA A 452 -4.88 26.88 22.77
N GLN A 453 -3.60 26.49 22.66
CA GLN A 453 -3.09 26.02 21.38
C GLN A 453 -3.83 24.77 20.92
N LYS A 454 -4.33 23.97 21.87
CA LYS A 454 -5.30 22.91 21.62
C LYS A 454 -4.75 21.72 20.82
N VAL A 455 -3.51 21.81 20.35
CA VAL A 455 -2.99 20.76 19.47
C VAL A 455 -2.02 19.82 20.17
N GLN A 456 -1.53 20.18 21.36
CA GLN A 456 -0.65 19.31 22.14
C GLN A 456 -1.11 19.37 23.60
N PRO A 457 -2.17 18.64 23.95
CA PRO A 457 -2.79 18.79 25.27
C PRO A 457 -1.77 18.59 26.38
N PRO A 458 -1.49 19.63 27.17
CA PRO A 458 -0.40 19.55 28.15
C PRO A 458 -0.70 18.56 29.26
N VAL A 459 0.38 18.13 29.91
CA VAL A 459 0.33 17.25 31.07
C VAL A 459 1.14 17.94 32.17
N GLU A 460 0.47 18.40 33.21
CA GLU A 460 1.16 19.06 34.32
C GLU A 460 1.76 18.00 35.24
N LEU A 461 3.05 18.18 35.55
CA LEU A 461 3.82 17.19 36.29
C LEU A 461 4.20 17.72 37.67
N PHE A 462 4.92 16.87 38.42
CA PHE A 462 5.39 17.19 39.76
C PHE A 462 6.87 17.52 39.67
N VAL A 463 7.21 18.81 39.85
CA VAL A 463 8.59 19.26 39.71
C VAL A 463 8.97 20.14 40.89
N ASP A 464 7.99 20.46 41.74
CA ASP A 464 8.20 21.39 42.85
C ASP A 464 9.24 20.91 43.86
N TRP A 465 9.61 19.63 43.82
CA TRP A 465 10.57 19.10 44.78
C TRP A 465 12.01 19.48 44.46
N LEU A 466 12.30 19.88 43.23
CA LEU A 466 13.66 20.26 42.85
C LEU A 466 13.96 21.69 43.26
N ALA A 467 15.26 22.01 43.33
CA ALA A 467 15.69 23.34 43.71
C ALA A 467 15.18 24.39 42.72
N VAL A 468 15.60 24.28 41.46
CA VAL A 468 15.08 25.19 40.45
C VAL A 468 13.74 24.70 39.92
N GLY A 469 13.56 23.38 39.82
CA GLY A 469 12.27 22.81 39.47
C GLY A 469 11.88 22.93 38.01
N HIS A 470 12.66 22.31 37.13
CA HIS A 470 12.37 22.27 35.71
C HIS A 470 12.19 20.84 35.26
N VAL A 471 11.24 20.62 34.35
CA VAL A 471 10.91 19.27 33.91
C VAL A 471 12.13 18.59 33.31
N ASP A 472 12.93 19.33 32.54
CA ASP A 472 14.06 18.74 31.84
C ASP A 472 15.19 18.31 32.77
N GLU A 473 15.04 18.49 34.09
CA GLU A 473 16.08 18.06 35.02
C GLU A 473 16.06 16.55 35.25
N PHE A 474 14.91 15.90 35.07
CA PHE A 474 14.81 14.47 35.29
C PHE A 474 14.25 13.69 34.09
N LEU A 475 13.78 14.36 33.05
CA LEU A 475 13.10 13.72 31.94
C LEU A 475 13.70 14.19 30.62
N SER A 476 13.99 13.25 29.72
CA SER A 476 14.49 13.62 28.41
C SER A 476 14.13 12.55 27.39
N PHE A 477 13.61 12.96 26.24
CA PHE A 477 13.29 12.03 25.16
C PHE A 477 14.45 11.95 24.18
N VAL A 478 14.69 10.74 23.66
CA VAL A 478 15.81 10.52 22.75
C VAL A 478 15.35 9.68 21.58
N PRO A 479 15.77 9.99 20.34
CA PRO A 479 15.37 9.15 19.21
C PRO A 479 16.12 7.83 19.18
N ALA A 480 15.39 6.76 18.90
CA ALA A 480 15.97 5.42 18.82
C ALA A 480 15.15 4.56 17.88
N PRO A 481 15.74 4.07 16.79
CA PRO A 481 14.96 3.30 15.80
C PRO A 481 14.52 1.94 16.31
N ASP A 482 13.63 1.91 17.30
CA ASP A 482 13.12 0.67 17.86
C ASP A 482 11.98 0.99 18.81
N GLY A 483 11.02 0.06 18.89
CA GLY A 483 9.96 0.13 19.88
C GLY A 483 8.86 1.12 19.54
N LYS A 484 9.15 2.41 19.72
CA LYS A 484 8.20 3.46 19.37
C LYS A 484 8.89 4.61 18.65
N GLY A 485 10.11 4.40 18.16
CA GLY A 485 10.90 5.46 17.57
C GLY A 485 11.68 6.30 18.56
N PHE A 486 11.39 6.17 19.85
CA PHE A 486 12.04 7.00 20.86
C PHE A 486 12.11 6.25 22.18
N ARG A 487 12.94 6.77 23.08
CA ARG A 487 13.05 6.28 24.44
C ARG A 487 12.95 7.46 25.40
N MET A 488 12.14 7.30 26.44
CA MET A 488 12.06 8.28 27.52
C MET A 488 13.07 7.92 28.59
N LEU A 489 13.97 8.84 28.90
CA LEU A 489 15.02 8.64 29.89
C LEU A 489 14.66 9.43 31.14
N LEU A 490 14.66 8.73 32.27
CA LEU A 490 14.35 9.34 33.56
C LEU A 490 15.53 9.15 34.50
N ALA A 491 15.87 10.22 35.23
CA ALA A 491 16.87 10.10 36.27
C ALA A 491 16.35 9.18 37.37
N SER A 492 17.23 8.31 37.87
CA SER A 492 16.83 7.35 38.88
C SER A 492 17.94 7.12 39.89
N PRO A 493 17.79 7.60 41.13
CA PRO A 493 18.77 7.27 42.17
C PRO A 493 18.93 5.78 42.39
N GLY A 494 17.89 4.99 42.12
CA GLY A 494 18.02 3.55 42.25
C GLY A 494 18.96 2.93 41.24
N ALA A 495 19.03 3.50 40.04
CA ALA A 495 19.99 3.03 39.05
C ALA A 495 21.42 3.25 39.55
N CYS A 496 21.69 4.40 40.15
CA CYS A 496 23.00 4.64 40.72
C CYS A 496 23.26 3.75 41.92
N PHE A 497 22.22 3.49 42.72
CA PHE A 497 22.34 2.51 43.80
C PHE A 497 22.81 1.17 43.26
N LYS A 498 22.12 0.65 42.24
CA LYS A 498 22.46 -0.64 41.66
C LYS A 498 23.87 -0.64 41.09
N LEU A 499 24.23 0.42 40.37
CA LEU A 499 25.56 0.47 39.76
C LEU A 499 26.65 0.49 40.82
N PHE A 500 26.53 1.36 41.83
CA PHE A 500 27.55 1.43 42.86
C PHE A 500 27.61 0.16 43.69
N GLN A 501 26.48 -0.50 43.91
CA GLN A 501 26.52 -1.76 44.67
C GLN A 501 27.18 -2.87 43.86
N GLU A 502 26.86 -2.97 42.57
CA GLU A 502 27.48 -3.99 41.73
C GLU A 502 28.98 -3.72 41.56
N LYS A 503 29.40 -2.46 41.61
CA LYS A 503 30.83 -2.16 41.57
C LYS A 503 31.50 -2.41 42.91
N GLN A 504 30.78 -2.18 44.02
CA GLN A 504 31.29 -2.56 45.33
C GLN A 504 31.54 -4.06 45.42
N LYS A 505 30.63 -4.86 44.86
CA LYS A 505 30.78 -6.30 44.88
C LYS A 505 32.04 -6.78 44.16
N CYS A 506 32.72 -5.90 43.42
CA CYS A 506 34.00 -6.22 42.81
C CYS A 506 35.19 -5.78 43.66
N GLY A 507 35.03 -4.75 44.48
CA GLY A 507 36.11 -4.24 45.30
C GLY A 507 36.55 -2.83 44.97
N HIS A 508 35.87 -2.16 44.03
CA HIS A 508 36.24 -0.81 43.62
C HIS A 508 35.55 0.27 44.46
N GLY A 509 35.16 -0.06 45.69
CA GLY A 509 34.53 0.93 46.56
C GLY A 509 35.43 2.10 46.91
N ARG A 510 36.74 1.91 46.86
CA ARG A 510 37.69 2.99 47.12
C ARG A 510 37.93 3.87 45.90
N ALA A 511 37.23 3.64 44.79
CA ALA A 511 37.31 4.54 43.66
C ALA A 511 36.57 5.83 43.95
N LEU A 512 37.15 6.95 43.54
CA LEU A 512 36.65 8.27 43.91
C LEU A 512 35.88 8.89 42.76
N LEU A 513 34.86 9.68 43.11
CA LEU A 513 34.01 10.29 42.09
C LEU A 513 34.66 11.54 41.52
N PHE A 514 34.83 12.58 42.35
CA PHE A 514 35.32 13.86 41.84
C PHE A 514 36.84 13.90 41.82
N GLN A 515 37.45 12.88 41.22
CA GLN A 515 38.90 12.78 41.21
C GLN A 515 39.50 13.68 40.13
N GLY A 516 39.17 13.40 38.87
CA GLY A 516 39.68 14.20 37.79
C GLY A 516 38.80 15.38 37.44
N VAL A 517 39.12 16.55 38.00
CA VAL A 517 38.38 17.78 37.75
C VAL A 517 39.23 18.93 38.29
N VAL A 518 39.14 20.10 37.65
CA VAL A 518 39.82 21.28 38.16
C VAL A 518 39.13 21.72 39.45
N ASP A 519 39.77 21.50 40.58
CA ASP A 519 39.20 21.83 41.87
C ASP A 519 39.79 23.15 42.33
N ASP A 520 38.95 24.19 42.45
CA ASP A 520 39.41 25.47 42.96
C ASP A 520 39.19 25.57 44.47
N GLU A 521 37.93 25.50 44.90
CA GLU A 521 37.60 25.40 46.31
C GLU A 521 37.68 23.96 46.83
N GLN A 522 38.16 23.05 45.98
CA GLN A 522 38.40 21.66 46.36
C GLN A 522 37.11 20.99 46.86
N VAL A 523 36.16 20.84 45.94
CA VAL A 523 35.00 19.99 46.20
C VAL A 523 35.52 18.64 46.70
N LYS A 524 35.00 18.20 47.83
CA LYS A 524 35.57 17.02 48.46
C LYS A 524 35.30 15.77 47.64
N THR A 525 36.34 14.96 47.46
CA THR A 525 36.28 13.78 46.62
C THR A 525 35.65 12.64 47.43
N ILE A 526 34.45 12.25 47.07
CA ILE A 526 33.76 11.17 47.77
C ILE A 526 34.01 9.86 47.01
N SER A 527 33.98 8.75 47.74
CA SER A 527 34.17 7.43 47.15
C SER A 527 32.87 6.66 47.17
N ILE A 528 32.88 5.51 46.48
CA ILE A 528 31.66 4.70 46.38
C ILE A 528 31.24 4.20 47.76
N ASN A 529 32.20 3.75 48.56
CA ASN A 529 31.89 3.27 49.90
C ASN A 529 31.32 4.38 50.77
N GLN A 530 31.84 5.60 50.63
CA GLN A 530 31.32 6.72 51.40
C GLN A 530 29.90 7.09 50.98
N VAL A 531 29.61 7.00 49.68
CA VAL A 531 28.28 7.35 49.20
C VAL A 531 27.25 6.29 49.63
N LEU A 532 27.58 5.02 49.42
CA LEU A 532 26.63 3.95 49.71
C LEU A 532 26.36 3.83 51.21
N SER A 533 27.33 4.21 52.04
CA SER A 533 27.21 4.10 53.49
C SER A 533 26.87 5.42 54.16
N ASN A 534 26.28 6.36 53.43
CA ASN A 534 25.86 7.65 53.98
C ASN A 534 24.34 7.62 54.08
N LYS A 535 23.84 7.47 55.32
CA LYS A 535 22.41 7.20 55.50
C LYS A 535 21.54 8.36 55.03
N ASP A 536 21.93 9.60 55.35
CA ASP A 536 21.13 10.75 54.95
C ASP A 536 21.05 10.87 53.44
N LEU A 537 22.20 10.75 52.76
CA LEU A 537 22.22 10.85 51.31
C LEU A 537 21.38 9.76 50.65
N ILE A 538 21.48 8.54 51.16
CA ILE A 538 20.73 7.43 50.57
C ILE A 538 19.23 7.61 50.79
N ASN A 539 18.82 8.04 51.98
CA ASN A 539 17.40 8.26 52.24
C ASN A 539 16.85 9.42 51.40
N TYR A 540 17.64 10.48 51.25
CA TYR A 540 17.20 11.60 50.42
C TYR A 540 17.06 11.17 48.96
N ASN A 541 17.99 10.34 48.47
CA ASN A 541 17.87 9.84 47.11
C ASN A 541 16.69 8.89 46.96
N LYS A 542 16.35 8.14 48.02
CA LYS A 542 15.15 7.31 47.97
C LYS A 542 13.90 8.16 47.84
N PHE A 543 13.82 9.25 48.60
CA PHE A 543 12.70 10.18 48.46
C PHE A 543 12.64 10.80 47.07
N VAL A 544 13.80 11.19 46.55
CA VAL A 544 13.88 11.73 45.19
C VAL A 544 13.36 10.72 44.17
N GLN A 545 13.77 9.46 44.31
CA GLN A 545 13.30 8.44 43.38
C GLN A 545 11.81 8.18 43.54
N SER A 546 11.27 8.32 44.74
CA SER A 546 9.82 8.19 44.89
C SER A 546 9.09 9.28 44.12
N CYS A 547 9.59 10.52 44.20
CA CYS A 547 9.02 11.61 43.40
C CYS A 547 9.09 11.29 41.91
N ILE A 548 10.27 10.86 41.46
CA ILE A 548 10.47 10.55 40.05
C ILE A 548 9.60 9.37 39.64
N ASP A 549 9.29 8.46 40.56
CA ASP A 549 8.43 7.32 40.24
C ASP A 549 6.98 7.76 40.10
N TRP A 550 6.54 8.70 40.93
CA TRP A 550 5.22 9.29 40.74
C TRP A 550 5.12 9.92 39.35
N ASN A 551 6.10 10.74 38.99
CA ASN A 551 6.13 11.32 37.65
C ASN A 551 6.20 10.24 36.57
N ARG A 552 6.88 9.13 36.86
CA ARG A 552 7.02 8.05 35.89
C ARG A 552 5.67 7.39 35.61
N GLU A 553 4.90 7.11 36.65
CA GLU A 553 3.57 6.53 36.44
CA GLU A 553 3.57 6.53 36.46
C GLU A 553 2.65 7.51 35.73
N VAL A 554 2.73 8.79 36.09
CA VAL A 554 1.89 9.77 35.40
C VAL A 554 2.26 9.85 33.92
N LEU A 555 3.56 9.76 33.62
CA LEU A 555 4.01 9.77 32.23
C LEU A 555 3.54 8.52 31.49
N LYS A 556 3.62 7.36 32.12
CA LYS A 556 3.17 6.13 31.46
C LYS A 556 1.67 6.18 31.19
N ARG A 557 0.90 6.81 32.08
CA ARG A 557 -0.53 6.91 31.84
C ARG A 557 -0.84 7.91 30.73
N GLU A 558 -0.26 9.11 30.80
CA GLU A 558 -0.62 10.17 29.88
C GLU A 558 0.08 10.09 28.53
N LEU A 559 1.06 9.20 28.37
CA LEU A 559 1.73 9.03 27.08
C LEU A 559 1.59 7.62 26.52
N GLY A 560 1.06 6.67 27.28
CA GLY A 560 0.88 5.32 26.78
C GLY A 560 2.16 4.57 26.50
N LEU A 561 3.20 4.83 27.29
CA LEU A 561 4.48 4.15 27.12
C LEU A 561 4.61 3.00 28.11
N ALA A 562 5.43 2.02 27.74
CA ALA A 562 5.71 0.87 28.58
C ALA A 562 7.15 0.95 29.06
N GLU A 563 7.56 -0.07 29.83
CA GLU A 563 8.93 -0.13 30.31
C GLU A 563 9.94 -0.34 29.17
N CYS A 564 9.48 -0.86 28.03
CA CYS A 564 10.37 -1.04 26.89
C CYS A 564 10.89 0.31 26.38
N ASP A 565 10.14 1.38 26.60
CA ASP A 565 10.53 2.71 26.15
C ASP A 565 11.15 3.57 27.24
N ILE A 566 11.06 3.13 28.50
CA ILE A 566 11.57 3.90 29.63
C ILE A 566 12.92 3.34 30.06
N ILE A 567 13.92 4.22 30.10
CA ILE A 567 15.26 3.87 30.54
C ILE A 567 15.62 4.74 31.74
N ASP A 568 16.11 4.11 32.81
CA ASP A 568 16.55 4.83 33.99
C ASP A 568 18.04 5.12 33.89
N ILE A 569 18.40 6.37 34.16
CA ILE A 569 19.78 6.85 34.09
C ILE A 569 20.25 7.09 35.52
N PRO A 570 21.41 6.56 35.92
CA PRO A 570 21.87 6.75 37.29
C PRO A 570 22.17 8.21 37.58
N GLN A 571 21.59 8.72 38.67
CA GLN A 571 21.78 10.11 39.06
C GLN A 571 21.47 10.26 40.55
N LEU A 572 22.42 10.83 41.29
CA LEU A 572 22.22 11.16 42.70
C LEU A 572 21.95 12.66 42.84
N PHE A 573 21.50 13.06 44.02
CA PHE A 573 21.07 14.43 44.26
C PHE A 573 21.63 14.96 45.57
N LYS A 574 22.19 16.17 45.52
CA LYS A 574 22.64 16.91 46.70
C LYS A 574 21.45 17.63 47.33
N THR A 575 21.73 18.35 48.41
CA THR A 575 20.75 19.21 49.05
C THR A 575 21.42 20.05 50.11
N GLU A 576 21.01 21.31 50.21
CA GLU A 576 21.36 22.17 51.33
C GLU A 576 20.12 22.68 52.06
N ARG A 577 18.94 22.30 51.58
CA ARG A 577 17.65 22.67 52.15
C ARG A 577 16.70 21.51 51.89
N LYS A 578 15.40 21.76 52.00
CA LYS A 578 14.43 20.72 51.74
C LYS A 578 14.22 20.45 50.25
N LYS A 579 14.93 21.14 49.37
CA LYS A 579 14.81 20.92 47.92
C LYS A 579 16.11 20.36 47.37
N ALA A 580 16.03 19.83 46.14
CA ALA A 580 17.02 18.93 45.59
C ALA A 580 17.81 19.58 44.46
N THR A 581 19.14 19.46 44.54
CA THR A 581 20.06 19.78 43.46
C THR A 581 20.86 18.53 43.13
N ALA A 582 21.59 18.57 42.00
CA ALA A 582 22.30 17.39 41.54
C ALA A 582 23.58 17.17 42.35
N PHE A 583 23.88 15.89 42.61
CA PHE A 583 25.10 15.54 43.34
C PHE A 583 26.32 15.62 42.42
N PHE A 584 26.34 14.81 41.38
CA PHE A 584 27.27 14.91 40.28
C PHE A 584 26.55 15.41 39.04
N PRO A 585 27.27 15.83 38.00
CA PRO A 585 26.60 16.38 36.81
C PRO A 585 25.47 15.50 36.30
N ASP A 586 24.32 16.13 36.05
CA ASP A 586 23.11 15.42 35.69
C ASP A 586 23.23 14.82 34.29
N LEU A 587 23.12 13.49 34.20
CA LEU A 587 23.31 12.83 32.92
C LEU A 587 22.14 13.09 31.97
N VAL A 588 20.91 12.97 32.48
CA VAL A 588 19.74 13.48 31.76
C VAL A 588 19.86 14.99 31.79
N ASN A 589 18.98 15.68 31.04
CA ASN A 589 19.15 17.09 30.74
C ASN A 589 20.40 17.25 29.88
N MET A 590 20.38 16.58 28.73
CA MET A 590 21.44 16.62 27.74
C MET A 590 20.92 17.23 26.45
N LEU A 591 21.86 17.55 25.55
CA LEU A 591 21.52 18.14 24.25
C LEU A 591 21.35 17.01 23.23
N VAL A 592 20.13 16.81 22.76
CA VAL A 592 19.80 15.69 21.88
C VAL A 592 19.59 16.24 20.47
N LEU A 593 20.51 15.92 19.56
CA LEU A 593 20.48 16.37 18.17
C LEU A 593 20.51 15.11 17.30
N GLY A 594 19.34 14.53 17.05
CA GLY A 594 19.23 13.35 16.22
C GLY A 594 20.12 12.20 16.67
N LYS A 595 21.15 11.90 15.89
CA LYS A 595 22.04 10.78 16.18
C LYS A 595 23.12 11.12 17.19
N HIS A 596 23.26 12.38 17.59
CA HIS A 596 24.35 12.81 18.46
C HIS A 596 23.79 13.53 19.68
N LEU A 597 24.22 13.12 20.86
CA LEU A 597 23.78 13.76 22.09
C LEU A 597 24.99 14.18 22.93
N GLY A 598 24.98 15.44 23.35
CA GLY A 598 25.98 15.95 24.26
C GLY A 598 25.51 15.82 25.69
N ILE A 599 26.23 15.03 26.47
CA ILE A 599 25.87 14.68 27.85
C ILE A 599 26.86 15.34 28.79
N PRO A 600 26.43 15.85 29.95
CA PRO A 600 27.40 16.41 30.90
C PRO A 600 28.32 15.32 31.43
N LYS A 601 29.62 15.63 31.44
CA LYS A 601 30.62 14.69 31.95
C LYS A 601 30.38 14.46 33.43
N PRO A 602 29.96 13.26 33.83
CA PRO A 602 29.56 13.05 35.23
C PRO A 602 30.70 13.07 36.22
N PHE A 603 31.94 12.84 35.77
CA PHE A 603 33.09 12.71 36.65
C PHE A 603 32.81 11.69 37.76
N GLY A 604 32.50 10.46 37.32
CA GLY A 604 32.15 9.40 38.22
C GLY A 604 33.37 8.62 38.69
N PRO A 605 33.14 7.47 39.31
CA PRO A 605 34.24 6.66 39.85
C PRO A 605 35.06 6.02 38.74
N ILE A 606 36.33 6.38 38.66
CA ILE A 606 37.25 5.78 37.71
C ILE A 606 37.67 4.41 38.24
N ILE A 607 37.40 3.36 37.48
CA ILE A 607 37.71 1.99 37.88
C ILE A 607 38.86 1.41 37.06
N ASN A 608 38.89 1.67 35.75
CA ASN A 608 39.94 1.17 34.87
C ASN A 608 40.39 2.29 33.94
N GLY A 609 40.61 3.47 34.51
CA GLY A 609 40.95 4.64 33.73
C GLY A 609 39.79 5.31 33.03
N CYS A 610 38.60 4.72 33.09
CA CYS A 610 37.41 5.28 32.46
C CYS A 610 36.30 5.40 33.50
N CYS A 611 35.54 6.50 33.42
CA CYS A 611 34.45 6.73 34.34
C CYS A 611 33.38 5.66 34.18
N CYS A 612 33.01 5.01 35.30
CA CYS A 612 32.03 3.93 35.23
C CYS A 612 30.63 4.45 34.93
N LEU A 613 30.32 5.69 35.35
CA LEU A 613 29.05 6.29 34.98
C LEU A 613 28.96 6.51 33.48
N GLU A 614 30.06 6.94 32.85
CA GLU A 614 30.08 7.06 31.40
C GLU A 614 29.93 5.70 30.73
N GLU A 615 30.53 4.66 31.32
CA GLU A 615 30.37 3.33 30.77
C GLU A 615 28.92 2.87 30.83
N LYS A 616 28.24 3.16 31.94
CA LYS A 616 26.83 2.80 32.04
C LYS A 616 25.98 3.61 31.06
N VAL A 617 26.29 4.90 30.91
CA VAL A 617 25.57 5.73 29.95
C VAL A 617 25.73 5.18 28.53
N ARG A 618 26.95 4.77 28.18
CA ARG A 618 27.18 4.18 26.86
C ARG A 618 26.41 2.88 26.71
N SER A 619 26.52 1.99 27.71
CA SER A 619 25.79 0.73 27.67
C SER A 619 24.28 0.92 27.57
N LEU A 620 23.77 2.06 28.01
CA LEU A 620 22.34 2.32 27.93
C LEU A 620 21.93 3.02 26.63
N LEU A 621 22.81 3.84 26.04
CA LEU A 621 22.43 4.67 24.90
C LEU A 621 22.97 4.16 23.58
N GLU A 622 24.26 3.80 23.52
CA GLU A 622 24.86 3.42 22.25
C GLU A 622 24.23 2.20 21.58
N PRO A 623 23.66 1.21 22.28
CA PRO A 623 22.90 0.16 21.58
C PRO A 623 21.72 0.69 20.77
N LEU A 624 21.31 1.95 20.97
CA LEU A 624 20.28 2.57 20.17
C LEU A 624 20.85 3.38 19.02
N GLY A 625 22.09 3.10 18.60
CA GLY A 625 22.74 3.79 17.51
C GLY A 625 23.31 5.15 17.86
N LEU A 626 22.92 5.73 18.98
CA LEU A 626 23.41 7.04 19.36
C LEU A 626 24.88 6.99 19.77
N HIS A 627 25.54 8.13 19.71
CA HIS A 627 26.94 8.27 20.10
C HIS A 627 27.04 9.34 21.18
N CYS A 628 27.62 8.97 22.32
CA CYS A 628 27.64 9.81 23.51
C CYS A 628 29.00 10.49 23.64
N THR A 629 28.99 11.82 23.61
CA THR A 629 30.18 12.63 23.81
C THR A 629 29.96 13.48 25.05
N PHE A 630 30.85 13.34 26.03
CA PHE A 630 30.69 13.99 27.33
C PHE A 630 31.51 15.26 27.39
N ILE A 631 30.89 16.32 27.92
CA ILE A 631 31.47 17.66 27.96
C ILE A 631 31.82 18.00 29.39
N ASP A 632 33.05 18.47 29.61
CA ASP A 632 33.44 19.00 30.91
C ASP A 632 32.69 20.31 31.14
N ASP A 633 31.75 20.30 32.09
CA ASP A 633 30.98 21.50 32.43
C ASP A 633 30.87 21.69 33.92
N PHE A 634 31.83 21.17 34.69
CA PHE A 634 31.75 21.26 36.14
C PHE A 634 31.96 22.69 36.63
N THR A 635 32.90 23.41 36.03
CA THR A 635 33.14 24.79 36.43
C THR A 635 32.12 25.76 35.83
N PRO A 636 31.80 25.69 34.51
CA PRO A 636 30.82 26.63 33.96
C PRO A 636 29.42 26.42 34.51
N TYR A 637 28.96 25.16 34.55
CA TYR A 637 27.62 24.81 34.98
C TYR A 637 27.72 23.73 36.06
N HIS A 638 26.55 23.27 36.52
CA HIS A 638 26.44 22.22 37.54
C HIS A 638 26.87 22.73 38.91
N MET A 639 27.46 23.92 38.95
CA MET A 639 27.69 24.62 40.21
C MET A 639 26.73 25.78 40.38
N LEU A 640 26.03 26.18 39.32
CA LEU A 640 24.89 27.09 39.39
C LEU A 640 23.60 26.38 39.02
N HIS A 641 23.55 25.06 39.25
CA HIS A 641 22.35 24.24 39.10
C HIS A 641 21.90 24.15 37.64
N GLY A 642 22.81 23.78 36.76
CA GLY A 642 22.47 23.64 35.35
C GLY A 642 23.41 22.70 34.64
N GLU A 643 22.94 22.16 33.52
CA GLU A 643 23.73 21.26 32.69
C GLU A 643 23.74 21.73 31.24
N VAL A 644 24.22 20.88 30.33
CA VAL A 644 24.38 21.30 28.94
C VAL A 644 23.02 21.69 28.35
N HIS A 645 21.97 20.90 28.61
CA HIS A 645 20.65 21.24 28.12
C HIS A 645 20.17 22.57 28.69
N CYS A 646 20.60 22.91 29.91
CA CYS A 646 20.26 24.21 30.48
C CYS A 646 20.97 25.36 29.78
N GLY A 647 22.09 25.09 29.12
CA GLY A 647 22.82 26.11 28.38
C GLY A 647 22.73 26.00 26.88
N THR A 648 21.90 25.11 26.34
CA THR A 648 21.78 24.94 24.89
C THR A 648 20.31 24.83 24.53
N ASN A 649 19.85 25.71 23.66
CA ASN A 649 18.55 25.62 23.02
C ASN A 649 18.72 25.17 21.58
N VAL A 650 17.61 24.75 20.97
CA VAL A 650 17.66 24.25 19.60
C VAL A 650 16.25 24.29 19.03
N CYS A 651 16.16 24.70 17.76
CA CYS A 651 14.94 24.57 16.98
C CYS A 651 15.07 23.40 16.02
N ARG A 652 13.93 22.79 15.68
CA ARG A 652 13.94 21.55 14.93
C ARG A 652 13.02 21.66 13.73
N LYS A 653 13.18 20.72 12.81
CA LYS A 653 12.33 20.67 11.62
C LYS A 653 10.90 20.37 12.03
N PRO A 654 9.91 21.08 11.51
CA PRO A 654 8.52 20.86 11.92
C PRO A 654 8.06 19.45 11.59
N PHE A 655 6.95 19.05 12.23
CA PHE A 655 6.36 17.75 11.97
C PHE A 655 5.88 17.64 10.52
N SER A 656 5.96 16.43 9.98
CA SER A 656 5.34 16.16 8.68
C SER A 656 3.82 16.12 8.79
N PHE A 657 3.31 15.66 9.92
CA PHE A 657 1.87 15.63 10.15
C PHE A 657 1.34 17.05 10.30
N LYS A 658 0.32 17.38 9.51
CA LYS A 658 -0.26 18.72 9.54
C LYS A 658 -1.30 18.84 10.64
N TRP A 659 -1.35 20.01 11.27
CA TRP A 659 -2.11 20.14 12.51
C TRP A 659 -3.61 20.23 12.31
N TRP A 660 -4.08 20.50 11.09
CA TRP A 660 -5.52 20.73 10.91
C TRP A 660 -6.33 19.45 11.00
N ASN A 661 -5.78 18.32 10.55
CA ASN A 661 -6.49 17.04 10.64
C ASN A 661 -6.09 16.31 11.93
N MET A 662 -6.36 16.97 13.06
CA MET A 662 -5.95 16.49 14.37
C MET A 662 -7.09 15.95 15.22
N VAL A 663 -8.34 16.30 14.91
CA VAL A 663 -9.55 15.93 15.65
C VAL A 663 -9.31 15.94 17.17
N PRO A 664 -9.13 17.12 17.79
CA PRO A 664 -8.93 17.21 19.24
C PRO A 664 -10.10 16.64 20.05
N MET B 1 -1.19 -20.20 18.88
CA MET B 1 -0.78 -19.61 17.62
C MET B 1 0.74 -19.62 17.48
N SER B 2 1.41 -20.38 18.35
CA SER B 2 2.84 -20.56 18.31
C SER B 2 3.18 -21.97 17.84
N LEU B 3 4.48 -22.27 17.83
CA LEU B 3 4.94 -23.60 17.47
C LEU B 3 4.52 -24.61 18.54
N GLN B 4 4.10 -25.79 18.09
CA GLN B 4 3.63 -26.85 18.98
C GLN B 4 4.50 -28.08 18.82
N ARG B 5 4.99 -28.61 19.94
CA ARG B 5 5.78 -29.83 19.96
C ARG B 5 5.16 -30.82 20.95
N ILE B 6 5.31 -32.10 20.64
CA ILE B 6 4.86 -33.18 21.51
C ILE B 6 6.09 -34.01 21.87
N VAL B 7 6.45 -34.00 23.15
CA VAL B 7 7.58 -34.77 23.66
C VAL B 7 7.02 -35.79 24.65
N ARG B 8 7.13 -37.07 24.30
CA ARG B 8 6.58 -38.14 25.13
C ARG B 8 7.62 -38.66 26.11
N VAL B 9 7.15 -39.07 27.28
CA VAL B 9 8.00 -39.61 28.32
C VAL B 9 7.59 -41.07 28.57
N SER B 10 8.43 -41.77 29.33
CA SER B 10 8.16 -43.16 29.66
C SER B 10 8.28 -43.35 31.16
N LEU B 11 7.42 -44.21 31.71
CA LEU B 11 7.48 -44.54 33.13
C LEU B 11 8.67 -45.43 33.46
N GLU B 12 9.44 -45.85 32.47
CA GLU B 12 10.58 -46.75 32.67
C GLU B 12 11.89 -46.00 32.83
N HIS B 13 12.13 -44.99 32.00
CA HIS B 13 13.37 -44.22 32.02
C HIS B 13 13.06 -42.76 31.75
N PRO B 14 13.80 -41.84 32.36
CA PRO B 14 13.55 -40.42 32.12
C PRO B 14 13.97 -40.00 30.72
N THR B 15 13.44 -38.85 30.30
CA THR B 15 13.76 -38.28 29.00
C THR B 15 14.65 -37.05 29.18
N SER B 16 15.34 -36.67 28.12
CA SER B 16 16.36 -35.62 28.15
C SER B 16 16.07 -34.57 27.08
N ALA B 17 14.84 -34.06 27.07
CA ALA B 17 14.38 -33.21 25.98
C ALA B 17 15.10 -31.87 25.95
N VAL B 18 15.30 -31.37 24.74
CA VAL B 18 15.83 -30.02 24.49
C VAL B 18 14.71 -29.20 23.86
N CYS B 19 14.41 -28.06 24.49
CA CYS B 19 13.32 -27.20 24.04
C CYS B 19 13.85 -25.80 23.72
N VAL B 20 13.03 -25.05 22.98
CA VAL B 20 13.36 -23.69 22.58
C VAL B 20 12.50 -22.72 23.39
N ALA B 21 13.11 -21.62 23.82
CA ALA B 21 12.43 -20.67 24.69
C ALA B 21 11.17 -20.11 24.02
N GLY B 22 10.10 -20.01 24.80
CA GLY B 22 8.83 -19.53 24.31
C GLY B 22 7.95 -20.54 23.63
N VAL B 23 8.51 -21.64 23.12
CA VAL B 23 7.74 -22.67 22.43
C VAL B 23 7.05 -23.57 23.44
N GLU B 24 5.80 -23.92 23.15
CA GLU B 24 5.05 -24.83 24.01
C GLU B 24 5.39 -26.28 23.69
N THR B 25 5.33 -27.13 24.70
CA THR B 25 5.59 -28.56 24.53
C THR B 25 4.49 -29.36 25.20
N LEU B 26 3.74 -30.13 24.42
CA LEU B 26 2.79 -31.07 24.99
C LEU B 26 3.54 -32.26 25.57
N VAL B 27 3.15 -32.70 26.76
CA VAL B 27 3.79 -33.83 27.43
C VAL B 27 2.78 -34.96 27.56
N ASP B 28 3.10 -36.10 26.95
CA ASP B 28 2.31 -37.32 27.10
C ASP B 28 3.27 -38.48 27.34
N ILE B 29 2.76 -39.71 27.35
CA ILE B 29 3.58 -40.87 27.66
C ILE B 29 3.44 -41.93 26.58
N TYR B 30 4.51 -42.69 26.37
CA TYR B 30 4.41 -43.93 25.62
C TYR B 30 3.73 -44.99 26.50
N GLY B 31 2.80 -45.71 25.91
CA GLY B 31 2.14 -46.77 26.65
C GLY B 31 1.11 -46.25 27.64
N SER B 32 0.71 -47.15 28.53
CA SER B 32 -0.40 -46.89 29.44
C SER B 32 0.10 -46.44 30.81
N VAL B 33 -0.84 -45.94 31.60
CA VAL B 33 -0.56 -45.48 32.97
C VAL B 33 -0.57 -46.70 33.88
N PRO B 34 -0.16 -46.57 35.16
CA PRO B 34 -0.31 -47.68 36.11
C PRO B 34 -1.70 -48.28 36.16
N GLU B 35 -1.80 -49.52 36.66
CA GLU B 35 -3.05 -50.28 36.52
C GLU B 35 -4.21 -49.59 37.24
N GLY B 36 -3.95 -49.01 38.42
CA GLY B 36 -5.03 -48.42 39.20
C GLY B 36 -4.98 -46.90 39.30
N THR B 37 -4.59 -46.24 38.21
CA THR B 37 -4.41 -44.79 38.25
C THR B 37 -5.76 -44.06 38.33
N GLU B 38 -5.90 -43.21 39.34
CA GLU B 38 -7.08 -42.36 39.50
C GLU B 38 -6.77 -40.87 39.49
N MET B 39 -5.57 -40.47 39.92
CA MET B 39 -5.20 -39.07 39.99
C MET B 39 -3.76 -38.90 39.54
N PHE B 40 -3.32 -37.65 39.42
CA PHE B 40 -1.95 -37.38 39.06
C PHE B 40 -1.56 -35.99 39.52
N GLU B 41 -0.27 -35.82 39.78
CA GLU B 41 0.32 -34.53 40.07
C GLU B 41 1.44 -34.26 39.07
N VAL B 42 1.71 -32.98 38.83
CA VAL B 42 2.81 -32.57 37.97
C VAL B 42 3.57 -31.44 38.66
N TYR B 43 4.88 -31.50 38.59
CA TYR B 43 5.75 -30.53 39.27
C TYR B 43 6.87 -30.13 38.33
N GLY B 44 7.35 -28.90 38.50
CA GLY B 44 8.42 -28.40 37.65
C GLY B 44 9.41 -27.55 38.43
N THR B 45 10.67 -27.64 38.00
CA THR B 45 11.78 -26.81 38.44
C THR B 45 11.42 -25.34 38.30
N PRO B 46 11.91 -24.46 39.18
CA PRO B 46 11.71 -23.02 38.97
C PRO B 46 12.12 -22.60 37.56
N GLY B 47 11.29 -21.74 36.96
CA GLY B 47 11.50 -21.35 35.58
C GLY B 47 10.84 -22.24 34.55
N VAL B 48 10.09 -23.24 34.98
CA VAL B 48 9.39 -24.15 34.08
C VAL B 48 7.89 -23.97 34.32
N ASP B 49 7.19 -23.48 33.31
CA ASP B 49 5.76 -23.21 33.41
C ASP B 49 4.97 -24.41 32.91
N ILE B 50 4.14 -24.98 33.77
CA ILE B 50 3.34 -26.16 33.46
C ILE B 50 1.88 -25.79 33.55
N TYR B 51 1.14 -26.02 32.48
CA TYR B 51 -0.28 -25.72 32.42
C TYR B 51 -1.05 -26.97 32.05
N ILE B 52 -2.26 -27.10 32.59
CA ILE B 52 -3.17 -28.19 32.27
C ILE B 52 -4.33 -27.61 31.47
N SER B 53 -4.83 -28.38 30.50
CA SER B 53 -5.92 -27.88 29.69
C SER B 53 -6.67 -29.02 29.04
N PRO B 54 -8.00 -28.95 28.93
CA PRO B 54 -8.73 -29.97 28.16
C PRO B 54 -8.45 -29.83 26.67
N ASN B 55 -8.55 -30.95 25.96
CA ASN B 55 -8.27 -30.95 24.53
C ASN B 55 -9.38 -30.30 23.71
N MET B 56 -10.54 -30.03 24.31
CA MET B 56 -11.65 -29.40 23.61
C MET B 56 -11.57 -27.88 23.67
N GLU B 57 -11.54 -27.32 24.88
CA GLU B 57 -11.43 -25.89 25.06
C GLU B 57 -9.96 -25.46 25.04
N ARG B 58 -9.75 -24.16 24.88
CA ARG B 58 -8.38 -23.65 24.81
C ARG B 58 -8.13 -22.63 25.93
N GLY B 59 -8.56 -22.97 27.15
CA GLY B 59 -8.22 -22.21 28.32
C GLY B 59 -7.16 -22.95 29.13
N ARG B 60 -6.09 -22.23 29.47
CA ARG B 60 -4.97 -22.81 30.19
C ARG B 60 -5.09 -22.48 31.68
N GLU B 61 -4.50 -23.36 32.49
CA GLU B 61 -4.58 -23.23 33.94
C GLU B 61 -3.34 -23.89 34.54
N ARG B 62 -2.76 -23.25 35.55
CA ARG B 62 -1.56 -23.79 36.19
C ARG B 62 -1.85 -25.18 36.76
N ALA B 63 -0.91 -26.10 36.53
CA ALA B 63 -1.13 -27.50 36.81
C ALA B 63 -0.40 -28.02 38.04
N ASP B 64 0.49 -27.22 38.63
CA ASP B 64 1.36 -27.66 39.72
C ASP B 64 0.87 -27.19 41.08
N THR B 65 -0.44 -27.16 41.30
CA THR B 65 -0.99 -26.67 42.56
C THR B 65 -1.96 -27.63 43.22
N ARG B 66 -2.35 -28.72 42.57
CA ARG B 66 -3.29 -29.66 43.17
C ARG B 66 -3.04 -31.07 42.63
N ARG B 67 -3.83 -32.01 43.13
CA ARG B 67 -3.83 -33.39 42.65
C ARG B 67 -5.05 -33.54 41.74
N TRP B 68 -4.80 -33.71 40.44
CA TRP B 68 -5.85 -33.71 39.43
C TRP B 68 -6.45 -35.11 39.28
N ARG B 69 -7.77 -35.19 39.21
CA ARG B 69 -8.44 -36.41 38.79
C ARG B 69 -7.96 -36.80 37.40
N PHE B 70 -7.61 -38.07 37.22
CA PHE B 70 -7.06 -38.50 35.95
C PHE B 70 -8.10 -38.38 34.85
N ASP B 71 -7.65 -37.94 33.66
CA ASP B 71 -8.54 -37.76 32.52
C ASP B 71 -7.70 -37.80 31.26
N ALA B 72 -8.01 -38.74 30.36
CA ALA B 72 -7.22 -38.87 29.13
C ALA B 72 -7.42 -37.70 28.18
N THR B 73 -8.49 -36.91 28.37
CA THR B 73 -8.77 -35.76 27.52
C THR B 73 -8.05 -34.50 27.98
N LEU B 74 -7.25 -34.58 29.04
CA LEU B 74 -6.45 -33.44 29.48
C LEU B 74 -5.05 -33.54 28.89
N GLU B 75 -4.41 -32.38 28.73
CA GLU B 75 -3.06 -32.32 28.21
C GLU B 75 -2.29 -31.26 28.98
N ILE B 76 -0.99 -31.52 29.15
CA ILE B 76 -0.10 -30.64 29.91
C ILE B 76 0.88 -29.99 28.95
N ILE B 77 1.02 -28.68 29.09
CA ILE B 77 1.88 -27.84 28.27
C ILE B 77 3.02 -27.33 29.14
N VAL B 78 4.25 -27.51 28.67
CA VAL B 78 5.45 -27.04 29.36
C VAL B 78 6.08 -25.96 28.51
N VAL B 79 6.39 -24.82 29.14
CA VAL B 79 7.02 -23.69 28.48
C VAL B 79 8.14 -23.16 29.37
N MET B 80 9.31 -22.93 28.78
CA MET B 80 10.42 -22.28 29.47
C MET B 80 10.74 -21.00 28.72
N ASN B 81 10.38 -19.86 29.31
CA ASN B 81 10.59 -18.57 28.67
C ASN B 81 12.03 -18.07 28.79
N SER B 82 12.89 -18.77 29.50
CA SER B 82 14.25 -18.34 29.72
C SER B 82 15.22 -19.49 29.46
N PRO B 83 16.38 -19.21 28.86
CA PRO B 83 17.31 -20.30 28.53
C PRO B 83 18.01 -20.84 29.77
N SER B 84 18.47 -22.09 29.63
CA SER B 84 19.15 -22.77 30.73
C SER B 84 20.60 -22.32 30.82
N ASN B 85 21.13 -22.35 32.04
CA ASN B 85 22.55 -22.08 32.24
C ASN B 85 23.41 -23.32 32.08
N ASP B 86 22.85 -24.50 32.32
CA ASP B 86 23.59 -25.75 32.18
C ASP B 86 22.62 -26.85 31.75
N LEU B 87 23.19 -27.88 31.13
CA LEU B 87 22.39 -28.96 30.56
C LEU B 87 21.52 -29.63 31.61
N ASN B 88 20.22 -29.71 31.33
CA ASN B 88 19.25 -30.40 32.18
C ASN B 88 19.18 -29.80 33.58
N ASP B 89 19.35 -28.48 33.68
CA ASP B 89 19.23 -27.81 34.97
C ASP B 89 17.79 -27.65 35.42
N SER B 90 16.82 -28.06 34.61
CA SER B 90 15.41 -28.02 34.96
C SER B 90 14.76 -29.33 34.54
N HIS B 91 13.61 -29.63 35.14
CA HIS B 91 12.96 -30.90 34.86
C HIS B 91 11.49 -30.81 35.23
N VAL B 92 10.71 -31.73 34.66
CA VAL B 92 9.29 -31.91 34.95
C VAL B 92 9.10 -33.32 35.47
N GLN B 93 8.26 -33.47 36.49
CA GLN B 93 7.99 -34.75 37.12
C GLN B 93 6.49 -34.96 37.19
N ILE B 94 6.02 -36.08 36.64
CA ILE B 94 4.61 -36.44 36.65
C ILE B 94 4.47 -37.68 37.52
N SER B 95 3.70 -37.57 38.60
CA SER B 95 3.45 -38.71 39.48
C SER B 95 2.00 -39.15 39.33
N TYR B 96 1.79 -40.46 39.28
CA TYR B 96 0.45 -41.04 39.17
C TYR B 96 0.05 -41.66 40.51
N HIS B 97 -1.16 -41.35 40.97
CA HIS B 97 -1.61 -41.71 42.30
C HIS B 97 -2.95 -42.42 42.24
N SER B 98 -3.22 -43.20 43.29
CA SER B 98 -4.50 -43.86 43.48
C SER B 98 -4.92 -43.70 44.93
N SER B 99 -6.23 -43.71 45.17
CA SER B 99 -6.74 -43.63 46.53
C SER B 99 -6.48 -44.90 47.33
N HIS B 100 -6.09 -46.00 46.67
CA HIS B 100 -5.84 -47.26 47.36
C HIS B 100 -4.53 -47.25 48.13
N GLU B 101 -3.39 -47.07 47.40
CA GLU B 101 -2.14 -47.01 48.16
C GLU B 101 -1.68 -45.57 48.33
N PRO B 102 -1.06 -45.25 49.49
CA PRO B 102 -0.70 -43.85 49.76
C PRO B 102 0.47 -43.34 48.94
N LEU B 103 1.32 -44.21 48.43
CA LEU B 103 2.49 -43.78 47.69
C LEU B 103 2.18 -43.66 46.20
N PRO B 104 2.97 -42.89 45.46
CA PRO B 104 2.75 -42.78 44.02
C PRO B 104 2.87 -44.13 43.33
N LEU B 105 2.01 -44.35 42.34
CA LEU B 105 2.09 -45.57 41.55
C LEU B 105 3.33 -45.58 40.68
N ALA B 106 3.60 -44.48 39.99
CA ALA B 106 4.75 -44.39 39.11
C ALA B 106 5.12 -42.92 38.91
N TYR B 107 6.36 -42.71 38.49
CA TYR B 107 6.91 -41.41 38.14
C TYR B 107 7.24 -41.35 36.66
N ALA B 108 7.31 -40.13 36.14
CA ALA B 108 7.71 -39.87 34.76
C ALA B 108 8.53 -38.59 34.77
N VAL B 109 9.83 -38.70 34.52
CA VAL B 109 10.77 -37.60 34.67
C VAL B 109 11.25 -37.18 33.29
N LEU B 110 11.21 -35.87 33.03
CA LEU B 110 11.70 -35.31 31.78
C LEU B 110 12.61 -34.13 32.11
N TYR B 111 13.91 -34.29 31.89
CA TYR B 111 14.84 -33.19 32.02
C TYR B 111 14.77 -32.31 30.77
N LEU B 112 15.03 -31.02 30.97
CA LEU B 112 14.85 -30.03 29.92
C LEU B 112 16.13 -29.22 29.76
N THR B 113 16.53 -29.02 28.51
CA THR B 113 17.61 -28.11 28.16
C THR B 113 17.02 -27.02 27.27
N CYS B 114 16.86 -25.82 27.81
CA CYS B 114 16.21 -24.75 27.09
C CYS B 114 17.24 -23.86 26.40
N VAL B 115 17.00 -23.60 25.12
CA VAL B 115 17.89 -22.75 24.32
C VAL B 115 17.04 -21.66 23.67
N ASP B 116 17.54 -20.43 23.72
CA ASP B 116 16.82 -19.27 23.16
C ASP B 116 17.47 -18.92 21.83
N ILE B 117 16.85 -19.35 20.73
CA ILE B 117 17.33 -19.11 19.38
C ILE B 117 16.29 -18.28 18.63
N SER B 118 16.74 -17.17 18.06
CA SER B 118 15.82 -16.32 17.30
C SER B 118 16.61 -15.50 16.29
N LEU B 119 16.09 -15.42 15.07
CA LEU B 119 16.67 -14.61 14.00
C LEU B 119 15.68 -13.49 13.67
N ASP B 120 16.13 -12.24 13.85
CA ASP B 120 15.26 -11.09 13.65
C ASP B 120 16.07 -9.94 13.06
N CYS B 121 15.47 -9.19 12.13
CA CYS B 121 16.17 -8.04 11.57
C CYS B 121 15.47 -6.72 11.91
N ASP B 122 14.27 -6.47 11.36
CA ASP B 122 13.48 -5.30 11.75
C ASP B 122 12.03 -5.55 11.34
N LEU B 123 11.20 -5.98 12.29
CA LEU B 123 9.82 -6.30 11.94
C LEU B 123 9.05 -5.01 11.70
N ASN B 124 9.05 -4.53 10.45
CA ASN B 124 8.39 -3.28 10.11
C ASN B 124 7.11 -3.53 9.33
N VAL B 134 1.82 -10.81 14.53
CA VAL B 134 2.71 -10.90 13.38
C VAL B 134 3.21 -12.34 13.21
N ASP B 135 3.57 -12.70 11.98
CA ASP B 135 4.04 -14.05 11.67
C ASP B 135 5.53 -14.15 11.44
N LYS B 136 6.16 -13.07 10.97
CA LYS B 136 7.59 -12.95 10.69
C LYS B 136 8.06 -13.84 9.54
N ARG B 137 7.17 -14.64 8.95
CA ARG B 137 7.51 -15.46 7.81
C ARG B 137 6.70 -15.10 6.56
N GLN B 138 5.89 -14.05 6.64
CA GLN B 138 5.07 -13.60 5.53
C GLN B 138 5.18 -12.09 5.42
N TRP B 139 5.09 -11.58 4.19
CA TRP B 139 5.16 -10.14 3.93
C TRP B 139 3.78 -9.67 3.46
N VAL B 140 3.21 -8.71 4.18
CA VAL B 140 1.87 -8.21 3.91
C VAL B 140 1.94 -6.69 3.73
N TRP B 141 1.11 -6.17 2.83
CA TRP B 141 1.08 -4.74 2.53
C TRP B 141 0.08 -4.02 3.44
N GLY B 142 0.31 -2.72 3.60
CA GLY B 142 -0.60 -1.88 4.37
C GLY B 142 0.03 -1.31 5.62
N PRO B 143 -0.65 -0.34 6.24
CA PRO B 143 -0.14 0.21 7.50
C PRO B 143 -0.05 -0.81 8.62
N SER B 144 -0.92 -1.82 8.62
CA SER B 144 -0.86 -2.92 9.58
C SER B 144 0.00 -4.08 9.09
N GLY B 145 0.94 -3.81 8.17
CA GLY B 145 1.80 -4.83 7.63
C GLY B 145 3.15 -4.90 8.33
N TYR B 146 3.87 -5.98 8.06
CA TYR B 146 5.17 -6.22 8.68
C TYR B 146 6.10 -6.85 7.66
N GLY B 147 7.39 -6.80 7.97
CA GLY B 147 8.42 -7.37 7.12
C GLY B 147 9.61 -6.44 7.02
N GLY B 148 10.77 -7.03 6.71
CA GLY B 148 11.99 -6.26 6.55
C GLY B 148 12.18 -5.79 5.12
N ILE B 149 12.90 -4.68 4.98
CA ILE B 149 13.17 -4.06 3.68
C ILE B 149 14.65 -4.25 3.36
N LEU B 150 14.94 -4.69 2.14
CA LEU B 150 16.30 -4.90 1.68
C LEU B 150 16.55 -4.06 0.44
N LEU B 151 17.66 -3.33 0.41
CA LEU B 151 18.02 -2.53 -0.73
C LEU B 151 18.85 -3.35 -1.72
N VAL B 152 19.26 -2.70 -2.81
CA VAL B 152 20.03 -3.37 -3.84
C VAL B 152 21.50 -2.93 -3.87
N ASN B 153 21.82 -1.77 -3.28
CA ASN B 153 23.21 -1.32 -3.12
C ASN B 153 23.91 -1.17 -4.46
N CYS B 154 23.33 -0.35 -5.33
CA CYS B 154 23.78 -0.20 -6.71
C CYS B 154 24.64 1.05 -6.91
N ASP B 155 25.32 1.51 -5.86
CA ASP B 155 26.08 2.75 -5.91
C ASP B 155 27.57 2.46 -5.72
N ARG B 156 28.34 3.53 -5.60
CA ARG B 156 29.78 3.47 -5.33
C ARG B 156 30.07 4.41 -4.15
N ASP B 157 30.11 3.85 -2.93
CA ASP B 157 30.45 4.65 -1.76
C ASP B 157 31.96 4.76 -1.57
N ASP B 158 32.73 3.77 -2.01
CA ASP B 158 34.18 3.82 -1.88
C ASP B 158 34.84 4.43 -3.11
N VAL B 163 33.91 -0.46 -10.70
CA VAL B 163 32.81 -1.43 -10.72
C VAL B 163 31.73 -1.01 -9.73
N GLN B 164 30.71 -1.86 -9.59
CA GLN B 164 29.58 -1.61 -8.72
C GLN B 164 29.78 -2.29 -7.37
N ASP B 165 29.07 -1.78 -6.35
CA ASP B 165 29.18 -2.35 -5.01
C ASP B 165 28.47 -3.70 -4.87
N ASN B 166 27.62 -4.07 -5.83
CA ASN B 166 27.02 -5.40 -5.82
C ASN B 166 27.94 -6.47 -6.38
N CYS B 167 29.01 -6.09 -7.06
CA CYS B 167 29.83 -7.06 -7.78
C CYS B 167 30.86 -7.72 -6.87
N ASP B 168 31.40 -6.99 -5.90
CA ASP B 168 32.44 -7.56 -5.05
C ASP B 168 31.84 -8.56 -4.07
N GLN B 169 32.59 -9.62 -3.78
CA GLN B 169 32.22 -10.54 -2.72
C GLN B 169 32.76 -10.11 -1.37
N HIS B 170 33.66 -9.12 -1.34
CA HIS B 170 34.16 -8.52 -0.12
C HIS B 170 33.38 -7.24 0.17
N VAL B 171 33.73 -6.60 1.30
CA VAL B 171 33.20 -5.29 1.67
C VAL B 171 34.42 -4.41 1.97
N HIS B 172 34.91 -3.71 0.95
CA HIS B 172 36.08 -2.84 1.13
C HIS B 172 35.69 -1.38 1.22
N CYS B 173 34.57 -1.07 1.87
CA CYS B 173 34.20 0.30 2.20
C CYS B 173 33.72 0.36 3.64
N LEU B 174 33.96 1.49 4.29
CA LEU B 174 33.61 1.66 5.69
C LEU B 174 32.19 2.16 5.89
N GLN B 175 31.59 2.77 4.86
CA GLN B 175 30.23 3.27 4.95
C GLN B 175 29.28 2.59 3.97
N ASP B 176 29.77 1.63 3.18
CA ASP B 176 28.87 0.83 2.35
C ASP B 176 27.93 0.00 3.21
N LEU B 177 28.34 -0.34 4.43
CA LEU B 177 27.49 -1.11 5.33
C LEU B 177 26.18 -0.39 5.64
N GLU B 178 26.16 0.95 5.51
CA GLU B 178 24.91 1.68 5.73
C GLU B 178 23.84 1.28 4.72
N ASP B 179 24.25 0.81 3.54
CA ASP B 179 23.30 0.40 2.51
C ASP B 179 22.73 -0.98 2.76
N MET B 180 23.36 -1.78 3.62
CA MET B 180 22.91 -3.14 3.88
C MET B 180 21.88 -3.16 5.02
N SER B 181 21.35 -4.34 5.29
CA SER B 181 20.36 -4.54 6.34
C SER B 181 20.92 -5.47 7.41
N VAL B 182 20.70 -5.10 8.67
CA VAL B 182 21.20 -5.90 9.78
C VAL B 182 20.30 -7.12 9.99
N MET B 183 20.85 -8.13 10.63
CA MET B 183 20.10 -9.35 10.93
C MET B 183 20.78 -10.01 12.13
N VAL B 184 20.10 -10.03 13.27
CA VAL B 184 20.67 -10.49 14.53
C VAL B 184 20.15 -11.89 14.83
N LEU B 185 21.06 -12.78 15.23
CA LEU B 185 20.74 -14.15 15.60
C LEU B 185 21.15 -14.35 17.05
N ARG B 186 20.17 -14.39 17.95
CA ARG B 186 20.44 -14.66 19.36
C ARG B 186 20.37 -16.16 19.60
N THR B 187 21.40 -16.69 20.28
CA THR B 187 21.58 -18.11 20.48
C THR B 187 21.95 -18.41 21.93
N GLN B 188 21.18 -17.85 22.87
CA GLN B 188 21.48 -18.02 24.28
C GLN B 188 21.24 -19.47 24.72
N GLY B 189 22.02 -19.90 25.71
CA GLY B 189 21.91 -21.23 26.25
C GLY B 189 23.22 -21.77 26.77
N PRO B 190 23.22 -23.04 27.18
CA PRO B 190 24.47 -23.65 27.68
C PRO B 190 25.45 -23.89 26.54
N ALA B 191 26.73 -23.61 26.81
CA ALA B 191 27.74 -23.74 25.77
C ALA B 191 27.97 -25.19 25.38
N ALA B 192 27.97 -26.10 26.36
CA ALA B 192 28.23 -27.51 26.06
C ALA B 192 27.19 -28.09 25.11
N LEU B 193 25.97 -27.53 25.12
CA LEU B 193 24.94 -27.95 24.17
C LEU B 193 25.44 -27.84 22.74
N PHE B 194 26.20 -26.78 22.43
CA PHE B 194 26.70 -26.58 21.08
C PHE B 194 27.85 -27.54 20.73
N ASP B 195 28.40 -28.25 21.71
CA ASP B 195 29.29 -29.35 21.40
C ASP B 195 28.53 -30.55 20.84
N ASP B 196 27.21 -30.59 21.05
CA ASP B 196 26.37 -31.68 20.59
C ASP B 196 25.42 -31.28 19.47
N HIS B 197 25.16 -29.98 19.31
CA HIS B 197 24.18 -29.49 18.35
C HIS B 197 24.82 -28.51 17.38
N LYS B 198 24.35 -28.54 16.14
CA LYS B 198 24.85 -27.68 15.08
C LYS B 198 23.91 -26.50 14.86
N LEU B 199 24.48 -25.36 14.47
CA LEU B 199 23.72 -24.16 14.17
C LEU B 199 23.99 -23.77 12.73
N VAL B 200 22.95 -23.80 11.89
CA VAL B 200 23.12 -23.64 10.45
C VAL B 200 22.24 -22.50 9.95
N LEU B 201 22.87 -21.48 9.36
CA LEU B 201 22.15 -20.47 8.61
C LEU B 201 22.09 -20.91 7.15
N HIS B 202 21.00 -20.60 6.47
CA HIS B 202 20.84 -21.07 5.10
C HIS B 202 19.78 -20.25 4.37
N THR B 203 19.65 -20.53 3.07
CA THR B 203 18.72 -19.85 2.18
C THR B 203 18.64 -20.67 0.90
N SER B 204 17.51 -20.52 0.20
CA SER B 204 17.34 -21.21 -1.08
C SER B 204 18.31 -20.67 -2.12
N SER B 205 18.72 -21.55 -3.04
CA SER B 205 19.67 -21.15 -4.07
C SER B 205 19.13 -20.03 -4.93
N TYR B 206 17.82 -20.01 -5.18
CA TYR B 206 17.22 -18.90 -5.91
C TYR B 206 17.40 -17.59 -5.15
N ASP B 207 17.04 -17.57 -3.87
CA ASP B 207 17.27 -16.39 -3.05
C ASP B 207 18.77 -16.12 -2.88
N ALA B 208 19.59 -17.17 -2.88
CA ALA B 208 21.03 -17.01 -2.75
C ALA B 208 21.61 -16.27 -3.95
N LYS B 209 21.05 -16.47 -5.14
CA LYS B 209 21.51 -15.75 -6.31
C LYS B 209 21.03 -14.30 -6.36
N ARG B 210 20.17 -13.88 -5.43
CA ARG B 210 19.61 -12.54 -5.44
C ARG B 210 20.13 -11.63 -4.36
N ALA B 211 20.86 -12.16 -3.38
CA ALA B 211 21.37 -11.34 -2.27
C ALA B 211 22.59 -12.03 -1.66
N GLN B 212 23.34 -11.26 -0.88
CA GLN B 212 24.53 -11.76 -0.20
C GLN B 212 24.45 -11.43 1.29
N VAL B 213 25.05 -12.29 2.10
CA VAL B 213 25.09 -12.12 3.55
C VAL B 213 26.54 -12.16 4.00
N PHE B 214 26.88 -11.29 4.95
CA PHE B 214 28.21 -11.22 5.53
C PHE B 214 28.12 -11.39 7.04
N HIS B 215 28.84 -12.36 7.57
CA HIS B 215 29.02 -12.48 9.02
C HIS B 215 30.08 -11.49 9.48
N ILE B 216 30.12 -11.27 10.79
CA ILE B 216 31.06 -10.34 11.40
C ILE B 216 31.95 -11.10 12.36
N CYS B 217 33.25 -10.82 12.30
CA CYS B 217 34.23 -11.46 13.18
C CYS B 217 34.99 -10.46 14.02
N GLY B 218 35.51 -9.39 13.42
CA GLY B 218 36.08 -8.30 14.15
C GLY B 218 35.14 -7.12 14.08
N PRO B 219 34.70 -6.62 15.23
CA PRO B 219 33.51 -5.74 15.26
C PRO B 219 33.83 -4.32 14.80
N GLU B 220 33.09 -3.88 13.78
CA GLU B 220 32.84 -2.48 13.40
C GLU B 220 34.07 -1.74 12.88
N ASP B 221 35.24 -2.35 12.81
CA ASP B 221 36.44 -1.62 12.45
C ASP B 221 37.14 -2.13 11.20
N VAL B 222 37.20 -3.43 11.00
CA VAL B 222 38.03 -4.04 9.96
C VAL B 222 37.13 -4.53 8.84
N CYS B 223 37.48 -4.14 7.60
CA CYS B 223 36.73 -4.58 6.43
C CYS B 223 36.93 -6.07 6.15
N GLU B 224 38.12 -6.60 6.40
CA GLU B 224 38.36 -8.02 6.15
C GLU B 224 37.61 -8.93 7.12
N ALA B 225 37.04 -8.37 8.19
CA ALA B 225 36.31 -9.16 9.17
C ALA B 225 34.89 -9.50 8.74
N TYR B 226 34.30 -8.71 7.83
CA TYR B 226 32.96 -8.96 7.34
C TYR B 226 33.04 -10.11 6.33
N ARG B 227 33.10 -11.33 6.86
CA ARG B 227 33.29 -12.51 6.04
C ARG B 227 32.00 -12.86 5.30
N HIS B 228 32.11 -13.00 3.98
CA HIS B 228 30.97 -13.41 3.16
C HIS B 228 30.62 -14.86 3.45
N VAL B 229 29.36 -15.11 3.80
CA VAL B 229 28.94 -16.43 4.25
C VAL B 229 27.83 -17.02 3.37
N LEU B 230 27.06 -16.15 2.72
CA LEU B 230 25.96 -16.59 1.85
C LEU B 230 25.99 -15.75 0.58
N GLY B 231 26.05 -16.41 -0.56
CA GLY B 231 26.13 -15.73 -1.83
C GLY B 231 25.65 -16.60 -2.96
N GLN B 232 26.29 -16.45 -4.13
CA GLN B 232 25.84 -17.15 -5.33
C GLN B 232 25.93 -18.66 -5.17
N ASP B 233 27.05 -19.16 -4.67
CA ASP B 233 27.23 -20.58 -4.42
C ASP B 233 27.02 -20.97 -2.97
N LYS B 234 27.23 -20.05 -2.04
CA LYS B 234 27.07 -20.35 -0.61
C LYS B 234 25.59 -20.29 -0.27
N VAL B 235 24.97 -21.46 -0.13
CA VAL B 235 23.57 -21.53 0.28
C VAL B 235 23.42 -21.83 1.77
N SER B 236 24.43 -22.42 2.41
CA SER B 236 24.38 -22.70 3.84
C SER B 236 25.73 -22.36 4.46
N TYR B 237 25.69 -22.15 5.77
CA TYR B 237 26.86 -21.71 6.53
C TYR B 237 26.66 -22.11 7.98
N GLU B 238 27.78 -22.42 8.64
CA GLU B 238 27.76 -22.87 10.03
C GLU B 238 28.24 -21.72 10.91
N VAL B 239 27.34 -21.17 11.72
CA VAL B 239 27.65 -20.03 12.59
C VAL B 239 28.44 -20.52 13.80
N PRO B 240 29.68 -20.05 13.99
CA PRO B 240 30.51 -20.56 15.09
C PRO B 240 30.23 -19.94 16.44
N ARG B 241 29.29 -18.99 16.54
CA ARG B 241 29.02 -18.25 17.78
C ARG B 241 30.30 -17.56 18.28
N LEU B 242 30.90 -16.77 17.39
CA LEU B 242 32.17 -16.13 17.69
C LEU B 242 32.06 -15.04 18.75
N HIS B 243 30.87 -14.42 18.89
CA HIS B 243 30.69 -13.33 19.83
C HIS B 243 29.97 -13.74 21.11
N GLY B 244 29.12 -14.77 21.06
CA GLY B 244 28.42 -15.21 22.26
C GLY B 244 27.08 -14.55 22.49
N ASP B 245 26.03 -15.36 22.49
CA ASP B 245 24.63 -15.00 22.68
C ASP B 245 24.05 -14.15 21.56
N GLU B 246 24.86 -13.74 20.57
CA GLU B 246 24.38 -12.93 19.47
C GLU B 246 25.39 -12.89 18.33
N GLU B 247 24.92 -13.15 17.11
CA GLU B 247 25.72 -13.02 15.91
C GLU B 247 25.04 -12.00 15.00
N ARG B 248 25.83 -11.08 14.45
CA ARG B 248 25.31 -10.04 13.58
C ARG B 248 25.67 -10.35 12.13
N PHE B 249 24.69 -10.24 11.25
CA PHE B 249 24.89 -10.43 9.83
C PHE B 249 24.41 -9.19 9.09
N PHE B 250 25.05 -8.92 7.96
CA PHE B 250 24.68 -7.80 7.09
C PHE B 250 24.35 -8.35 5.71
N VAL B 251 23.12 -8.12 5.26
CA VAL B 251 22.65 -8.65 3.99
C VAL B 251 22.47 -7.49 3.02
N GLU B 252 22.95 -7.67 1.80
CA GLU B 252 22.76 -6.70 0.73
C GLU B 252 22.12 -7.37 -0.47
N GLY B 253 21.10 -6.73 -1.04
CA GLY B 253 20.46 -7.28 -2.22
C GLY B 253 21.31 -7.12 -3.45
N LEU B 254 21.09 -8.01 -4.42
CA LEU B 254 21.85 -8.01 -5.66
C LEU B 254 21.02 -7.73 -6.90
N SER B 255 19.69 -7.71 -6.79
CA SER B 255 18.85 -7.50 -7.95
C SER B 255 17.59 -6.75 -7.54
N PHE B 256 16.96 -6.12 -8.53
CA PHE B 256 15.67 -5.45 -8.36
C PHE B 256 14.55 -6.41 -8.68
N PRO B 257 13.33 -6.12 -8.21
CA PRO B 257 12.18 -6.95 -8.60
C PRO B 257 11.99 -6.93 -10.11
N ASP B 258 11.83 -8.11 -10.69
CA ASP B 258 11.74 -8.23 -12.14
C ASP B 258 10.60 -9.17 -12.51
N ALA B 259 10.54 -9.59 -13.78
CA ALA B 259 9.45 -10.42 -14.24
C ALA B 259 9.41 -11.76 -13.50
N GLY B 260 10.57 -12.37 -13.30
CA GLY B 260 10.65 -13.66 -12.63
C GLY B 260 10.92 -13.61 -11.15
N PHE B 261 11.16 -12.43 -10.59
CA PHE B 261 11.52 -12.28 -9.18
C PHE B 261 10.43 -11.46 -8.49
N THR B 262 9.68 -12.13 -7.60
CA THR B 262 8.59 -11.45 -6.89
C THR B 262 9.11 -10.37 -5.96
N GLY B 263 10.34 -10.50 -5.48
CA GLY B 263 10.94 -9.50 -4.61
C GLY B 263 11.15 -9.91 -3.17
N LEU B 264 10.99 -11.18 -2.84
CA LEU B 264 11.11 -11.68 -1.47
C LEU B 264 12.29 -12.62 -1.36
N ILE B 265 13.04 -12.49 -0.27
CA ILE B 265 14.19 -13.33 0.03
C ILE B 265 14.02 -13.89 1.44
N SER B 266 14.24 -15.18 1.59
CA SER B 266 14.07 -15.86 2.87
C SER B 266 15.42 -16.33 3.39
N PHE B 267 15.68 -16.07 4.67
CA PHE B 267 16.87 -16.55 5.36
C PHE B 267 16.43 -17.35 6.56
N HIS B 268 16.94 -18.57 6.70
CA HIS B 268 16.54 -19.47 7.77
C HIS B 268 17.72 -19.79 8.67
N VAL B 269 17.43 -20.04 9.95
CA VAL B 269 18.38 -20.59 10.89
C VAL B 269 17.79 -21.88 11.45
N THR B 270 18.64 -22.87 11.68
CA THR B 270 18.18 -24.20 12.07
C THR B 270 19.12 -24.78 13.11
N LEU B 271 18.53 -25.38 14.14
CA LEU B 271 19.28 -26.09 15.17
C LEU B 271 19.18 -27.58 14.91
N LEU B 272 20.33 -28.23 14.71
CA LEU B 272 20.41 -29.64 14.38
C LEU B 272 21.00 -30.43 15.55
N ASP B 273 20.59 -31.69 15.64
CA ASP B 273 21.04 -32.61 16.69
C ASP B 273 21.86 -33.71 16.00
N ASP B 274 23.17 -33.48 15.91
CA ASP B 274 24.05 -34.34 15.13
C ASP B 274 24.74 -35.41 15.99
N SER B 275 24.10 -35.82 17.08
CA SER B 275 24.57 -36.93 17.90
C SER B 275 23.52 -37.32 18.94
N ALA B 281 21.90 -36.09 11.36
CA ALA B 281 21.35 -35.01 12.18
C ALA B 281 19.85 -34.85 11.95
N SER B 282 19.14 -34.43 13.00
CA SER B 282 17.69 -34.24 12.94
C SER B 282 17.36 -32.86 13.47
N PRO B 283 16.74 -31.99 12.66
CA PRO B 283 16.40 -30.65 13.15
C PRO B 283 15.27 -30.69 14.16
N ILE B 284 15.32 -29.74 15.10
CA ILE B 284 14.31 -29.67 16.14
C ILE B 284 13.76 -28.25 16.24
N PHE B 285 14.36 -27.32 15.50
CA PHE B 285 13.87 -25.95 15.49
C PHE B 285 14.40 -25.21 14.27
N THR B 286 13.51 -24.45 13.63
CA THR B 286 13.86 -23.62 12.48
C THR B 286 13.14 -22.28 12.60
N ASP B 287 13.85 -21.20 12.26
CA ASP B 287 13.33 -19.85 12.34
C ASP B 287 13.63 -19.14 11.02
N THR B 288 12.71 -18.29 10.57
CA THR B 288 12.80 -17.68 9.25
C THR B 288 12.69 -16.17 9.33
N VAL B 289 13.26 -15.50 8.32
CA VAL B 289 13.21 -14.05 8.17
C VAL B 289 13.03 -13.73 6.70
N VAL B 290 12.03 -12.90 6.38
CA VAL B 290 11.67 -12.60 5.01
C VAL B 290 11.91 -11.11 4.75
N PHE B 291 12.81 -10.83 3.80
CA PHE B 291 13.04 -9.48 3.30
C PHE B 291 12.28 -9.26 2.01
N ARG B 292 11.83 -8.02 1.80
CA ARG B 292 11.30 -7.60 0.52
C ARG B 292 12.26 -6.59 -0.10
N VAL B 293 12.62 -6.81 -1.35
CA VAL B 293 13.52 -5.91 -2.07
C VAL B 293 12.74 -4.66 -2.45
N ALA B 294 13.21 -3.51 -1.96
CA ALA B 294 12.50 -2.27 -2.20
C ALA B 294 12.53 -1.91 -3.68
N PRO B 295 11.42 -1.47 -4.25
CA PRO B 295 11.35 -1.23 -5.69
C PRO B 295 11.91 0.15 -6.05
N TRP B 296 11.90 0.44 -7.34
CA TRP B 296 12.37 1.70 -7.88
C TRP B 296 11.18 2.63 -8.09
N ILE B 297 11.26 3.84 -7.52
CA ILE B 297 10.16 4.79 -7.49
C ILE B 297 10.56 6.02 -8.30
N MET B 298 9.66 6.47 -9.17
CA MET B 298 9.91 7.63 -10.02
C MET B 298 9.35 8.90 -9.37
N THR B 299 9.93 10.04 -9.74
CA THR B 299 9.55 11.32 -9.15
C THR B 299 8.90 12.20 -10.21
N PRO B 300 7.62 12.55 -10.06
CA PRO B 300 6.96 13.43 -11.04
C PRO B 300 7.36 14.89 -10.83
N SER B 301 7.01 15.71 -11.82
CA SER B 301 7.40 17.11 -11.84
C SER B 301 6.80 17.94 -10.71
N THR B 302 5.82 17.39 -9.99
CA THR B 302 5.19 18.15 -8.91
C THR B 302 6.07 18.26 -7.67
N LEU B 303 7.03 17.36 -7.51
CA LEU B 303 7.90 17.36 -6.33
C LEU B 303 8.97 18.44 -6.45
N PRO B 304 9.51 18.90 -5.33
CA PRO B 304 10.58 19.91 -5.37
C PRO B 304 11.84 19.36 -6.02
N PRO B 305 12.50 20.15 -6.87
CA PRO B 305 13.69 19.66 -7.56
C PRO B 305 14.94 19.78 -6.71
N LEU B 306 15.96 19.00 -7.07
CA LEU B 306 17.25 19.04 -6.41
C LEU B 306 18.39 19.42 -7.35
N GLU B 307 18.53 18.72 -8.48
CA GLU B 307 19.64 18.95 -9.41
C GLU B 307 19.11 18.99 -10.84
N VAL B 308 19.50 20.02 -11.58
CA VAL B 308 19.15 20.17 -12.99
C VAL B 308 20.33 19.74 -13.84
N TYR B 309 20.07 18.93 -14.86
CA TYR B 309 21.09 18.39 -15.74
C TYR B 309 20.89 18.91 -17.15
N VAL B 310 21.99 19.23 -17.84
CA VAL B 310 21.92 19.76 -19.19
C VAL B 310 23.27 19.53 -19.86
N CYS B 311 23.24 19.29 -21.17
CA CYS B 311 24.45 19.07 -21.93
C CYS B 311 25.06 20.39 -22.38
N ARG B 312 26.28 20.30 -22.93
CA ARG B 312 26.95 21.45 -23.53
C ARG B 312 27.63 20.93 -24.80
N VAL B 313 26.98 21.16 -25.93
CA VAL B 313 27.43 20.62 -27.21
C VAL B 313 27.81 21.79 -28.11
N ARG B 314 28.30 21.50 -29.32
CA ARG B 314 28.75 22.55 -30.23
C ARG B 314 27.63 23.55 -30.51
N ASN B 315 27.96 24.83 -30.41
CA ASN B 315 27.06 25.95 -30.67
C ASN B 315 25.90 26.03 -29.67
N ASN B 316 26.08 25.47 -28.48
CA ASN B 316 25.11 25.66 -27.39
C ASN B 316 25.62 26.83 -26.56
N THR B 317 25.04 28.01 -26.76
CA THR B 317 25.58 29.24 -26.19
C THR B 317 24.71 29.80 -25.07
N CYS B 318 23.43 30.06 -25.32
CA CYS B 318 22.58 30.72 -24.35
C CYS B 318 21.56 29.79 -23.70
N PHE B 319 21.39 28.57 -24.22
CA PHE B 319 20.47 27.64 -23.58
C PHE B 319 20.97 27.23 -22.20
N VAL B 320 22.27 26.96 -22.07
CA VAL B 320 22.83 26.58 -20.78
C VAL B 320 22.72 27.75 -19.80
N ASP B 321 23.00 28.97 -20.28
CA ASP B 321 22.92 30.15 -19.43
C ASP B 321 21.49 30.40 -18.96
N ALA B 322 20.51 30.21 -19.85
CA ALA B 322 19.12 30.38 -19.47
C ALA B 322 18.69 29.33 -18.46
N VAL B 323 19.08 28.07 -18.69
CA VAL B 323 18.76 27.02 -17.73
C VAL B 323 19.37 27.33 -16.36
N ALA B 324 20.60 27.84 -16.34
CA ALA B 324 21.25 28.21 -15.09
C ALA B 324 20.49 29.32 -14.38
N GLU B 325 20.32 30.45 -15.07
CA GLU B 325 19.69 31.63 -14.48
C GLU B 325 18.21 31.42 -14.20
N LEU B 326 17.61 30.33 -14.69
CA LEU B 326 16.21 30.04 -14.41
C LEU B 326 16.03 28.94 -13.37
N ALA B 327 17.03 28.07 -13.19
CA ALA B 327 17.00 27.08 -12.13
C ALA B 327 17.58 27.61 -10.83
N ARG B 328 18.33 28.72 -10.88
CA ARG B 328 18.87 29.30 -9.67
C ARG B 328 17.79 29.81 -8.72
N LYS B 329 16.52 29.86 -9.16
CA LYS B 329 15.44 30.29 -8.29
C LYS B 329 14.92 29.17 -7.40
N ALA B 330 15.11 27.91 -7.80
CA ALA B 330 14.66 26.78 -7.01
C ALA B 330 15.80 26.10 -6.25
N GLY B 331 17.02 26.59 -6.35
CA GLY B 331 18.15 26.01 -5.66
C GLY B 331 18.55 24.65 -6.21
N CYS B 332 19.06 24.63 -7.43
CA CYS B 332 19.44 23.39 -8.10
C CYS B 332 20.95 23.39 -8.36
N LYS B 333 21.49 22.21 -8.61
CA LYS B 333 22.94 22.02 -8.67
C LYS B 333 23.54 22.34 -10.03
N LEU B 334 22.76 22.22 -11.12
CA LEU B 334 23.19 22.64 -12.45
C LEU B 334 24.45 21.87 -12.90
N THR B 335 24.26 20.57 -13.10
CA THR B 335 25.32 19.73 -13.66
C THR B 335 25.33 19.84 -15.18
N ILE B 336 26.52 20.02 -15.76
CA ILE B 336 26.69 20.20 -17.19
C ILE B 336 27.64 19.12 -17.71
N CYS B 337 27.27 18.49 -18.83
CA CYS B 337 28.12 17.49 -19.48
C CYS B 337 28.63 17.98 -20.82
N PRO B 338 29.94 17.89 -21.09
CA PRO B 338 30.44 18.22 -22.43
C PRO B 338 30.07 17.13 -23.43
N GLN B 339 28.83 17.14 -23.92
CA GLN B 339 28.29 16.01 -24.66
C GLN B 339 29.09 15.75 -25.94
N ALA B 340 28.83 14.59 -26.54
CA ALA B 340 29.51 14.18 -27.77
C ALA B 340 28.55 14.23 -28.97
N ARG B 346 23.02 16.01 -26.29
CA ARG B 346 22.07 17.09 -26.10
C ARG B 346 20.79 16.60 -25.43
N TRP B 347 20.44 15.34 -25.67
CA TRP B 347 19.22 14.75 -25.13
C TRP B 347 19.55 14.08 -23.81
N ILE B 348 19.65 14.91 -22.76
CA ILE B 348 19.96 14.39 -21.43
C ILE B 348 18.75 13.83 -20.71
N GLN B 349 17.55 14.04 -21.25
CA GLN B 349 16.34 13.46 -20.69
C GLN B 349 15.97 12.13 -21.34
N ASP B 350 16.71 11.71 -22.37
CA ASP B 350 16.42 10.46 -23.06
C ASP B 350 17.31 9.31 -22.60
N GLU B 351 18.44 9.61 -21.96
CA GLU B 351 19.39 8.56 -21.60
C GLU B 351 19.17 8.01 -20.20
N MET B 352 18.64 8.81 -19.28
CA MET B 352 18.52 8.40 -17.90
C MET B 352 17.20 8.89 -17.31
N GLU B 353 16.71 8.15 -16.32
CA GLU B 353 15.57 8.57 -15.51
C GLU B 353 15.97 8.46 -14.04
N LEU B 354 15.78 9.54 -13.29
CA LEU B 354 16.28 9.63 -11.92
C LEU B 354 15.16 9.33 -10.95
N GLY B 355 15.09 8.07 -10.47
CA GLY B 355 14.18 7.70 -9.42
C GLY B 355 14.90 7.49 -8.10
N TYR B 356 14.29 6.68 -7.23
CA TYR B 356 14.91 6.39 -5.95
C TYR B 356 14.38 5.08 -5.42
N VAL B 357 15.08 4.55 -4.42
CA VAL B 357 14.68 3.34 -3.70
C VAL B 357 14.71 3.65 -2.21
N GLN B 358 13.62 3.32 -1.51
CA GLN B 358 13.40 3.79 -0.15
C GLN B 358 13.56 2.63 0.84
N ALA B 359 14.22 2.92 1.97
CA ALA B 359 14.43 1.98 3.05
C ALA B 359 14.25 2.70 4.36
N PRO B 360 13.83 1.99 5.43
CA PRO B 360 13.63 2.65 6.73
C PRO B 360 14.91 3.20 7.35
N HIS B 361 16.09 2.90 6.79
CA HIS B 361 17.35 3.41 7.32
C HIS B 361 18.05 4.36 6.37
N LYS B 362 18.17 4.01 5.08
CA LYS B 362 18.88 4.85 4.11
C LYS B 362 18.15 4.76 2.77
N THR B 363 17.41 5.82 2.43
CA THR B 363 16.77 5.93 1.12
C THR B 363 17.72 6.64 0.16
N LEU B 364 18.11 5.96 -0.90
CA LEU B 364 19.08 6.53 -1.82
C LEU B 364 18.47 6.72 -3.22
N PRO B 365 18.83 7.80 -3.91
CA PRO B 365 18.37 7.96 -5.29
C PRO B 365 19.09 6.99 -6.22
N VAL B 366 18.39 6.58 -7.27
CA VAL B 366 18.90 5.60 -8.22
C VAL B 366 18.61 6.09 -9.64
N VAL B 367 19.61 6.04 -10.49
CA VAL B 367 19.45 6.33 -11.91
C VAL B 367 19.08 5.03 -12.63
N PHE B 368 18.18 5.15 -13.59
CA PHE B 368 17.83 4.08 -14.51
C PHE B 368 18.33 4.48 -15.88
N ASP B 369 19.25 3.69 -16.42
CA ASP B 369 19.89 3.98 -17.70
C ASP B 369 19.08 3.35 -18.82
N SER B 370 18.78 4.14 -19.83
CA SER B 370 17.98 3.72 -20.97
C SER B 370 18.79 2.81 -21.89
N PRO B 371 18.13 1.92 -22.63
CA PRO B 371 18.83 1.19 -23.70
C PRO B 371 19.03 1.99 -24.97
N ARG B 372 18.60 3.25 -24.99
CA ARG B 372 18.91 4.17 -26.08
C ARG B 372 20.35 4.65 -25.86
N ASN B 373 21.30 4.00 -26.52
CA ASN B 373 22.71 4.28 -26.32
C ASN B 373 23.32 4.89 -27.58
N GLY B 374 24.46 5.55 -27.39
CA GLY B 374 25.18 6.11 -28.52
C GLY B 374 25.74 7.50 -28.34
N GLU B 375 25.04 8.35 -27.57
CA GLU B 375 25.50 9.71 -27.33
C GLU B 375 25.87 9.93 -25.87
N LEU B 376 24.95 9.65 -24.95
CA LEU B 376 25.20 9.80 -23.52
C LEU B 376 25.32 8.46 -22.81
N GLN B 377 25.68 7.40 -23.55
CA GLN B 377 25.73 6.06 -22.98
C GLN B 377 26.70 5.94 -21.82
N ASP B 378 27.68 6.85 -21.72
CA ASP B 378 28.67 6.80 -20.66
C ASP B 378 28.34 7.69 -19.47
N PHE B 379 27.45 8.66 -19.65
CA PHE B 379 27.18 9.62 -18.56
C PHE B 379 26.65 8.95 -17.30
N PRO B 380 25.60 8.11 -17.35
CA PRO B 380 25.12 7.52 -16.08
C PRO B 380 26.14 6.61 -15.43
N TYR B 381 26.68 5.64 -16.17
CA TYR B 381 27.59 4.65 -15.58
C TYR B 381 28.95 5.23 -15.25
N LYS B 382 29.26 6.46 -15.66
CA LYS B 382 30.56 7.06 -15.40
C LYS B 382 30.51 8.19 -14.38
N ARG B 383 29.62 9.17 -14.56
CA ARG B 383 29.68 10.40 -13.77
C ARG B 383 28.35 10.74 -13.12
N ILE B 384 27.52 9.75 -12.80
CA ILE B 384 26.28 10.02 -12.08
C ILE B 384 26.09 9.16 -10.84
N LEU B 385 26.76 8.02 -10.70
CA LEU B 385 26.59 7.18 -9.52
C LEU B 385 27.67 7.56 -8.50
N GLY B 386 27.33 8.51 -7.63
CA GLY B 386 28.21 8.94 -6.58
C GLY B 386 28.13 8.01 -5.38
N PRO B 387 28.42 8.53 -4.19
CA PRO B 387 28.30 7.71 -2.97
C PRO B 387 26.89 7.18 -2.78
N ASP B 388 25.91 8.07 -2.64
CA ASP B 388 24.52 7.69 -2.54
C ASP B 388 23.82 7.93 -3.88
N PHE B 389 24.12 7.07 -4.84
CA PHE B 389 23.47 7.13 -6.15
C PHE B 389 23.56 5.75 -6.79
N GLY B 390 22.47 4.98 -6.70
CA GLY B 390 22.45 3.67 -7.31
C GLY B 390 22.33 3.73 -8.82
N TYR B 391 22.69 2.63 -9.46
CA TYR B 391 22.64 2.52 -10.91
C TYR B 391 21.93 1.23 -11.30
N VAL B 392 20.94 1.34 -12.19
CA VAL B 392 20.26 0.16 -12.73
C VAL B 392 20.06 0.40 -14.22
N THR B 393 20.10 -0.68 -15.00
CA THR B 393 19.95 -0.58 -16.44
C THR B 393 19.39 -1.89 -16.98
N ARG B 394 18.75 -1.80 -18.15
CA ARG B 394 18.14 -2.96 -18.80
C ARG B 394 18.46 -2.93 -20.29
N GLU B 395 19.11 -3.99 -20.78
CA GLU B 395 19.43 -4.14 -22.19
C GLU B 395 18.77 -5.40 -22.72
N PRO B 396 18.05 -5.32 -23.84
CA PRO B 396 17.33 -6.50 -24.35
C PRO B 396 18.16 -7.43 -25.21
N ARG B 397 19.48 -7.30 -25.18
CA ARG B 397 20.34 -8.15 -26.01
C ARG B 397 20.30 -9.60 -25.56
N SER B 400 17.03 -9.99 -29.48
CA SER B 400 17.26 -8.58 -29.21
C SER B 400 16.21 -7.68 -29.85
N VAL B 401 15.41 -7.01 -29.02
CA VAL B 401 14.47 -6.01 -29.50
C VAL B 401 15.02 -4.62 -29.20
N SER B 402 15.74 -4.05 -30.17
CA SER B 402 16.46 -2.80 -29.96
C SER B 402 15.53 -1.69 -29.49
N GLY B 403 16.09 -0.78 -28.69
CA GLY B 403 15.31 0.31 -28.13
C GLY B 403 15.11 1.41 -29.13
N LEU B 404 13.85 1.83 -29.31
CA LEU B 404 13.49 2.96 -30.17
C LEU B 404 12.77 4.08 -29.43
N ASP B 405 12.17 3.80 -28.28
CA ASP B 405 11.59 4.82 -27.42
C ASP B 405 12.49 5.03 -26.21
N SER B 406 12.84 6.29 -25.95
CA SER B 406 13.82 6.66 -24.95
C SER B 406 13.13 6.98 -23.63
N PHE B 407 13.93 7.36 -22.62
CA PHE B 407 13.41 7.76 -21.32
C PHE B 407 12.79 9.15 -21.31
N GLY B 408 12.67 9.80 -22.46
CA GLY B 408 11.70 10.89 -22.55
C GLY B 408 10.29 10.37 -22.66
N ASN B 409 10.15 9.14 -23.17
CA ASN B 409 8.87 8.46 -23.24
C ASN B 409 8.41 7.93 -21.88
N LEU B 410 9.27 7.99 -20.87
CA LEU B 410 9.01 7.43 -19.55
C LEU B 410 8.81 8.58 -18.55
N GLU B 411 7.59 8.74 -18.06
CA GLU B 411 7.27 9.78 -17.08
C GLU B 411 6.42 9.18 -15.97
N VAL B 412 6.01 10.03 -15.03
CA VAL B 412 5.26 9.57 -13.86
C VAL B 412 4.28 10.67 -13.47
N SER B 413 3.07 10.24 -13.04
CA SER B 413 1.99 11.14 -12.66
C SER B 413 2.03 11.42 -11.17
N PRO B 414 1.35 12.49 -10.73
CA PRO B 414 1.23 12.76 -9.29
C PRO B 414 0.30 11.75 -8.63
N PRO B 415 0.21 11.76 -7.31
CA PRO B 415 -0.74 10.85 -6.63
C PRO B 415 -2.17 11.10 -7.11
N VAL B 416 -2.88 10.01 -7.38
CA VAL B 416 -4.21 10.06 -7.98
C VAL B 416 -5.11 9.03 -7.31
N VAL B 417 -6.38 9.04 -7.70
CA VAL B 417 -7.36 8.06 -7.26
C VAL B 417 -8.21 7.69 -8.47
N ALA B 418 -8.22 6.40 -8.83
CA ALA B 418 -8.97 5.98 -10.00
C ALA B 418 -9.33 4.51 -9.85
N ASN B 419 -10.45 4.13 -10.48
CA ASN B 419 -10.96 2.77 -10.44
C ASN B 419 -11.21 2.29 -9.01
N GLY B 420 -11.47 3.23 -8.10
CA GLY B 420 -11.61 2.90 -6.70
C GLY B 420 -10.26 2.86 -5.99
N LYS B 421 -9.24 2.41 -6.70
CA LYS B 421 -7.91 2.29 -6.12
C LYS B 421 -7.30 3.67 -5.91
N GLU B 422 -6.34 3.73 -4.99
CA GLU B 422 -5.59 4.95 -4.71
C GLU B 422 -4.13 4.72 -5.07
N TYR B 423 -3.56 5.65 -5.83
CA TYR B 423 -2.16 5.60 -6.25
C TYR B 423 -1.43 6.75 -5.57
N PRO B 424 -0.92 6.54 -4.35
CA PRO B 424 -0.25 7.63 -3.62
C PRO B 424 1.15 7.93 -4.11
N LEU B 425 1.73 7.08 -4.96
CA LEU B 425 3.01 7.37 -5.60
C LEU B 425 2.84 7.66 -7.08
N GLY B 426 1.61 7.92 -7.52
CA GLY B 426 1.35 8.17 -8.92
C GLY B 426 1.41 6.88 -9.73
N ARG B 427 1.27 7.04 -11.03
CA ARG B 427 1.35 5.92 -11.97
C ARG B 427 2.39 6.24 -13.03
N ILE B 428 3.00 5.18 -13.56
CA ILE B 428 4.00 5.32 -14.60
C ILE B 428 3.29 5.54 -15.93
N LEU B 429 3.88 6.39 -16.78
CA LEU B 429 3.35 6.70 -18.09
C LEU B 429 4.42 6.38 -19.12
N ILE B 430 4.11 5.46 -20.02
CA ILE B 430 4.99 5.09 -21.12
C ILE B 430 4.19 5.11 -22.41
N GLY B 431 4.91 5.18 -23.52
CA GLY B 431 4.29 5.31 -24.82
C GLY B 431 4.24 3.99 -25.56
N GLY B 432 3.46 3.98 -26.63
CA GLY B 432 3.28 2.78 -27.42
C GLY B 432 2.29 2.98 -28.55
N ASN B 433 1.59 1.91 -28.91
CA ASN B 433 0.61 1.93 -29.97
C ASN B 433 -0.74 1.50 -29.40
N LEU B 434 -1.80 1.82 -30.15
CA LEU B 434 -3.16 1.55 -29.74
C LEU B 434 -3.40 0.04 -29.71
N PRO B 435 -4.48 -0.42 -29.06
CA PRO B 435 -4.75 -1.86 -29.02
C PRO B 435 -5.25 -2.34 -30.37
N GLY B 436 -4.41 -3.07 -31.08
CA GLY B 436 -4.66 -3.43 -32.45
C GLY B 436 -3.84 -2.67 -33.48
N SER B 437 -2.85 -1.89 -33.04
CA SER B 437 -1.97 -1.17 -33.96
C SER B 437 -0.55 -1.74 -33.91
N ARG B 440 4.88 0.14 -33.11
CA ARG B 440 6.04 0.48 -32.29
C ARG B 440 5.65 0.47 -30.80
N ARG B 441 6.56 -0.03 -29.98
CA ARG B 441 6.31 -0.16 -28.55
C ARG B 441 7.64 -0.18 -27.82
N VAL B 442 7.63 0.35 -26.58
CA VAL B 442 8.82 0.31 -25.75
C VAL B 442 9.20 -1.14 -25.48
N THR B 443 10.50 -1.39 -25.33
CA THR B 443 11.03 -2.74 -25.18
C THR B 443 10.34 -3.49 -24.04
N GLN B 444 10.26 -4.82 -24.19
CA GLN B 444 9.54 -5.63 -23.21
C GLN B 444 10.28 -5.71 -21.88
N VAL B 445 11.61 -5.63 -21.89
CA VAL B 445 12.36 -5.75 -20.63
C VAL B 445 12.10 -4.53 -19.74
N VAL B 446 12.08 -3.34 -20.33
CA VAL B 446 11.79 -2.13 -19.56
C VAL B 446 10.36 -2.17 -19.04
N ARG B 447 9.42 -2.62 -19.88
CA ARG B 447 8.03 -2.77 -19.42
C ARG B 447 7.94 -3.72 -18.26
N ASP B 448 8.63 -4.86 -18.34
CA ASP B 448 8.58 -5.85 -17.26
C ASP B 448 9.18 -5.29 -15.98
N PHE B 449 10.28 -4.56 -16.09
CA PHE B 449 10.86 -3.92 -14.91
C PHE B 449 9.88 -2.94 -14.26
N LEU B 450 9.32 -2.04 -15.07
CA LEU B 450 8.41 -1.03 -14.53
C LEU B 450 7.17 -1.67 -13.91
N HIS B 451 6.62 -2.70 -14.56
CA HIS B 451 5.45 -3.37 -14.01
C HIS B 451 5.79 -4.18 -12.76
N ALA B 452 7.04 -4.65 -12.66
CA ALA B 452 7.44 -5.45 -11.50
C ALA B 452 7.80 -4.59 -10.31
N GLN B 453 8.04 -3.29 -10.51
CA GLN B 453 8.19 -2.41 -9.35
C GLN B 453 6.91 -2.36 -8.51
N LYS B 454 5.75 -2.56 -9.14
CA LYS B 454 4.48 -2.86 -8.48
C LYS B 454 3.91 -1.69 -7.67
N VAL B 455 4.65 -0.60 -7.54
CA VAL B 455 4.21 0.50 -6.68
C VAL B 455 3.61 1.66 -7.46
N GLN B 456 3.83 1.73 -8.76
CA GLN B 456 3.27 2.77 -9.62
C GLN B 456 2.74 2.11 -10.89
N PRO B 457 1.56 1.49 -10.82
CA PRO B 457 1.09 0.67 -11.94
C PRO B 457 1.05 1.46 -13.24
N PRO B 458 1.87 1.08 -14.21
CA PRO B 458 2.02 1.89 -15.43
C PRO B 458 0.74 1.93 -16.25
N VAL B 459 0.66 2.96 -17.09
CA VAL B 459 -0.42 3.15 -18.04
C VAL B 459 0.22 3.35 -19.41
N GLU B 460 0.07 2.37 -20.29
CA GLU B 460 0.63 2.46 -21.63
C GLU B 460 -0.27 3.34 -22.49
N LEU B 461 0.33 4.32 -23.16
CA LEU B 461 -0.40 5.34 -23.89
C LEU B 461 -0.15 5.21 -25.39
N PHE B 462 -0.77 6.11 -26.14
CA PHE B 462 -0.66 6.17 -27.59
C PHE B 462 0.27 7.31 -27.95
N VAL B 463 1.48 6.97 -28.42
CA VAL B 463 2.48 7.98 -28.74
C VAL B 463 3.10 7.69 -30.10
N ASP B 464 2.72 6.55 -30.70
CA ASP B 464 3.32 6.11 -31.96
C ASP B 464 3.07 7.06 -33.12
N TRP B 465 2.14 8.00 -32.99
CA TRP B 465 1.83 8.91 -34.08
C TRP B 465 2.86 10.03 -34.23
N LEU B 466 3.67 10.29 -33.20
CA LEU B 466 4.68 11.33 -33.27
C LEU B 466 5.92 10.82 -33.97
N ALA B 467 6.74 11.76 -34.45
CA ALA B 467 7.97 11.39 -35.16
C ALA B 467 8.91 10.59 -34.25
N VAL B 468 9.35 11.20 -33.15
CA VAL B 468 10.16 10.46 -32.20
C VAL B 468 9.26 9.66 -31.24
N GLY B 469 8.10 10.19 -30.89
CA GLY B 469 7.12 9.44 -30.13
C GLY B 469 7.45 9.25 -28.67
N HIS B 470 7.53 10.35 -27.92
CA HIS B 470 7.77 10.31 -26.49
C HIS B 470 6.59 10.96 -25.77
N VAL B 471 6.23 10.41 -24.61
CA VAL B 471 5.04 10.86 -23.90
C VAL B 471 5.15 12.35 -23.57
N ASP B 472 6.35 12.81 -23.18
CA ASP B 472 6.50 14.19 -22.76
C ASP B 472 6.35 15.20 -23.89
N GLU B 473 6.09 14.74 -25.12
CA GLU B 473 5.89 15.67 -26.23
C GLU B 473 4.52 16.33 -26.21
N PHE B 474 3.53 15.69 -25.59
CA PHE B 474 2.18 16.24 -25.52
C PHE B 474 1.61 16.34 -24.11
N LEU B 475 2.27 15.77 -23.11
CA LEU B 475 1.71 15.68 -21.77
C LEU B 475 2.74 16.16 -20.75
N SER B 476 2.31 17.01 -19.82
CA SER B 476 3.20 17.46 -18.76
C SER B 476 2.40 17.84 -17.53
N PHE B 477 2.85 17.38 -16.37
CA PHE B 477 2.20 17.73 -15.12
C PHE B 477 2.89 18.93 -14.50
N VAL B 478 2.10 19.81 -13.88
CA VAL B 478 2.64 21.05 -13.31
C VAL B 478 2.07 21.25 -11.92
N PRO B 479 2.87 21.67 -10.95
CA PRO B 479 2.32 21.91 -9.60
C PRO B 479 1.50 23.21 -9.57
N ALA B 480 0.36 23.13 -8.90
CA ALA B 480 -0.52 24.29 -8.76
C ALA B 480 -1.31 24.18 -7.46
N PRO B 481 -1.14 25.11 -6.53
CA PRO B 481 -1.83 25.01 -5.24
C PRO B 481 -3.32 25.26 -5.35
N ASP B 482 -4.04 24.35 -6.01
CA ASP B 482 -5.48 24.47 -6.19
C ASP B 482 -6.00 23.18 -6.81
N GLY B 483 -7.23 22.82 -6.43
CA GLY B 483 -7.96 21.74 -7.09
C GLY B 483 -7.51 20.36 -6.66
N LYS B 484 -6.34 19.92 -7.15
CA LYS B 484 -5.78 18.64 -6.76
C LYS B 484 -4.29 18.75 -6.47
N GLY B 485 -3.75 19.96 -6.30
CA GLY B 485 -2.33 20.16 -6.13
C GLY B 485 -1.55 20.23 -7.43
N PHE B 486 -2.15 19.85 -8.55
CA PHE B 486 -1.44 19.82 -9.82
C PHE B 486 -2.43 20.03 -10.96
N ARG B 487 -1.88 20.33 -12.14
CA ARG B 487 -2.64 20.44 -13.37
C ARG B 487 -1.95 19.63 -14.45
N MET B 488 -2.73 18.86 -15.20
CA MET B 488 -2.21 18.14 -16.36
C MET B 488 -2.37 19.02 -17.60
N LEU B 489 -1.26 19.28 -18.28
CA LEU B 489 -1.23 20.13 -19.45
C LEU B 489 -1.05 19.25 -20.69
N LEU B 490 -1.95 19.42 -21.65
CA LEU B 490 -1.92 18.67 -22.90
C LEU B 490 -1.79 19.62 -24.07
N ALA B 491 -0.93 19.27 -25.03
CA ALA B 491 -0.87 20.03 -26.27
C ALA B 491 -2.18 19.86 -27.03
N SER B 492 -2.69 20.96 -27.59
CA SER B 492 -3.96 20.92 -28.29
C SER B 492 -3.94 21.83 -29.51
N PRO B 493 -3.94 21.26 -30.72
CA PRO B 493 -4.09 22.11 -31.92
C PRO B 493 -5.36 22.93 -31.91
N GLY B 494 -6.41 22.47 -31.23
CA GLY B 494 -7.63 23.25 -31.15
C GLY B 494 -7.47 24.53 -30.35
N ALA B 495 -6.63 24.51 -29.33
CA ALA B 495 -6.34 25.74 -28.59
C ALA B 495 -5.69 26.77 -29.49
N CYS B 496 -4.74 26.35 -30.34
CA CYS B 496 -4.13 27.25 -31.29
C CYS B 496 -5.13 27.70 -32.34
N PHE B 497 -6.03 26.81 -32.75
CA PHE B 497 -7.13 27.19 -33.64
C PHE B 497 -7.92 28.36 -33.04
N LYS B 498 -8.38 28.18 -31.79
CA LYS B 498 -9.17 29.22 -31.15
C LYS B 498 -8.38 30.52 -31.00
N LEU B 499 -7.11 30.43 -30.61
CA LEU B 499 -6.31 31.63 -30.42
C LEU B 499 -6.12 32.38 -31.72
N PHE B 500 -5.72 31.67 -32.79
CA PHE B 500 -5.51 32.32 -34.07
C PHE B 500 -6.80 32.86 -34.66
N GLN B 501 -7.93 32.18 -34.43
CA GLN B 501 -9.20 32.69 -34.95
C GLN B 501 -9.64 33.95 -34.20
N GLU B 502 -9.50 33.95 -32.87
CA GLU B 502 -9.85 35.14 -32.10
C GLU B 502 -8.92 36.30 -32.41
N LYS B 503 -7.67 36.01 -32.80
CA LYS B 503 -6.77 37.09 -33.23
C LYS B 503 -7.09 37.56 -34.64
N GLN B 504 -7.54 36.67 -35.51
CA GLN B 504 -8.03 37.09 -36.82
C GLN B 504 -9.22 38.02 -36.68
N LYS B 505 -10.14 37.69 -35.76
CA LYS B 505 -11.31 38.53 -35.54
C LYS B 505 -10.96 39.93 -35.06
N CYS B 506 -9.71 40.19 -34.70
CA CYS B 506 -9.24 41.52 -34.36
C CYS B 506 -8.59 42.24 -35.53
N GLY B 507 -8.01 41.51 -36.48
CA GLY B 507 -7.34 42.09 -37.62
C GLY B 507 -5.85 41.84 -37.68
N HIS B 508 -5.29 41.10 -36.73
CA HIS B 508 -3.86 40.81 -36.69
C HIS B 508 -3.48 39.56 -37.48
N GLY B 509 -4.28 39.17 -38.47
CA GLY B 509 -3.94 38.02 -39.28
C GLY B 509 -2.64 38.16 -40.04
N ARG B 510 -2.23 39.40 -40.32
CA ARG B 510 -0.96 39.66 -40.99
C ARG B 510 0.22 39.66 -40.04
N ALA B 511 0.01 39.35 -38.76
CA ALA B 511 1.12 39.19 -37.84
C ALA B 511 1.86 37.89 -38.11
N LEU B 512 3.19 37.94 -38.03
CA LEU B 512 4.03 36.83 -38.45
C LEU B 512 4.55 36.05 -37.24
N LEU B 513 4.70 34.74 -37.43
CA LEU B 513 5.15 33.88 -36.34
C LEU B 513 6.65 33.93 -36.16
N PHE B 514 7.40 33.45 -37.15
CA PHE B 514 8.85 33.30 -37.04
C PHE B 514 9.58 34.59 -37.41
N GLN B 515 9.19 35.70 -36.78
CA GLN B 515 9.75 36.99 -37.15
C GLN B 515 11.14 37.17 -36.56
N GLY B 516 11.25 37.20 -35.24
CA GLY B 516 12.55 37.31 -34.61
C GLY B 516 13.16 35.94 -34.37
N VAL B 517 14.00 35.49 -35.30
CA VAL B 517 14.63 34.19 -35.22
C VAL B 517 15.75 34.10 -36.25
N VAL B 518 16.75 33.26 -35.98
CA VAL B 518 17.79 32.97 -36.97
C VAL B 518 17.09 32.26 -38.14
N ASP B 519 17.04 32.93 -39.29
CA ASP B 519 16.21 32.49 -40.41
C ASP B 519 17.01 31.61 -41.36
N ASP B 520 16.52 30.39 -41.57
CA ASP B 520 17.11 29.44 -42.51
C ASP B 520 16.51 29.64 -43.89
N VAL B 523 13.81 29.16 -41.44
CA VAL B 523 12.41 28.84 -41.72
C VAL B 523 11.66 30.10 -42.14
N LYS B 524 10.93 29.99 -43.25
CA LYS B 524 10.24 31.16 -43.81
C LYS B 524 9.10 31.59 -42.89
N THR B 525 8.95 32.90 -42.74
CA THR B 525 8.01 33.49 -41.79
C THR B 525 6.59 33.38 -42.29
N ILE B 526 5.78 32.55 -41.61
CA ILE B 526 4.37 32.35 -41.94
C ILE B 526 3.53 33.28 -41.09
N SER B 527 2.35 33.66 -41.59
CA SER B 527 1.43 34.53 -40.88
C SER B 527 0.21 33.75 -40.42
N ILE B 528 -0.61 34.41 -39.59
CA ILE B 528 -1.79 33.76 -39.03
C ILE B 528 -2.78 33.38 -40.13
N ASN B 529 -3.01 34.28 -41.09
CA ASN B 529 -3.93 34.00 -42.18
C ASN B 529 -3.44 32.84 -43.03
N GLN B 530 -2.12 32.74 -43.23
CA GLN B 530 -1.59 31.62 -44.00
C GLN B 530 -1.76 30.30 -43.27
N VAL B 531 -1.63 30.31 -41.95
CA VAL B 531 -1.79 29.08 -41.18
C VAL B 531 -3.25 28.63 -41.15
N LEU B 532 -4.15 29.56 -40.84
CA LEU B 532 -5.56 29.20 -40.68
C LEU B 532 -6.19 28.78 -42.01
N SER B 533 -5.70 29.29 -43.13
CA SER B 533 -6.25 29.00 -44.44
C SER B 533 -5.45 27.96 -45.21
N ASN B 534 -4.67 27.14 -44.51
CA ASN B 534 -3.89 26.06 -45.13
C ASN B 534 -4.59 24.75 -44.78
N LYS B 535 -5.30 24.18 -45.76
CA LYS B 535 -6.18 23.05 -45.47
C LYS B 535 -5.42 21.83 -45.01
N ASP B 536 -4.28 21.52 -45.64
CA ASP B 536 -3.52 20.34 -45.25
C ASP B 536 -3.03 20.45 -43.81
N LEU B 537 -2.46 21.60 -43.45
CA LEU B 537 -1.97 21.79 -42.09
C LEU B 537 -3.10 21.70 -41.07
N ILE B 538 -4.24 22.30 -41.37
CA ILE B 538 -5.36 22.29 -40.44
C ILE B 538 -5.90 20.88 -40.25
N ASN B 539 -6.03 20.13 -41.35
CA ASN B 539 -6.54 18.76 -41.24
C ASN B 539 -5.56 17.86 -40.49
N TYR B 540 -4.26 18.04 -40.75
CA TYR B 540 -3.27 17.25 -40.03
C TYR B 540 -3.29 17.58 -38.54
N ASN B 541 -3.47 18.85 -38.19
CA ASN B 541 -3.58 19.21 -36.79
C ASN B 541 -4.87 18.69 -36.17
N LYS B 542 -5.94 18.58 -36.96
CA LYS B 542 -7.16 17.95 -36.45
C LYS B 542 -6.94 16.48 -36.13
N PHE B 543 -6.23 15.77 -37.01
CA PHE B 543 -5.89 14.38 -36.74
C PHE B 543 -5.01 14.27 -35.50
N VAL B 544 -4.02 15.16 -35.38
CA VAL B 544 -3.15 15.18 -34.20
C VAL B 544 -3.98 15.39 -32.94
N GLN B 545 -4.92 16.33 -32.97
CA GLN B 545 -5.74 16.59 -31.80
C GLN B 545 -6.65 15.41 -31.49
N SER B 546 -7.09 14.67 -32.50
CA SER B 546 -7.88 13.47 -32.23
C SER B 546 -7.03 12.43 -31.47
N CYS B 547 -5.78 12.25 -31.90
CA CYS B 547 -4.87 11.36 -31.16
C CYS B 547 -4.70 11.82 -29.72
N ILE B 548 -4.44 13.12 -29.54
CA ILE B 548 -4.23 13.66 -28.21
C ILE B 548 -5.51 13.55 -27.37
N ASP B 549 -6.68 13.59 -28.02
CA ASP B 549 -7.93 13.44 -27.29
C ASP B 549 -8.15 12.01 -26.84
N TRP B 550 -7.77 11.03 -27.66
CA TRP B 550 -7.78 9.65 -27.21
C TRP B 550 -6.91 9.47 -25.97
N ASN B 551 -5.67 9.98 -26.05
CA ASN B 551 -4.80 9.95 -24.87
C ASN B 551 -5.42 10.71 -23.70
N ARG B 552 -6.16 11.77 -23.98
CA ARG B 552 -6.78 12.58 -22.93
C ARG B 552 -7.84 11.80 -22.18
N GLU B 553 -8.72 11.10 -22.91
CA GLU B 553 -9.74 10.31 -22.24
CA GLU B 553 -9.74 10.31 -22.24
C GLU B 553 -9.12 9.13 -21.48
N VAL B 554 -8.08 8.52 -22.05
CA VAL B 554 -7.41 7.44 -21.33
C VAL B 554 -6.77 7.97 -20.05
N LEU B 555 -6.20 9.18 -20.10
CA LEU B 555 -5.62 9.79 -18.91
C LEU B 555 -6.67 10.11 -17.87
N LYS B 556 -7.81 10.66 -18.30
CA LYS B 556 -8.89 10.96 -17.36
C LYS B 556 -9.43 9.69 -16.70
N ARG B 557 -9.47 8.59 -17.44
CA ARG B 557 -9.94 7.34 -16.83
C ARG B 557 -8.92 6.79 -15.86
N GLU B 558 -7.65 6.70 -16.27
CA GLU B 558 -6.64 6.03 -15.47
C GLU B 558 -6.06 6.90 -14.36
N LEU B 559 -6.37 8.20 -14.33
CA LEU B 559 -5.91 9.08 -13.27
C LEU B 559 -7.03 9.74 -12.49
N GLY B 560 -8.28 9.62 -12.94
CA GLY B 560 -9.39 10.20 -12.21
C GLY B 560 -9.41 11.70 -12.17
N LEU B 561 -8.94 12.37 -13.22
CA LEU B 561 -8.93 13.82 -13.29
C LEU B 561 -10.11 14.33 -14.10
N ALA B 562 -10.51 15.56 -13.80
CA ALA B 562 -11.59 16.24 -14.49
C ALA B 562 -11.01 17.38 -15.34
N GLU B 563 -11.92 18.10 -16.01
CA GLU B 563 -11.48 19.24 -16.82
C GLU B 563 -10.92 20.37 -15.97
N CYS B 564 -11.25 20.41 -14.67
CA CYS B 564 -10.68 21.42 -13.79
C CYS B 564 -9.18 21.26 -13.65
N ASP B 565 -8.66 20.05 -13.85
CA ASP B 565 -7.24 19.78 -13.74
C ASP B 565 -6.53 19.72 -15.08
N ILE B 566 -7.27 19.67 -16.19
CA ILE B 566 -6.69 19.56 -17.52
C ILE B 566 -6.69 20.92 -18.19
N ILE B 567 -5.51 21.36 -18.63
CA ILE B 567 -5.35 22.61 -19.35
C ILE B 567 -4.76 22.31 -20.72
N ASP B 568 -5.39 22.85 -21.77
CA ASP B 568 -4.92 22.68 -23.12
C ASP B 568 -4.00 23.84 -23.50
N ILE B 569 -2.84 23.51 -24.05
CA ILE B 569 -1.84 24.49 -24.45
C ILE B 569 -1.80 24.53 -25.97
N PRO B 570 -1.89 25.71 -26.58
CA PRO B 570 -1.90 25.78 -28.05
C PRO B 570 -0.59 25.29 -28.64
N GLN B 571 -0.70 24.37 -29.60
CA GLN B 571 0.47 23.80 -30.24
C GLN B 571 0.07 23.20 -31.59
N LEU B 572 0.74 23.63 -32.65
CA LEU B 572 0.56 23.06 -33.98
C LEU B 572 1.71 22.09 -34.28
N PHE B 573 1.51 21.29 -35.33
CA PHE B 573 2.47 20.23 -35.65
C PHE B 573 2.76 20.22 -37.14
N LYS B 574 4.06 20.15 -37.47
CA LYS B 574 4.51 19.97 -38.83
C LYS B 574 4.50 18.50 -39.21
N THR B 575 4.92 18.21 -40.44
CA THR B 575 5.11 16.84 -40.91
C THR B 575 5.79 16.88 -42.27
N GLU B 576 6.70 15.93 -42.49
CA GLU B 576 7.25 15.67 -43.81
C GLU B 576 6.97 14.24 -44.27
N ARG B 577 6.28 13.46 -43.45
CA ARG B 577 5.93 12.08 -43.73
C ARG B 577 4.60 11.82 -43.02
N LYS B 578 4.27 10.54 -42.82
CA LYS B 578 3.05 10.19 -42.11
C LYS B 578 3.15 10.38 -40.61
N LYS B 579 4.28 10.86 -40.09
CA LYS B 579 4.48 11.07 -38.67
C LYS B 579 4.65 12.56 -38.37
N ALA B 580 4.52 12.91 -37.09
CA ALA B 580 4.29 14.28 -36.66
C ALA B 580 5.49 14.86 -35.92
N THR B 581 5.90 16.06 -36.33
CA THR B 581 6.85 16.91 -35.61
C THR B 581 6.17 18.24 -35.29
N ALA B 582 6.82 19.03 -34.45
CA ALA B 582 6.25 20.29 -33.99
C ALA B 582 6.38 21.38 -35.04
N PHE B 583 5.34 22.22 -35.15
CA PHE B 583 5.38 23.33 -36.09
C PHE B 583 6.22 24.49 -35.55
N PHE B 584 5.82 25.05 -34.42
CA PHE B 584 6.60 25.99 -33.65
C PHE B 584 7.05 25.32 -32.35
N PRO B 585 8.02 25.91 -31.63
CA PRO B 585 8.52 25.27 -30.41
C PRO B 585 7.42 24.79 -29.48
N ASP B 586 7.54 23.54 -29.04
CA ASP B 586 6.49 22.91 -28.25
C ASP B 586 6.42 23.54 -26.86
N LEU B 587 5.26 24.10 -26.52
CA LEU B 587 5.12 24.80 -25.24
C LEU B 587 5.10 23.83 -24.07
N VAL B 588 4.34 22.73 -24.20
CA VAL B 588 4.48 21.60 -23.28
C VAL B 588 5.84 20.98 -23.59
N ASN B 589 6.26 20.02 -22.76
CA ASN B 589 7.64 19.56 -22.77
C ASN B 589 8.53 20.71 -22.33
N MET B 590 8.25 21.21 -21.13
CA MET B 590 9.00 22.29 -20.50
C MET B 590 9.66 21.77 -19.22
N LEU B 591 10.57 22.57 -18.68
CA LEU B 591 11.28 22.22 -17.45
C LEU B 591 10.51 22.81 -16.27
N VAL B 592 9.89 21.96 -15.45
CA VAL B 592 9.01 22.39 -14.38
C VAL B 592 9.74 22.14 -13.06
N LEU B 593 10.12 23.21 -12.36
CA LEU B 593 10.84 23.16 -11.10
C LEU B 593 10.01 23.95 -10.08
N GLY B 594 9.05 23.28 -9.46
CA GLY B 594 8.21 23.91 -8.47
C GLY B 594 7.52 25.18 -8.95
N LYS B 595 7.94 26.33 -8.42
CA LYS B 595 7.32 27.60 -8.75
C LYS B 595 7.83 28.19 -10.06
N HIS B 596 8.86 27.61 -10.67
CA HIS B 596 9.48 28.20 -11.85
C HIS B 596 9.52 27.18 -12.99
N LEU B 597 9.04 27.56 -14.16
CA LEU B 597 9.09 26.68 -15.31
C LEU B 597 9.71 27.39 -16.50
N GLY B 598 10.69 26.73 -17.10
CA GLY B 598 11.31 27.15 -18.34
C GLY B 598 10.64 26.53 -19.53
N ILE B 599 10.04 27.38 -20.37
CA ILE B 599 9.24 26.98 -21.51
C ILE B 599 9.97 27.36 -22.79
N PRO B 600 9.93 26.55 -23.84
CA PRO B 600 10.57 26.96 -25.10
C PRO B 600 9.88 28.19 -25.68
N LYS B 601 10.68 29.17 -26.09
CA LYS B 601 10.16 30.39 -26.67
C LYS B 601 9.44 30.04 -27.97
N PRO B 602 8.12 30.19 -28.03
CA PRO B 602 7.38 29.70 -29.20
C PRO B 602 7.61 30.50 -30.46
N PHE B 603 8.06 31.76 -30.34
CA PHE B 603 8.20 32.66 -31.48
C PHE B 603 6.89 32.72 -32.27
N GLY B 604 5.84 33.13 -31.57
CA GLY B 604 4.52 33.20 -32.15
C GLY B 604 4.26 34.54 -32.78
N PRO B 605 2.99 34.81 -33.13
CA PRO B 605 2.65 36.07 -33.80
C PRO B 605 2.76 37.25 -32.86
N ILE B 606 3.65 38.18 -33.19
CA ILE B 606 3.81 39.40 -32.41
C ILE B 606 2.67 40.35 -32.76
N ILE B 607 1.87 40.72 -31.76
CA ILE B 607 0.72 41.58 -31.96
C ILE B 607 0.95 42.96 -31.37
N ASN B 608 1.54 43.05 -30.19
CA ASN B 608 1.81 44.32 -29.53
C ASN B 608 3.23 44.32 -28.96
N GLY B 609 4.19 43.87 -29.77
CA GLY B 609 5.55 43.72 -29.34
C GLY B 609 5.82 42.50 -28.47
N CYS B 610 4.79 41.75 -28.11
CA CYS B 610 4.92 40.56 -27.29
C CYS B 610 4.23 39.40 -28.00
N CYS B 611 4.86 38.23 -27.92
CA CYS B 611 4.30 37.04 -28.57
C CYS B 611 2.96 36.67 -27.96
N CYS B 612 1.95 36.50 -28.81
CA CYS B 612 0.61 36.20 -28.30
C CYS B 612 0.53 34.79 -27.74
N LEU B 613 1.35 33.87 -28.26
CA LEU B 613 1.40 32.54 -27.67
C LEU B 613 1.95 32.59 -26.24
N GLU B 614 2.96 33.43 -26.01
CA GLU B 614 3.47 33.62 -24.66
C GLU B 614 2.40 34.25 -23.76
N GLU B 615 1.60 35.17 -24.32
CA GLU B 615 0.53 35.77 -23.53
C GLU B 615 -0.52 34.72 -23.13
N LYS B 616 -0.86 33.82 -24.06
CA LYS B 616 -1.81 32.76 -23.72
C LYS B 616 -1.23 31.80 -22.70
N VAL B 617 0.06 31.46 -22.84
CA VAL B 617 0.72 30.59 -21.87
C VAL B 617 0.69 31.22 -20.48
N ARG B 618 0.97 32.52 -20.40
CA ARG B 618 0.93 33.21 -19.12
C ARG B 618 -0.48 33.23 -18.56
N SER B 619 -1.46 33.60 -19.38
CA SER B 619 -2.86 33.60 -18.94
C SER B 619 -3.32 32.23 -18.47
N LEU B 620 -2.69 31.16 -18.93
CA LEU B 620 -3.08 29.83 -18.49
C LEU B 620 -2.30 29.35 -17.27
N LEU B 621 -1.05 29.77 -17.10
CA LEU B 621 -0.20 29.23 -16.05
C LEU B 621 0.01 30.17 -14.87
N GLU B 622 0.31 31.44 -15.11
CA GLU B 622 0.65 32.34 -14.02
C GLU B 622 -0.48 32.57 -13.00
N PRO B 623 -1.77 32.51 -13.34
CA PRO B 623 -2.80 32.57 -12.29
C PRO B 623 -2.70 31.45 -11.26
N LEU B 624 -1.91 30.41 -11.54
CA LEU B 624 -1.65 29.34 -10.58
C LEU B 624 -0.37 29.56 -9.78
N GLY B 625 0.11 30.81 -9.71
CA GLY B 625 1.30 31.14 -8.98
C GLY B 625 2.61 30.85 -9.69
N LEU B 626 2.58 30.05 -10.76
CA LEU B 626 3.80 29.69 -11.46
C LEU B 626 4.34 30.91 -12.23
N HIS B 627 5.63 30.84 -12.54
CA HIS B 627 6.31 31.89 -13.29
C HIS B 627 6.93 31.28 -14.54
N CYS B 628 6.55 31.83 -15.70
CA CYS B 628 6.91 31.25 -16.99
C CYS B 628 8.07 32.04 -17.58
N THR B 629 9.20 31.37 -17.79
CA THR B 629 10.35 32.00 -18.42
C THR B 629 10.65 31.26 -19.72
N PHE B 630 10.66 32.00 -20.83
CA PHE B 630 10.79 31.41 -22.15
C PHE B 630 12.23 31.49 -22.62
N ILE B 631 12.73 30.39 -23.16
CA ILE B 631 14.13 30.24 -23.55
C ILE B 631 14.22 30.17 -25.07
N ASP B 632 15.11 30.98 -25.64
CA ASP B 632 15.43 30.87 -27.07
C ASP B 632 16.18 29.57 -27.30
N ASP B 633 15.52 28.61 -27.96
CA ASP B 633 16.14 27.33 -28.26
C ASP B 633 15.86 26.88 -29.69
N PHE B 634 15.60 27.83 -30.59
CA PHE B 634 15.24 27.45 -31.96
C PHE B 634 16.42 26.87 -32.71
N THR B 635 17.61 27.43 -32.53
CA THR B 635 18.78 26.89 -33.20
C THR B 635 19.32 25.65 -32.50
N PRO B 636 19.48 25.64 -31.16
CA PRO B 636 20.00 24.43 -30.51
C PRO B 636 19.03 23.24 -30.61
N TYR B 637 17.75 23.48 -30.32
CA TYR B 637 16.74 22.43 -30.30
C TYR B 637 15.57 22.85 -31.19
N HIS B 638 14.55 22.00 -31.24
CA HIS B 638 13.31 22.23 -32.01
C HIS B 638 13.59 22.14 -33.50
N MET B 639 14.86 22.07 -33.89
CA MET B 639 15.26 21.71 -35.24
C MET B 639 15.80 20.29 -35.31
N LEU B 640 16.11 19.69 -34.17
CA LEU B 640 16.37 18.26 -34.06
C LEU B 640 15.26 17.55 -33.28
N HIS B 641 14.06 18.14 -33.31
CA HIS B 641 12.86 17.54 -32.72
C HIS B 641 12.97 17.40 -31.20
N GLY B 642 13.29 18.50 -30.54
CA GLY B 642 13.41 18.49 -29.09
C GLY B 642 13.20 19.87 -28.51
N GLU B 643 12.83 19.90 -27.23
CA GLU B 643 12.64 21.16 -26.52
C GLU B 643 13.44 21.19 -25.23
N VAL B 644 13.17 22.17 -24.36
CA VAL B 644 13.98 22.33 -23.14
C VAL B 644 13.88 21.09 -22.27
N HIS B 645 12.68 20.53 -22.10
CA HIS B 645 12.52 19.31 -21.32
C HIS B 645 13.31 18.16 -21.92
N CYS B 646 13.48 18.16 -23.24
CA CYS B 646 14.30 17.15 -23.89
C CYS B 646 15.78 17.31 -23.59
N GLY B 647 16.21 18.52 -23.22
CA GLY B 647 17.60 18.77 -22.88
C GLY B 647 17.86 18.98 -21.41
N THR B 648 16.87 18.75 -20.54
CA THR B 648 17.04 18.96 -19.10
C THR B 648 16.42 17.77 -18.37
N ASN B 649 17.24 17.12 -17.55
CA ASN B 649 16.79 16.11 -16.60
C ASN B 649 16.82 16.69 -15.21
N VAL B 650 16.15 16.03 -14.27
CA VAL B 650 16.07 16.52 -12.90
C VAL B 650 15.68 15.38 -11.98
N CYS B 651 16.34 15.33 -10.82
CA CYS B 651 15.93 14.47 -9.71
C CYS B 651 15.24 15.32 -8.66
N ARG B 652 14.30 14.69 -7.94
CA ARG B 652 13.43 15.43 -7.03
C ARG B 652 13.44 14.79 -5.66
N LYS B 653 12.94 15.54 -4.69
CA LYS B 653 12.83 15.06 -3.33
C LYS B 653 11.84 13.90 -3.28
N PRO B 654 12.18 12.79 -2.62
CA PRO B 654 11.27 11.64 -2.60
C PRO B 654 9.94 11.97 -1.95
N PHE B 655 8.96 11.10 -2.21
CA PHE B 655 7.64 11.25 -1.61
C PHE B 655 7.71 11.13 -0.10
N SER B 656 6.83 11.86 0.58
CA SER B 656 6.68 11.67 2.03
C SER B 656 5.97 10.35 2.33
N PHE B 657 5.06 9.92 1.46
CA PHE B 657 4.37 8.65 1.64
C PHE B 657 5.34 7.49 1.44
N LYS B 658 5.39 6.59 2.42
CA LYS B 658 6.29 5.45 2.36
C LYS B 658 5.65 4.31 1.58
N TRP B 659 6.48 3.60 0.82
CA TRP B 659 5.96 2.66 -0.18
C TRP B 659 5.43 1.36 0.42
N TRP B 660 5.78 1.04 1.67
CA TRP B 660 5.40 -0.27 2.20
C TRP B 660 3.92 -0.35 2.54
N ASN B 661 3.32 0.75 3.02
CA ASN B 661 1.89 0.77 3.33
C ASN B 661 1.09 1.26 2.12
N MET B 662 1.25 0.53 1.01
CA MET B 662 0.67 0.93 -0.27
C MET B 662 -0.52 0.07 -0.70
N VAL B 663 -0.68 -1.12 -0.13
CA VAL B 663 -1.73 -2.10 -0.45
C VAL B 663 -2.02 -2.14 -1.95
N PRO B 664 -1.10 -2.65 -2.78
CA PRO B 664 -1.32 -2.75 -4.23
C PRO B 664 -2.52 -3.62 -4.58
N MET C 1 -17.85 5.16 -16.20
CA MET C 1 -17.01 3.97 -15.99
C MET C 1 -17.06 3.07 -17.23
N SER C 2 -17.57 3.60 -18.32
CA SER C 2 -17.63 2.90 -19.60
C SER C 2 -16.62 3.53 -20.56
N LEU C 3 -16.62 3.04 -21.80
CA LEU C 3 -15.72 3.60 -22.81
C LEU C 3 -16.14 5.03 -23.15
N GLN C 4 -15.16 5.90 -23.31
CA GLN C 4 -15.37 7.31 -23.59
C GLN C 4 -14.66 7.66 -24.90
N ARG C 5 -15.38 8.32 -25.81
CA ARG C 5 -14.80 8.77 -27.07
C ARG C 5 -15.09 10.25 -27.25
N ILE C 6 -14.15 10.95 -27.89
CA ILE C 6 -14.30 12.36 -28.23
C ILE C 6 -14.18 12.49 -29.74
N VAL C 7 -15.27 12.90 -30.39
CA VAL C 7 -15.30 13.12 -31.83
C VAL C 7 -15.61 14.60 -32.05
N ARG C 8 -14.65 15.32 -32.63
CA ARG C 8 -14.79 16.75 -32.85
C ARG C 8 -15.36 17.04 -34.24
N VAL C 9 -16.14 18.11 -34.32
CA VAL C 9 -16.76 18.54 -35.57
C VAL C 9 -16.21 19.92 -35.94
N SER C 10 -16.51 20.33 -37.17
CA SER C 10 -16.07 21.62 -37.68
C SER C 10 -17.25 22.37 -38.25
N LEU C 11 -17.26 23.70 -38.06
CA LEU C 11 -18.33 24.54 -38.60
C LEU C 11 -18.24 24.71 -40.11
N GLU C 12 -17.20 24.18 -40.75
CA GLU C 12 -17.00 24.32 -42.18
C GLU C 12 -17.56 23.15 -42.98
N HIS C 13 -17.34 21.93 -42.52
CA HIS C 13 -17.78 20.72 -43.21
C HIS C 13 -18.26 19.70 -42.20
N PRO C 14 -19.27 18.90 -42.55
CA PRO C 14 -19.77 17.89 -41.62
C PRO C 14 -18.77 16.75 -41.44
N THR C 15 -18.96 16.01 -40.35
CA THR C 15 -18.13 14.86 -40.03
C THR C 15 -18.93 13.57 -40.26
N SER C 16 -18.23 12.46 -40.40
CA SER C 16 -18.82 11.18 -40.79
C SER C 16 -18.45 10.08 -39.79
N ALA C 17 -18.69 10.36 -38.51
CA ALA C 17 -18.18 9.48 -37.45
C ALA C 17 -18.87 8.12 -37.45
N VAL C 18 -18.09 7.10 -37.07
CA VAL C 18 -18.60 5.75 -36.86
C VAL C 18 -18.50 5.46 -35.37
N CYS C 19 -19.63 5.08 -34.77
CA CYS C 19 -19.70 4.83 -33.34
C CYS C 19 -20.17 3.41 -33.08
N VAL C 20 -19.93 2.94 -31.85
CA VAL C 20 -20.31 1.61 -31.42
C VAL C 20 -21.50 1.72 -30.48
N ALA C 21 -22.44 0.79 -30.63
CA ALA C 21 -23.67 0.83 -29.85
C ALA C 21 -23.36 0.79 -28.35
N GLY C 22 -24.07 1.62 -27.60
CA GLY C 22 -23.88 1.72 -26.17
C GLY C 22 -22.76 2.62 -25.72
N VAL C 23 -21.76 2.86 -26.57
CA VAL C 23 -20.60 3.67 -26.20
C VAL C 23 -20.97 5.16 -26.30
N GLU C 24 -20.52 5.93 -25.32
CA GLU C 24 -20.76 7.37 -25.31
C GLU C 24 -19.72 8.09 -26.16
N THR C 25 -20.14 9.20 -26.76
CA THR C 25 -19.24 10.03 -27.57
C THR C 25 -19.38 11.48 -27.15
N LEU C 26 -18.31 12.06 -26.64
CA LEU C 26 -18.28 13.50 -26.39
C LEU C 26 -18.16 14.24 -27.70
N VAL C 27 -18.93 15.31 -27.86
CA VAL C 27 -18.92 16.10 -29.09
C VAL C 27 -18.41 17.51 -28.78
N ASP C 28 -17.31 17.87 -29.42
CA ASP C 28 -16.78 19.23 -29.34
C ASP C 28 -16.42 19.71 -30.74
N ILE C 29 -15.79 20.87 -30.86
CA ILE C 29 -15.47 21.44 -32.17
C ILE C 29 -13.99 21.81 -32.23
N TYR C 30 -13.44 21.73 -33.44
CA TYR C 30 -12.15 22.36 -33.69
C TYR C 30 -12.34 23.86 -33.76
N GLY C 31 -11.45 24.60 -33.11
CA GLY C 31 -11.52 26.04 -33.16
C GLY C 31 -12.66 26.59 -32.31
N SER C 32 -12.93 27.86 -32.51
CA SER C 32 -13.88 28.59 -31.68
C SER C 32 -15.25 28.69 -32.35
N VAL C 33 -16.23 29.11 -31.57
CA VAL C 33 -17.60 29.29 -32.02
C VAL C 33 -17.67 30.64 -32.73
N PRO C 34 -18.79 30.98 -33.41
CA PRO C 34 -18.93 32.34 -33.95
C PRO C 34 -18.65 33.44 -32.94
N GLU C 35 -18.31 34.63 -33.43
CA GLU C 35 -17.79 35.68 -32.56
C GLU C 35 -18.80 36.11 -31.51
N GLY C 36 -20.08 36.15 -31.86
CA GLY C 36 -21.09 36.64 -30.94
C GLY C 36 -22.02 35.56 -30.42
N THR C 37 -21.49 34.38 -30.18
CA THR C 37 -22.32 33.25 -29.74
C THR C 37 -22.76 33.44 -28.29
N GLU C 38 -24.06 33.35 -28.06
CA GLU C 38 -24.62 33.42 -26.72
C GLU C 38 -25.40 32.17 -26.32
N MET C 39 -26.00 31.46 -27.27
CA MET C 39 -26.80 30.29 -26.98
C MET C 39 -26.53 29.22 -28.02
N PHE C 40 -27.09 28.04 -27.80
CA PHE C 40 -26.95 26.96 -28.77
C PHE C 40 -28.08 25.97 -28.59
N GLU C 41 -28.43 25.31 -29.68
CA GLU C 41 -29.37 24.20 -29.69
C GLU C 41 -28.69 22.98 -30.28
N VAL C 42 -29.14 21.79 -29.87
CA VAL C 42 -28.62 20.55 -30.42
C VAL C 42 -29.80 19.64 -30.72
N TYR C 43 -29.74 18.96 -31.87
CA TYR C 43 -30.82 18.11 -32.35
C TYR C 43 -30.23 16.81 -32.86
N GLY C 44 -31.00 15.74 -32.76
CA GLY C 44 -30.55 14.44 -33.19
C GLY C 44 -31.67 13.66 -33.86
N THR C 45 -31.27 12.84 -34.84
CA THR C 45 -32.10 11.86 -35.53
C THR C 45 -32.78 10.95 -34.50
N PRO C 46 -34.00 10.47 -34.76
CA PRO C 46 -34.60 9.46 -33.89
C PRO C 46 -33.66 8.29 -33.66
N GLY C 47 -33.59 7.84 -32.40
CA GLY C 47 -32.66 6.80 -32.02
C GLY C 47 -31.29 7.28 -31.62
N VAL C 48 -31.07 8.59 -31.58
CA VAL C 48 -29.80 9.18 -31.18
C VAL C 48 -30.05 9.98 -29.91
N ASP C 49 -29.42 9.55 -28.82
CA ASP C 49 -29.61 10.16 -27.51
C ASP C 49 -28.56 11.23 -27.28
N ILE C 50 -29.01 12.46 -27.04
CA ILE C 50 -28.14 13.62 -26.82
C ILE C 50 -28.34 14.09 -25.39
N TYR C 51 -27.26 14.17 -24.64
CA TYR C 51 -27.32 14.63 -23.26
C TYR C 51 -26.35 15.79 -23.06
N ILE C 52 -26.74 16.73 -22.21
CA ILE C 52 -25.88 17.85 -21.81
C ILE C 52 -25.50 17.65 -20.36
N SER C 53 -24.26 18.02 -20.01
CA SER C 53 -23.82 17.85 -18.63
C SER C 53 -22.65 18.77 -18.34
N PRO C 54 -22.57 19.35 -17.14
CA PRO C 54 -21.36 20.10 -16.79
C PRO C 54 -20.16 19.18 -16.62
N ASN C 55 -18.97 19.72 -16.89
CA ASN C 55 -17.76 18.92 -16.82
C ASN C 55 -17.32 18.61 -15.40
N MET C 56 -17.90 19.25 -14.39
CA MET C 56 -17.54 19.01 -13.01
C MET C 56 -18.37 17.89 -12.40
N GLU C 57 -19.69 18.04 -12.41
CA GLU C 57 -20.59 17.03 -11.87
C GLU C 57 -20.90 16.00 -12.96
N ARG C 58 -21.45 14.86 -12.53
CA ARG C 58 -21.74 13.78 -13.46
C ARG C 58 -23.22 13.44 -13.48
N GLY C 59 -24.06 14.46 -13.55
CA GLY C 59 -25.48 14.28 -13.78
C GLY C 59 -25.83 14.65 -15.20
N ARG C 60 -26.54 13.75 -15.88
CA ARG C 60 -26.90 13.91 -17.28
C ARG C 60 -28.31 14.46 -17.41
N GLU C 61 -28.55 15.15 -18.53
CA GLU C 61 -29.84 15.77 -18.81
C GLU C 61 -30.01 15.85 -20.32
N ARG C 62 -31.22 15.55 -20.78
CA ARG C 62 -31.51 15.60 -22.22
C ARG C 62 -31.27 17.00 -22.76
N ALA C 63 -30.62 17.08 -23.92
CA ALA C 63 -30.13 18.34 -24.44
C ALA C 63 -30.93 18.88 -25.62
N ASP C 64 -31.85 18.12 -26.18
CA ASP C 64 -32.55 18.50 -27.41
C ASP C 64 -33.96 19.02 -27.15
N THR C 65 -34.15 19.75 -26.05
CA THR C 65 -35.48 20.26 -25.69
C THR C 65 -35.49 21.75 -25.37
N ARG C 66 -34.34 22.42 -25.35
CA ARG C 66 -34.28 23.83 -25.00
C ARG C 66 -33.18 24.51 -25.80
N ARG C 67 -33.11 25.83 -25.65
CA ARG C 67 -32.01 26.64 -26.19
C ARG C 67 -31.09 26.96 -25.01
N TRP C 68 -29.91 26.37 -25.01
CA TRP C 68 -29.01 26.47 -23.86
C TRP C 68 -28.15 27.72 -23.98
N ARG C 69 -28.04 28.46 -22.87
CA ARG C 69 -27.03 29.51 -22.78
C ARG C 69 -25.65 28.90 -23.01
N PHE C 70 -24.84 29.54 -23.85
CA PHE C 70 -23.54 28.97 -24.18
C PHE C 70 -22.65 28.94 -22.95
N ASP C 71 -21.88 27.85 -22.83
CA ASP C 71 -20.99 27.67 -21.69
C ASP C 71 -19.92 26.67 -22.08
N ALA C 72 -18.66 27.08 -22.02
CA ALA C 72 -17.57 26.19 -22.42
C ALA C 72 -17.38 25.02 -21.46
N THR C 73 -17.91 25.12 -20.25
CA THR C 73 -17.80 24.05 -19.26
C THR C 73 -18.87 22.98 -19.42
N LEU C 74 -19.75 23.09 -20.42
CA LEU C 74 -20.74 22.07 -20.69
C LEU C 74 -20.21 21.10 -21.75
N GLU C 75 -20.74 19.88 -21.73
CA GLU C 75 -20.35 18.85 -22.66
C GLU C 75 -21.59 18.12 -23.14
N ILE C 76 -21.56 17.69 -24.40
CA ILE C 76 -22.66 16.96 -25.01
C ILE C 76 -22.21 15.54 -25.29
N ILE C 77 -23.03 14.59 -24.87
CA ILE C 77 -22.77 13.16 -25.00
C ILE C 77 -23.79 12.59 -25.98
N VAL C 78 -23.30 11.85 -26.97
CA VAL C 78 -24.15 11.20 -27.96
C VAL C 78 -24.04 9.71 -27.76
N VAL C 79 -25.18 9.03 -27.68
CA VAL C 79 -25.23 7.58 -27.51
C VAL C 79 -26.27 7.01 -28.47
N MET C 80 -25.91 5.95 -29.18
CA MET C 80 -26.84 5.20 -30.02
C MET C 80 -26.90 3.77 -29.51
N ASN C 81 -27.99 3.42 -28.84
CA ASN C 81 -28.12 2.08 -28.26
C ASN C 81 -28.52 1.02 -29.28
N SER C 82 -28.77 1.41 -30.53
CA SER C 82 -29.22 0.49 -31.56
C SER C 82 -28.41 0.70 -32.84
N PRO C 83 -28.07 -0.37 -33.54
CA PRO C 83 -27.23 -0.24 -34.75
C PRO C 83 -27.99 0.38 -35.91
N SER C 84 -27.23 0.98 -36.82
CA SER C 84 -27.79 1.62 -37.99
C SER C 84 -28.15 0.60 -39.06
N ASN C 85 -29.19 0.92 -39.84
CA ASN C 85 -29.54 0.08 -40.98
C ASN C 85 -28.78 0.45 -42.24
N ASP C 86 -28.34 1.71 -42.36
CA ASP C 86 -27.59 2.14 -43.52
C ASP C 86 -26.62 3.23 -43.11
N LEU C 87 -25.57 3.40 -43.92
CA LEU C 87 -24.49 4.32 -43.59
C LEU C 87 -25.01 5.75 -43.43
N ASN C 88 -24.70 6.36 -42.29
CA ASN C 88 -25.03 7.76 -42.00
C ASN C 88 -26.54 7.99 -42.02
N ASP C 89 -27.32 7.00 -41.60
CA ASP C 89 -28.77 7.16 -41.53
C ASP C 89 -29.21 7.99 -40.33
N SER C 90 -28.28 8.41 -39.48
CA SER C 90 -28.59 9.27 -38.34
C SER C 90 -27.54 10.37 -38.26
N HIS C 91 -27.88 11.45 -37.58
CA HIS C 91 -26.95 12.57 -37.50
C HIS C 91 -27.30 13.45 -36.30
N VAL C 92 -26.32 14.26 -35.91
CA VAL C 92 -26.47 15.26 -34.86
C VAL C 92 -26.16 16.62 -35.47
N GLN C 93 -26.95 17.63 -35.11
CA GLN C 93 -26.80 18.98 -35.63
C GLN C 93 -26.75 19.95 -34.46
N ILE C 94 -25.68 20.75 -34.41
CA ILE C 94 -25.49 21.75 -33.37
C ILE C 94 -25.58 23.11 -34.03
N SER C 95 -26.55 23.92 -33.60
CA SER C 95 -26.72 25.27 -34.11
C SER C 95 -26.34 26.27 -33.03
N TYR C 96 -25.61 27.31 -33.43
CA TYR C 96 -25.19 28.37 -32.51
C TYR C 96 -26.01 29.62 -32.78
N HIS C 97 -26.55 30.23 -31.73
CA HIS C 97 -27.50 31.32 -31.86
C HIS C 97 -27.05 32.50 -31.02
N SER C 98 -27.51 33.69 -31.43
CA SER C 98 -27.29 34.92 -30.69
C SER C 98 -28.59 35.70 -30.63
N SER C 99 -28.74 36.49 -29.57
CA SER C 99 -29.91 37.35 -29.45
C SER C 99 -29.87 38.51 -30.42
N HIS C 100 -28.74 38.77 -31.06
CA HIS C 100 -28.62 39.90 -31.97
C HIS C 100 -29.31 39.62 -33.30
N GLU C 101 -28.85 38.57 -34.04
CA GLU C 101 -29.56 38.25 -35.27
C GLU C 101 -30.47 37.05 -35.08
N PRO C 102 -31.63 37.04 -35.75
CA PRO C 102 -32.62 35.98 -35.48
C PRO C 102 -32.24 34.61 -36.04
N LEU C 103 -31.39 34.55 -37.05
CA LEU C 103 -31.05 33.26 -37.65
C LEU C 103 -29.83 32.66 -36.97
N PRO C 104 -29.64 31.34 -37.11
CA PRO C 104 -28.46 30.71 -36.50
C PRO C 104 -27.17 31.30 -37.04
N LEU C 105 -26.18 31.43 -36.15
CA LEU C 105 -24.87 31.91 -36.57
C LEU C 105 -24.15 30.87 -37.41
N ALA C 106 -24.14 29.62 -36.96
CA ALA C 106 -23.45 28.56 -37.67
C ALA C 106 -24.04 27.21 -37.27
N TYR C 107 -23.80 26.23 -38.14
CA TYR C 107 -24.19 24.84 -37.92
C TYR C 107 -22.94 23.97 -37.81
N ALA C 108 -23.15 22.80 -37.18
CA ALA C 108 -22.11 21.78 -37.06
C ALA C 108 -22.79 20.43 -37.17
N VAL C 109 -22.55 19.73 -38.27
CA VAL C 109 -23.28 18.51 -38.59
C VAL C 109 -22.32 17.33 -38.46
N LEU C 110 -22.79 16.28 -37.79
CA LEU C 110 -22.03 15.04 -37.63
C LEU C 110 -22.94 13.86 -37.97
N TYR C 111 -22.70 13.22 -39.10
CA TYR C 111 -23.39 11.99 -39.43
C TYR C 111 -22.77 10.83 -38.66
N LEU C 112 -23.60 9.85 -38.33
CA LEU C 112 -23.21 8.74 -37.47
C LEU C 112 -23.52 7.42 -38.13
N THR C 113 -22.57 6.50 -38.07
CA THR C 113 -22.79 5.11 -38.49
C THR C 113 -22.59 4.23 -37.26
N CYS C 114 -23.69 3.69 -36.74
CA CYS C 114 -23.64 2.92 -35.50
C CYS C 114 -23.51 1.44 -35.80
N VAL C 115 -22.56 0.79 -35.13
CA VAL C 115 -22.32 -0.65 -35.29
C VAL C 115 -22.34 -1.28 -33.91
N ASP C 116 -23.02 -2.42 -33.79
CA ASP C 116 -23.13 -3.14 -32.52
C ASP C 116 -22.17 -4.33 -32.57
N ILE C 117 -21.02 -4.18 -31.94
CA ILE C 117 -19.98 -5.21 -31.90
C ILE C 117 -19.77 -5.64 -30.46
N SER C 118 -19.87 -6.95 -30.21
CA SER C 118 -19.64 -7.46 -28.87
C SER C 118 -19.21 -8.92 -28.94
N LEU C 119 -18.20 -9.26 -28.14
CA LEU C 119 -17.69 -10.61 -28.00
C LEU C 119 -17.96 -11.08 -26.57
N ASP C 120 -18.78 -12.10 -26.40
CA ASP C 120 -19.18 -12.58 -25.09
C ASP C 120 -19.33 -14.09 -25.10
N CYS C 121 -18.92 -14.74 -24.02
CA CYS C 121 -19.09 -16.19 -23.92
C CYS C 121 -20.03 -16.59 -22.79
N ASP C 122 -19.64 -16.38 -21.54
CA ASP C 122 -20.52 -16.60 -20.40
C ASP C 122 -20.08 -15.70 -19.24
N LEU C 123 -19.82 -14.43 -19.55
CA LEU C 123 -19.24 -13.53 -18.55
C LEU C 123 -20.22 -13.18 -17.45
N ASN C 124 -20.19 -13.96 -16.38
CA ASN C 124 -21.09 -13.76 -15.23
C ASN C 124 -20.45 -14.35 -13.97
N VAL C 134 -19.78 -5.33 -13.74
CA VAL C 134 -18.75 -6.21 -14.25
C VAL C 134 -17.86 -5.45 -15.24
N ASP C 135 -16.62 -5.91 -15.39
CA ASP C 135 -15.66 -5.29 -16.28
C ASP C 135 -15.40 -6.06 -17.56
N LYS C 136 -15.57 -7.38 -17.54
CA LYS C 136 -15.39 -8.30 -18.67
C LYS C 136 -13.95 -8.40 -19.14
N ARG C 137 -13.02 -7.65 -18.54
CA ARG C 137 -11.61 -7.73 -18.86
C ARG C 137 -10.76 -8.18 -17.68
N GLN C 138 -11.39 -8.51 -16.55
CA GLN C 138 -10.68 -8.97 -15.36
C GLN C 138 -11.39 -10.19 -14.80
N TRP C 139 -10.62 -11.09 -14.19
CA TRP C 139 -11.14 -12.29 -13.57
C TRP C 139 -10.97 -12.15 -12.06
N VAL C 140 -12.08 -12.23 -11.32
CA VAL C 140 -12.09 -12.04 -9.88
C VAL C 140 -12.72 -13.25 -9.22
N TRP C 141 -12.21 -13.61 -8.05
CA TRP C 141 -12.71 -14.76 -7.29
C TRP C 141 -13.83 -14.34 -6.35
N GLY C 142 -14.66 -15.32 -5.98
CA GLY C 142 -15.72 -15.10 -5.03
C GLY C 142 -17.10 -15.28 -5.61
N PRO C 143 -18.12 -15.31 -4.75
CA PRO C 143 -19.50 -15.40 -5.25
C PRO C 143 -19.91 -14.20 -6.09
N SER C 144 -19.34 -13.03 -5.82
CA SER C 144 -19.58 -11.83 -6.61
C SER C 144 -18.58 -11.69 -7.76
N GLY C 145 -17.97 -12.79 -8.20
CA GLY C 145 -17.00 -12.77 -9.27
C GLY C 145 -17.60 -13.11 -10.62
N TYR C 146 -16.82 -12.85 -11.66
CA TYR C 146 -17.26 -13.06 -13.03
C TYR C 146 -16.09 -13.58 -13.88
N GLY C 147 -16.42 -14.13 -15.02
CA GLY C 147 -15.43 -14.66 -15.95
C GLY C 147 -15.86 -15.99 -16.51
N GLY C 148 -15.32 -16.32 -17.68
CA GLY C 148 -15.62 -17.57 -18.34
C GLY C 148 -14.66 -18.68 -17.92
N ILE C 149 -15.15 -19.91 -17.96
CA ILE C 149 -14.40 -21.09 -17.56
C ILE C 149 -14.06 -21.89 -18.81
N LEU C 150 -12.80 -22.28 -18.94
CA LEU C 150 -12.34 -23.09 -20.07
C LEU C 150 -11.71 -24.37 -19.56
N LEU C 151 -12.11 -25.50 -20.16
CA LEU C 151 -11.54 -26.79 -19.80
C LEU C 151 -10.29 -27.05 -20.65
N VAL C 152 -9.69 -28.21 -20.43
CA VAL C 152 -8.48 -28.58 -21.15
C VAL C 152 -8.72 -29.66 -22.19
N ASN C 153 -9.82 -30.41 -22.11
CA ASN C 153 -10.24 -31.37 -23.13
C ASN C 153 -9.16 -32.45 -23.34
N CYS C 154 -8.82 -33.15 -22.26
CA CYS C 154 -7.73 -34.10 -22.23
C CYS C 154 -8.20 -35.55 -22.38
N ASP C 155 -9.34 -35.76 -23.03
CA ASP C 155 -9.94 -37.09 -23.14
C ASP C 155 -9.96 -37.53 -24.60
N ARG C 156 -10.62 -38.66 -24.85
CA ARG C 156 -10.80 -39.22 -26.20
C ARG C 156 -12.28 -39.50 -26.40
N ASP C 157 -13.01 -38.55 -27.00
CA ASP C 157 -14.41 -38.76 -27.33
C ASP C 157 -14.58 -39.48 -28.66
N ASP C 158 -13.63 -39.33 -29.59
CA ASP C 158 -13.75 -40.01 -30.87
C ASP C 158 -13.06 -41.37 -30.79
N PRO C 159 -13.71 -42.45 -31.23
CA PRO C 159 -13.08 -43.78 -31.16
C PRO C 159 -11.94 -43.96 -32.15
N SER C 160 -11.78 -43.08 -33.12
CA SER C 160 -10.76 -43.27 -34.15
C SER C 160 -9.36 -42.92 -33.65
N CYS C 161 -9.25 -42.01 -32.69
CA CYS C 161 -7.96 -41.53 -32.24
C CYS C 161 -7.44 -42.37 -31.08
N ASP C 162 -6.13 -42.38 -30.91
CA ASP C 162 -5.48 -43.12 -29.84
C ASP C 162 -4.78 -42.18 -28.87
N GLN C 164 -4.96 -38.12 -28.16
CA GLN C 164 -5.70 -37.18 -27.33
C GLN C 164 -6.47 -36.17 -28.17
N ASP C 165 -7.53 -35.60 -27.60
CA ASP C 165 -8.33 -34.60 -28.30
C ASP C 165 -7.67 -33.22 -28.34
N ASN C 166 -6.62 -32.98 -27.55
CA ASN C 166 -5.90 -31.72 -27.61
C ASN C 166 -4.89 -31.67 -28.74
N CYS C 167 -4.54 -32.82 -29.33
CA CYS C 167 -3.45 -32.87 -30.29
C CYS C 167 -3.89 -32.47 -31.69
N ASP C 168 -5.11 -32.82 -32.09
CA ASP C 168 -5.56 -32.53 -33.44
C ASP C 168 -5.84 -31.04 -33.61
N GLN C 169 -5.53 -30.53 -34.80
CA GLN C 169 -5.93 -29.18 -35.16
C GLN C 169 -7.32 -29.14 -35.79
N HIS C 170 -7.87 -30.29 -36.15
CA HIS C 170 -9.23 -30.43 -36.63
C HIS C 170 -10.14 -30.83 -35.47
N VAL C 171 -11.43 -30.97 -35.76
CA VAL C 171 -12.41 -31.50 -34.81
C VAL C 171 -13.14 -32.63 -35.52
N HIS C 172 -12.65 -33.86 -35.38
CA HIS C 172 -13.28 -35.01 -36.02
C HIS C 172 -14.10 -35.83 -35.03
N CYS C 173 -14.78 -35.17 -34.11
CA CYS C 173 -15.76 -35.79 -33.24
C CYS C 173 -17.01 -34.94 -33.19
N LEU C 174 -18.17 -35.58 -33.07
CA LEU C 174 -19.45 -34.88 -33.09
C LEU C 174 -19.91 -34.41 -31.73
N GLN C 175 -19.41 -35.01 -30.65
CA GLN C 175 -19.80 -34.62 -29.30
C GLN C 175 -18.62 -34.12 -28.47
N ASP C 176 -17.42 -34.05 -29.04
CA ASP C 176 -16.29 -33.43 -28.37
C ASP C 176 -16.54 -31.95 -28.10
N LEU C 177 -17.41 -31.31 -28.89
CA LEU C 177 -17.72 -29.91 -28.70
C LEU C 177 -18.28 -29.62 -27.31
N GLU C 178 -18.83 -30.61 -26.62
CA GLU C 178 -19.32 -30.40 -25.26
C GLU C 178 -18.19 -30.02 -24.32
N ASP C 179 -16.96 -30.42 -24.62
CA ASP C 179 -15.82 -30.09 -23.77
C ASP C 179 -15.30 -28.68 -24.01
N MET C 180 -15.67 -28.04 -25.13
CA MET C 180 -15.19 -26.72 -25.46
C MET C 180 -16.12 -25.64 -24.88
N SER C 181 -15.73 -24.39 -25.06
CA SER C 181 -16.49 -23.25 -24.56
C SER C 181 -16.93 -22.39 -25.74
N VAL C 182 -18.19 -21.97 -25.72
CA VAL C 182 -18.73 -21.14 -26.79
C VAL C 182 -18.24 -19.70 -26.64
N MET C 183 -18.28 -18.97 -27.75
CA MET C 183 -17.88 -17.56 -27.74
C MET C 183 -18.58 -16.90 -28.93
N VAL C 184 -19.54 -16.01 -28.64
CA VAL C 184 -20.38 -15.41 -29.66
C VAL C 184 -19.92 -13.99 -29.93
N LEU C 185 -19.83 -13.64 -31.22
CA LEU C 185 -19.45 -12.31 -31.69
C LEU C 185 -20.60 -11.73 -32.50
N ARG C 186 -21.31 -10.77 -31.90
CA ARG C 186 -22.38 -10.07 -32.61
C ARG C 186 -21.81 -8.83 -33.29
N THR C 187 -22.12 -8.66 -34.57
CA THR C 187 -21.55 -7.62 -35.42
C THR C 187 -22.66 -6.94 -36.24
N GLN C 188 -23.71 -6.51 -35.55
CA GLN C 188 -24.84 -5.90 -36.24
C GLN C 188 -24.46 -4.54 -36.81
N GLY C 189 -25.09 -4.17 -37.92
CA GLY C 189 -24.85 -2.89 -38.56
C GLY C 189 -25.03 -2.95 -40.05
N PRO C 190 -24.72 -1.85 -40.73
CA PRO C 190 -24.84 -1.83 -42.20
C PRO C 190 -23.75 -2.68 -42.83
N ALA C 191 -24.14 -3.41 -43.88
CA ALA C 191 -23.20 -4.33 -44.53
C ALA C 191 -22.10 -3.58 -45.26
N ALA C 192 -22.44 -2.47 -45.93
CA ALA C 192 -21.45 -1.72 -46.70
C ALA C 192 -20.32 -1.20 -45.82
N LEU C 193 -20.61 -0.97 -44.53
CA LEU C 193 -19.55 -0.57 -43.60
C LEU C 193 -18.40 -1.57 -43.61
N PHE C 194 -18.72 -2.87 -43.68
CA PHE C 194 -17.69 -3.89 -43.67
C PHE C 194 -16.94 -3.98 -45.00
N ASP C 195 -17.43 -3.31 -46.05
CA ASP C 195 -16.62 -3.14 -47.24
C ASP C 195 -15.48 -2.16 -47.01
N ASP C 196 -15.58 -1.34 -45.97
CA ASP C 196 -14.55 -0.34 -45.65
C ASP C 196 -13.80 -0.66 -44.37
N HIS C 197 -14.35 -1.50 -43.51
CA HIS C 197 -13.77 -1.77 -42.19
C HIS C 197 -13.50 -3.26 -42.03
N LYS C 198 -12.42 -3.57 -41.32
CA LYS C 198 -12.02 -4.96 -41.08
C LYS C 198 -12.42 -5.38 -39.67
N LEU C 199 -12.72 -6.68 -39.53
CA LEU C 199 -13.08 -7.28 -38.25
C LEU C 199 -12.04 -8.36 -37.95
N VAL C 200 -11.28 -8.18 -36.86
CA VAL C 200 -10.14 -9.03 -36.57
C VAL C 200 -10.30 -9.62 -35.18
N LEU C 201 -10.33 -10.95 -35.10
CA LEU C 201 -10.19 -11.66 -33.85
C LEU C 201 -8.71 -11.97 -33.62
N HIS C 202 -8.28 -11.92 -32.36
CA HIS C 202 -6.87 -12.11 -32.09
C HIS C 202 -6.64 -12.49 -30.63
N THR C 203 -5.39 -12.81 -30.33
CA THR C 203 -4.95 -13.22 -29.00
C THR C 203 -3.43 -13.18 -28.98
N SER C 204 -2.88 -13.01 -27.79
CA SER C 204 -1.42 -13.01 -27.64
C SER C 204 -0.87 -14.39 -27.96
N SER C 205 0.38 -14.40 -28.47
CA SER C 205 1.00 -15.67 -28.84
C SER C 205 1.13 -16.59 -27.63
N TYR C 206 1.37 -16.03 -26.45
CA TYR C 206 1.41 -16.85 -25.23
C TYR C 206 0.07 -17.55 -25.00
N ASP C 207 -1.02 -16.78 -25.02
CA ASP C 207 -2.34 -17.40 -24.90
C ASP C 207 -2.65 -18.29 -26.10
N ALA C 208 -2.08 -17.97 -27.27
CA ALA C 208 -2.29 -18.79 -28.45
C ALA C 208 -1.68 -20.17 -28.29
N LYS C 209 -0.56 -20.27 -27.57
CA LYS C 209 0.05 -21.56 -27.31
C LYS C 209 -0.67 -22.34 -26.22
N ARG C 210 -1.67 -21.75 -25.56
CA ARG C 210 -2.36 -22.40 -24.46
C ARG C 210 -3.78 -22.83 -24.79
N ALA C 211 -4.33 -22.41 -25.92
CA ALA C 211 -5.69 -22.77 -26.29
C ALA C 211 -5.85 -22.64 -27.80
N GLN C 212 -6.94 -23.22 -28.30
CA GLN C 212 -7.27 -23.18 -29.72
C GLN C 212 -8.70 -22.72 -29.89
N VAL C 213 -8.97 -22.03 -31.01
CA VAL C 213 -10.29 -21.53 -31.33
C VAL C 213 -10.69 -22.03 -32.71
N PHE C 214 -11.96 -22.42 -32.85
CA PHE C 214 -12.52 -22.89 -34.12
C PHE C 214 -13.73 -22.04 -34.47
N HIS C 215 -13.71 -21.47 -35.68
CA HIS C 215 -14.88 -20.84 -36.25
C HIS C 215 -15.81 -21.90 -36.83
N ILE C 216 -17.04 -21.49 -37.13
CA ILE C 216 -18.06 -22.41 -37.64
C ILE C 216 -18.43 -21.99 -39.06
N CYS C 217 -18.48 -22.96 -39.96
CA CYS C 217 -18.84 -22.77 -41.37
C CYS C 217 -19.97 -23.72 -41.76
N GLY C 218 -20.99 -23.79 -40.92
CA GLY C 218 -22.16 -24.59 -41.21
C GLY C 218 -22.64 -25.35 -39.99
N PRO C 219 -23.89 -25.14 -39.61
CA PRO C 219 -24.36 -25.57 -38.28
C PRO C 219 -24.62 -27.06 -38.18
N GLU C 220 -24.00 -27.69 -37.17
CA GLU C 220 -24.39 -28.96 -36.57
C GLU C 220 -24.19 -30.18 -37.47
N ASP C 221 -23.69 -30.03 -38.69
CA ASP C 221 -23.65 -31.18 -39.59
C ASP C 221 -22.25 -31.60 -39.98
N VAL C 222 -21.34 -30.67 -40.24
CA VAL C 222 -20.04 -30.97 -40.84
C VAL C 222 -18.95 -30.81 -39.80
N CYS C 223 -18.13 -31.86 -39.66
CA CYS C 223 -16.93 -31.73 -38.84
C CYS C 223 -15.90 -30.85 -39.53
N GLU C 224 -15.87 -30.88 -40.86
CA GLU C 224 -14.96 -30.08 -41.65
C GLU C 224 -15.31 -28.60 -41.62
N ALA C 225 -16.49 -28.24 -41.12
CA ALA C 225 -16.91 -26.84 -41.05
C ALA C 225 -16.26 -26.08 -39.91
N TYR C 226 -15.85 -26.78 -38.85
CA TYR C 226 -15.19 -26.15 -37.71
C TYR C 226 -13.74 -25.84 -38.07
N ARG C 227 -13.58 -24.74 -38.81
CA ARG C 227 -12.26 -24.35 -39.30
C ARG C 227 -11.42 -23.77 -38.17
N HIS C 228 -10.23 -24.32 -37.99
CA HIS C 228 -9.29 -23.80 -36.99
C HIS C 228 -8.81 -22.42 -37.39
N VAL C 229 -8.97 -21.44 -36.49
CA VAL C 229 -8.69 -20.06 -36.83
C VAL C 229 -7.62 -19.45 -35.92
N LEU C 230 -7.50 -19.98 -34.70
CA LEU C 230 -6.52 -19.49 -33.73
C LEU C 230 -5.86 -20.67 -33.05
N GLY C 231 -4.54 -20.73 -33.11
CA GLY C 231 -3.80 -21.83 -32.54
C GLY C 231 -2.37 -21.46 -32.24
N GLN C 232 -1.47 -22.44 -32.41
CA GLN C 232 -0.08 -22.24 -32.02
C GLN C 232 0.57 -21.10 -32.82
N ASP C 233 0.38 -21.11 -34.13
CA ASP C 233 0.92 -20.06 -34.98
C ASP C 233 -0.11 -19.01 -35.37
N LYS C 234 -1.39 -19.37 -35.38
CA LYS C 234 -2.46 -18.45 -35.73
C LYS C 234 -2.78 -17.59 -34.51
N VAL C 235 -2.29 -16.35 -34.51
CA VAL C 235 -2.59 -15.43 -33.43
C VAL C 235 -3.71 -14.45 -33.80
N SER C 236 -3.95 -14.22 -35.08
CA SER C 236 -5.03 -13.34 -35.52
C SER C 236 -5.75 -13.97 -36.69
N TYR C 237 -6.98 -13.52 -36.90
CA TYR C 237 -7.86 -14.10 -37.92
C TYR C 237 -8.89 -13.05 -38.31
N GLU C 238 -9.29 -13.08 -39.57
CA GLU C 238 -10.25 -12.12 -40.11
C GLU C 238 -11.60 -12.83 -40.26
N VAL C 239 -12.57 -12.41 -39.45
CA VAL C 239 -13.89 -13.02 -39.46
C VAL C 239 -14.65 -12.54 -40.69
N PRO C 240 -15.05 -13.44 -41.59
CA PRO C 240 -15.70 -13.01 -42.83
C PRO C 240 -17.18 -12.70 -42.68
N ARG C 241 -17.73 -12.82 -41.47
CA ARG C 241 -19.16 -12.63 -41.22
C ARG C 241 -19.99 -13.57 -42.10
N LEU C 242 -19.69 -14.87 -41.98
CA LEU C 242 -20.36 -15.86 -42.81
C LEU C 242 -21.84 -15.97 -42.47
N HIS C 243 -22.22 -15.62 -41.25
CA HIS C 243 -23.60 -15.64 -40.81
C HIS C 243 -24.12 -14.20 -40.79
N GLY C 244 -25.39 -14.05 -40.44
CA GLY C 244 -25.99 -12.73 -40.46
C GLY C 244 -25.54 -11.71 -39.43
N ASP C 245 -25.90 -11.93 -38.17
CA ASP C 245 -25.61 -10.98 -37.10
C ASP C 245 -24.73 -11.54 -35.98
N GLU C 246 -24.26 -12.79 -36.10
CA GLU C 246 -23.56 -13.40 -34.99
C GLU C 246 -22.70 -14.55 -35.52
N GLU C 247 -21.45 -14.60 -35.05
CA GLU C 247 -20.53 -15.68 -35.39
C GLU C 247 -20.21 -16.46 -34.12
N ARG C 248 -20.24 -17.78 -34.21
CA ARG C 248 -19.99 -18.66 -33.09
C ARG C 248 -18.60 -19.27 -33.19
N PHE C 249 -17.86 -19.24 -32.09
CA PHE C 249 -16.55 -19.84 -32.01
C PHE C 249 -16.53 -20.82 -30.84
N PHE C 250 -15.72 -21.87 -30.97
CA PHE C 250 -15.55 -22.87 -29.94
C PHE C 250 -14.08 -22.93 -29.55
N VAL C 251 -13.78 -22.65 -28.29
CA VAL C 251 -12.41 -22.61 -27.80
C VAL C 251 -12.18 -23.79 -26.87
N GLU C 252 -11.04 -24.46 -27.04
CA GLU C 252 -10.62 -25.56 -26.17
C GLU C 252 -9.24 -25.26 -25.62
N GLY C 253 -9.07 -25.47 -24.31
CA GLY C 253 -7.78 -25.27 -23.70
C GLY C 253 -6.79 -26.36 -24.05
N LEU C 254 -5.51 -26.01 -23.99
CA LEU C 254 -4.44 -26.92 -24.33
C LEU C 254 -3.51 -27.25 -23.18
N SER C 255 -3.60 -26.55 -22.06
CA SER C 255 -2.70 -26.79 -20.93
C SER C 255 -3.43 -26.51 -19.62
N PHE C 256 -2.91 -27.08 -18.56
CA PHE C 256 -3.38 -26.83 -17.21
C PHE C 256 -2.59 -25.69 -16.58
N PRO C 257 -3.13 -25.06 -15.54
CA PRO C 257 -2.34 -24.05 -14.82
C PRO C 257 -1.08 -24.66 -14.25
N ASP C 258 0.05 -24.02 -14.49
CA ASP C 258 1.35 -24.55 -14.11
C ASP C 258 2.16 -23.42 -13.49
N ALA C 259 3.46 -23.67 -13.31
CA ALA C 259 4.31 -22.69 -12.64
C ALA C 259 4.39 -21.39 -13.43
N GLY C 260 4.50 -21.47 -14.75
CA GLY C 260 4.60 -20.28 -15.57
C GLY C 260 3.31 -19.78 -16.16
N PHE C 261 2.21 -20.51 -15.98
CA PHE C 261 0.91 -20.16 -16.55
C PHE C 261 -0.06 -19.86 -15.42
N THR C 262 -0.44 -18.59 -15.29
CA THR C 262 -1.37 -18.20 -14.23
C THR C 262 -2.75 -18.82 -14.42
N GLY C 263 -3.12 -19.12 -15.67
CA GLY C 263 -4.39 -19.73 -15.97
C GLY C 263 -5.39 -18.86 -16.70
N LEU C 264 -4.98 -17.69 -17.17
CA LEU C 264 -5.88 -16.77 -17.87
C LEU C 264 -5.45 -16.60 -19.31
N ILE C 265 -6.42 -16.63 -20.21
CA ILE C 265 -6.20 -16.40 -21.63
C ILE C 265 -7.21 -15.37 -22.11
N SER C 266 -6.73 -14.41 -22.89
CA SER C 266 -7.55 -13.31 -23.38
C SER C 266 -7.76 -13.45 -24.89
N PHE C 267 -9.00 -13.26 -25.33
CA PHE C 267 -9.36 -13.23 -26.74
C PHE C 267 -9.98 -11.88 -27.03
N HIS C 268 -9.46 -11.19 -28.05
CA HIS C 268 -9.90 -9.85 -28.37
C HIS C 268 -10.53 -9.81 -29.75
N VAL C 269 -11.48 -8.89 -29.93
CA VAL C 269 -12.02 -8.56 -31.24
C VAL C 269 -11.81 -7.07 -31.46
N THR C 270 -11.52 -6.71 -32.71
CA THR C 270 -11.14 -5.33 -33.03
C THR C 270 -11.75 -4.93 -34.36
N LEU C 271 -12.29 -3.70 -34.39
CA LEU C 271 -12.81 -3.09 -35.59
C LEU C 271 -11.77 -2.11 -36.12
N LEU C 272 -11.32 -2.33 -37.35
CA LEU C 272 -10.31 -1.52 -37.99
C LEU C 272 -10.92 -0.72 -39.13
N ASP C 273 -10.34 0.44 -39.39
CA ASP C 273 -10.81 1.35 -40.45
C ASP C 273 -9.73 1.36 -41.51
N ASP C 274 -9.85 0.44 -42.47
CA ASP C 274 -8.82 0.19 -43.47
C ASP C 274 -9.14 0.97 -44.75
N SER C 275 -8.86 2.26 -44.71
CA SER C 275 -8.93 3.09 -45.90
C SER C 275 -7.54 3.14 -46.54
N ASN C 276 -7.35 4.04 -47.51
CA ASN C 276 -6.04 4.20 -48.11
C ASN C 276 -5.07 4.79 -47.11
N GLU C 277 -3.84 4.29 -47.13
CA GLU C 277 -2.78 4.71 -46.20
C GLU C 277 -3.22 4.55 -44.75
N ALA C 281 -4.26 0.44 -41.43
CA ALA C 281 -5.53 0.36 -40.70
C ALA C 281 -5.40 1.00 -39.33
N SER C 282 -6.51 1.56 -38.84
CA SER C 282 -6.55 2.23 -37.54
C SER C 282 -7.74 1.68 -36.75
N PRO C 283 -7.50 1.09 -35.58
CA PRO C 283 -8.62 0.56 -34.80
C PRO C 283 -9.48 1.66 -34.21
N ILE C 284 -10.78 1.36 -34.08
CA ILE C 284 -11.72 2.34 -33.55
C ILE C 284 -12.52 1.73 -32.40
N PHE C 285 -12.38 0.41 -32.22
CA PHE C 285 -13.05 -0.26 -31.12
C PHE C 285 -12.41 -1.62 -30.88
N THR C 286 -12.22 -1.97 -29.61
CA THR C 286 -11.68 -3.27 -29.24
C THR C 286 -12.46 -3.81 -28.05
N ASP C 287 -12.79 -5.10 -28.10
CA ASP C 287 -13.53 -5.76 -27.04
C ASP C 287 -12.82 -7.06 -26.68
N THR C 288 -12.82 -7.39 -25.39
CA THR C 288 -12.04 -8.50 -24.88
C THR C 288 -12.91 -9.45 -24.06
N VAL C 289 -12.49 -10.70 -23.99
CA VAL C 289 -13.11 -11.72 -23.17
C VAL C 289 -12.01 -12.58 -22.58
N VAL C 290 -12.04 -12.79 -21.27
CA VAL C 290 -10.97 -13.47 -20.54
C VAL C 290 -11.50 -14.79 -19.99
N PHE C 291 -10.88 -15.89 -20.40
CA PHE C 291 -11.16 -17.22 -19.87
C PHE C 291 -10.16 -17.57 -18.78
N ARG C 292 -10.63 -18.34 -17.79
CA ARG C 292 -9.76 -18.97 -16.81
C ARG C 292 -9.79 -20.47 -17.02
N VAL C 293 -8.60 -21.08 -17.09
CA VAL C 293 -8.48 -22.52 -17.26
C VAL C 293 -8.82 -23.20 -15.94
N ALA C 294 -9.84 -24.04 -15.93
CA ALA C 294 -10.27 -24.68 -14.70
C ALA C 294 -9.19 -25.64 -14.20
N PRO C 295 -8.91 -25.63 -12.90
CA PRO C 295 -7.80 -26.43 -12.36
C PRO C 295 -8.23 -27.87 -12.12
N TRP C 296 -7.26 -28.66 -11.66
CA TRP C 296 -7.47 -30.07 -11.35
C TRP C 296 -7.73 -30.22 -9.85
N ILE C 297 -8.84 -30.87 -9.51
CA ILE C 297 -9.33 -30.95 -8.13
C ILE C 297 -9.30 -32.41 -7.69
N MET C 298 -8.76 -32.66 -6.50
CA MET C 298 -8.66 -34.02 -5.97
C MET C 298 -9.84 -34.33 -5.07
N THR C 299 -10.16 -35.63 -4.95
CA THR C 299 -11.31 -36.07 -4.17
C THR C 299 -10.84 -36.86 -2.95
N PRO C 300 -11.11 -36.39 -1.74
CA PRO C 300 -10.71 -37.14 -0.54
C PRO C 300 -11.67 -38.30 -0.27
N SER C 301 -11.24 -39.17 0.65
CA SER C 301 -11.96 -40.41 0.93
C SER C 301 -13.35 -40.18 1.53
N THR C 302 -13.68 -38.95 1.94
CA THR C 302 -14.98 -38.69 2.53
C THR C 302 -16.11 -38.70 1.50
N LEU C 303 -15.80 -38.47 0.24
CA LEU C 303 -16.82 -38.41 -0.81
C LEU C 303 -17.27 -39.81 -1.21
N PRO C 304 -18.48 -39.93 -1.75
CA PRO C 304 -18.99 -41.24 -2.19
C PRO C 304 -18.18 -41.78 -3.35
N PRO C 305 -17.87 -43.06 -3.36
CA PRO C 305 -17.07 -43.64 -4.43
C PRO C 305 -17.92 -44.00 -5.66
N LEU C 306 -17.22 -44.14 -6.79
CA LEU C 306 -17.85 -44.56 -8.04
C LEU C 306 -17.29 -45.86 -8.57
N GLU C 307 -15.98 -45.94 -8.75
CA GLU C 307 -15.34 -47.12 -9.33
C GLU C 307 -14.11 -47.48 -8.51
N VAL C 308 -14.00 -48.74 -8.13
CA VAL C 308 -12.83 -49.25 -7.41
C VAL C 308 -11.92 -49.95 -8.40
N TYR C 309 -10.63 -49.66 -8.32
CA TYR C 309 -9.63 -50.21 -9.24
C TYR C 309 -8.67 -51.09 -8.45
N VAL C 310 -8.27 -52.21 -9.05
CA VAL C 310 -7.37 -53.15 -8.40
C VAL C 310 -6.72 -54.01 -9.48
N CYS C 311 -5.48 -54.39 -9.25
CA CYS C 311 -4.75 -55.21 -10.20
C CYS C 311 -5.04 -56.69 -9.95
N ARG C 312 -4.58 -57.53 -10.89
CA ARG C 312 -4.65 -58.98 -10.75
C ARG C 312 -3.33 -59.52 -11.27
N VAL C 313 -2.42 -59.84 -10.35
CA VAL C 313 -1.07 -60.25 -10.69
C VAL C 313 -0.89 -61.70 -10.24
N ARG C 314 0.27 -62.28 -10.53
CA ARG C 314 0.51 -63.68 -10.18
C ARG C 314 0.32 -63.92 -8.70
N ASN C 315 -0.41 -64.99 -8.37
CA ASN C 315 -0.70 -65.41 -7.00
C ASN C 315 -1.60 -64.43 -6.25
N ASN C 316 -2.38 -63.63 -6.96
CA ASN C 316 -3.41 -62.80 -6.34
C ASN C 316 -4.71 -63.60 -6.42
N THR C 317 -5.09 -64.23 -5.31
CA THR C 317 -6.19 -65.19 -5.30
C THR C 317 -7.45 -64.66 -4.62
N CYS C 318 -7.36 -64.25 -3.36
CA CYS C 318 -8.53 -63.86 -2.60
C CYS C 318 -8.63 -62.36 -2.35
N PHE C 319 -7.57 -61.60 -2.63
CA PHE C 319 -7.63 -60.15 -2.43
C PHE C 319 -8.63 -59.51 -3.38
N VAL C 320 -8.62 -59.92 -4.65
CA VAL C 320 -9.57 -59.38 -5.62
C VAL C 320 -10.99 -59.77 -5.24
N ASP C 321 -11.20 -61.02 -4.82
CA ASP C 321 -12.53 -61.47 -4.44
C ASP C 321 -13.04 -60.71 -3.22
N ALA C 322 -12.17 -60.48 -2.24
CA ALA C 322 -12.58 -59.72 -1.06
C ALA C 322 -12.89 -58.28 -1.41
N VAL C 323 -12.07 -57.65 -2.25
CA VAL C 323 -12.36 -56.28 -2.70
C VAL C 323 -13.69 -56.23 -3.41
N ALA C 324 -13.99 -57.23 -4.24
CA ALA C 324 -15.26 -57.28 -4.95
C ALA C 324 -16.44 -57.39 -3.98
N GLU C 325 -16.42 -58.43 -3.15
CA GLU C 325 -17.52 -58.69 -2.23
C GLU C 325 -17.64 -57.64 -1.13
N LEU C 326 -16.64 -56.78 -0.97
CA LEU C 326 -16.71 -55.71 0.02
C LEU C 326 -17.01 -54.35 -0.58
N ALA C 327 -16.71 -54.15 -1.86
CA ALA C 327 -17.10 -52.93 -2.55
C ALA C 327 -18.49 -53.02 -3.16
N ARG C 328 -19.04 -54.24 -3.28
CA ARG C 328 -20.40 -54.38 -3.76
C ARG C 328 -21.43 -53.78 -2.81
N LYS C 329 -21.04 -53.40 -1.59
CA LYS C 329 -21.96 -52.75 -0.68
C LYS C 329 -22.08 -51.25 -0.93
N ALA C 330 -21.09 -50.62 -1.57
CA ALA C 330 -21.13 -49.19 -1.86
C ALA C 330 -21.49 -48.90 -3.30
N GLY C 331 -21.70 -49.93 -4.13
CA GLY C 331 -22.08 -49.74 -5.52
C GLY C 331 -20.95 -49.20 -6.38
N CYS C 332 -19.89 -49.99 -6.55
CA CYS C 332 -18.74 -49.58 -7.34
C CYS C 332 -18.59 -50.51 -8.54
N LYS C 333 -17.82 -50.06 -9.52
CA LYS C 333 -17.75 -50.76 -10.81
C LYS C 333 -16.73 -51.90 -10.81
N LEU C 334 -15.71 -51.85 -9.95
CA LEU C 334 -14.76 -52.93 -9.78
C LEU C 334 -14.01 -53.24 -11.08
N THR C 335 -13.17 -52.28 -11.47
CA THR C 335 -12.29 -52.46 -12.62
C THR C 335 -11.05 -53.26 -12.21
N ILE C 336 -10.69 -54.26 -13.01
CA ILE C 336 -9.57 -55.15 -12.73
C ILE C 336 -8.57 -55.07 -13.87
N CYS C 337 -7.28 -55.04 -13.51
CA CYS C 337 -6.19 -55.04 -14.48
C CYS C 337 -5.47 -56.38 -14.45
N PRO C 338 -5.19 -56.99 -15.61
CA PRO C 338 -4.48 -58.27 -15.69
C PRO C 338 -3.01 -58.18 -15.28
N ARG C 346 0.52 -54.32 -9.30
CA ARG C 346 -0.21 -54.51 -8.05
C ARG C 346 -0.48 -53.18 -7.34
N TRP C 347 0.43 -52.22 -7.53
CA TRP C 347 0.33 -50.92 -6.87
C TRP C 347 -0.44 -49.97 -7.79
N ILE C 348 -1.76 -50.12 -7.78
CA ILE C 348 -2.63 -49.29 -8.61
C ILE C 348 -2.91 -47.94 -7.99
N GLN C 349 -2.55 -47.74 -6.72
CA GLN C 349 -2.71 -46.45 -6.07
C GLN C 349 -1.46 -45.58 -6.18
N ASP C 350 -0.37 -46.11 -6.73
CA ASP C 350 0.87 -45.36 -6.88
C ASP C 350 1.06 -44.78 -8.27
N GLU C 351 0.34 -45.31 -9.27
CA GLU C 351 0.54 -44.88 -10.65
C GLU C 351 -0.37 -43.74 -11.07
N MET C 352 -1.55 -43.64 -10.47
CA MET C 352 -2.55 -42.68 -10.91
C MET C 352 -3.26 -42.06 -9.72
N GLU C 353 -3.72 -40.82 -9.90
CA GLU C 353 -4.60 -40.15 -8.96
C GLU C 353 -5.79 -39.61 -9.73
N LEU C 354 -6.99 -39.95 -9.29
CA LEU C 354 -8.22 -39.65 -10.03
C LEU C 354 -8.86 -38.40 -9.45
N GLY C 355 -8.61 -37.25 -10.09
CA GLY C 355 -9.28 -36.02 -9.76
C GLY C 355 -10.33 -35.65 -10.80
N TYR C 356 -10.63 -34.36 -10.87
CA TYR C 356 -11.58 -33.90 -11.86
C TYR C 356 -11.35 -32.42 -12.14
N VAL C 357 -11.94 -31.95 -13.24
CA VAL C 357 -11.93 -30.54 -13.64
C VAL C 357 -13.36 -30.13 -13.90
N GLN C 358 -13.78 -29.00 -13.32
CA GLN C 358 -15.19 -28.63 -13.27
C GLN C 358 -15.49 -27.47 -14.23
N ALA C 359 -16.63 -27.57 -14.90
CA ALA C 359 -17.13 -26.57 -15.82
C ALA C 359 -18.63 -26.41 -15.61
N PRO C 360 -19.19 -25.24 -15.91
CA PRO C 360 -20.63 -25.04 -15.68
C PRO C 360 -21.54 -25.89 -16.55
N HIS C 361 -21.00 -26.61 -17.55
CA HIS C 361 -21.83 -27.48 -18.37
C HIS C 361 -21.47 -28.95 -18.23
N LYS C 362 -20.19 -29.29 -18.30
CA LYS C 362 -19.76 -30.69 -18.23
C LYS C 362 -18.47 -30.76 -17.42
N THR C 363 -18.57 -31.23 -16.19
CA THR C 363 -17.41 -31.48 -15.34
C THR C 363 -16.96 -32.92 -15.57
N LEU C 364 -15.72 -33.09 -16.02
CA LEU C 364 -15.26 -34.43 -16.34
C LEU C 364 -14.13 -34.86 -15.41
N PRO C 365 -14.09 -36.13 -15.03
CA PRO C 365 -12.97 -36.62 -14.23
C PRO C 365 -11.70 -36.69 -15.06
N VAL C 366 -10.57 -36.49 -14.38
CA VAL C 366 -9.26 -36.46 -15.03
C VAL C 366 -8.30 -37.30 -14.20
N VAL C 367 -7.57 -38.18 -14.86
CA VAL C 367 -6.51 -38.95 -14.23
C VAL C 367 -5.23 -38.14 -14.31
N PHE C 368 -4.46 -38.20 -13.24
CA PHE C 368 -3.11 -37.66 -13.18
C PHE C 368 -2.17 -38.85 -13.08
N ASP C 369 -1.31 -39.00 -14.09
CA ASP C 369 -0.40 -40.13 -14.17
C ASP C 369 0.90 -39.78 -13.45
N SER C 370 1.34 -40.68 -12.59
CA SER C 370 2.55 -40.48 -11.81
C SER C 370 3.78 -40.70 -12.70
N PRO C 371 4.91 -40.05 -12.39
CA PRO C 371 6.16 -40.37 -13.07
C PRO C 371 6.85 -41.62 -12.54
N ARG C 372 6.27 -42.30 -11.55
CA ARG C 372 6.76 -43.60 -11.11
C ARG C 372 6.28 -44.63 -12.13
N ASN C 373 7.15 -44.92 -13.09
CA ASN C 373 6.83 -45.77 -14.23
C ASN C 373 7.64 -47.07 -14.18
N GLY C 374 7.17 -48.06 -14.92
CA GLY C 374 7.87 -49.33 -15.02
C GLY C 374 6.98 -50.54 -14.94
N GLU C 375 5.91 -50.45 -14.15
CA GLU C 375 4.97 -51.55 -13.98
C GLU C 375 3.59 -51.23 -14.54
N LEU C 376 2.99 -50.12 -14.11
CA LEU C 376 1.68 -49.70 -14.59
C LEU C 376 1.76 -48.48 -15.49
N GLN C 377 2.92 -48.25 -16.12
CA GLN C 377 3.14 -47.05 -16.92
C GLN C 377 2.19 -46.97 -18.11
N ASP C 378 1.63 -48.10 -18.54
CA ASP C 378 0.73 -48.13 -19.70
C ASP C 378 -0.75 -48.06 -19.34
N PHE C 379 -1.10 -48.36 -18.09
CA PHE C 379 -2.52 -48.45 -17.72
C PHE C 379 -3.28 -47.15 -17.94
N PRO C 380 -2.82 -45.99 -17.44
CA PRO C 380 -3.62 -44.77 -17.63
C PRO C 380 -3.81 -44.38 -19.08
N TYR C 381 -2.73 -44.27 -19.85
CA TYR C 381 -2.82 -43.78 -21.22
C TYR C 381 -3.50 -44.78 -22.16
N LYS C 382 -3.79 -46.00 -21.71
CA LYS C 382 -4.41 -47.01 -22.54
C LYS C 382 -5.85 -47.30 -22.15
N ARG C 383 -6.13 -47.56 -20.87
CA ARG C 383 -7.45 -48.07 -20.49
C ARG C 383 -8.09 -47.27 -19.36
N ILE C 384 -7.78 -45.98 -19.26
CA ILE C 384 -8.44 -45.14 -18.26
C ILE C 384 -9.04 -43.87 -18.83
N LEU C 385 -8.58 -43.36 -19.97
CA LEU C 385 -9.16 -42.14 -20.53
C LEU C 385 -10.23 -42.53 -21.54
N GLY C 386 -11.47 -42.66 -21.05
CA GLY C 386 -12.59 -42.97 -21.89
C GLY C 386 -13.12 -41.73 -22.57
N PRO C 387 -14.42 -41.73 -22.91
CA PRO C 387 -15.02 -40.54 -23.51
C PRO C 387 -14.90 -39.32 -22.60
N ASP C 388 -15.48 -39.40 -21.41
CA ASP C 388 -15.35 -38.33 -20.42
C ASP C 388 -14.33 -38.74 -19.35
N PHE C 389 -13.05 -38.69 -19.74
CA PHE C 389 -11.97 -38.96 -18.79
C PHE C 389 -10.71 -38.30 -19.33
N GLY C 390 -10.37 -37.14 -18.78
CA GLY C 390 -9.17 -36.44 -19.19
C GLY C 390 -7.91 -37.11 -18.66
N TYR C 391 -6.79 -36.79 -19.29
CA TYR C 391 -5.49 -37.33 -18.92
C TYR C 391 -4.48 -36.21 -18.80
N VAL C 392 -3.76 -36.18 -17.67
CA VAL C 392 -2.67 -35.24 -17.47
C VAL C 392 -1.53 -36.00 -16.79
N THR C 393 -0.30 -35.62 -17.12
CA THR C 393 0.87 -36.26 -16.55
C THR C 393 2.04 -35.28 -16.56
N ARG C 394 3.00 -35.54 -15.66
CA ARG C 394 4.17 -34.67 -15.53
C ARG C 394 5.41 -35.55 -15.40
N GLU C 395 6.35 -35.38 -16.32
CA GLU C 395 7.61 -36.08 -16.31
C GLU C 395 8.75 -35.08 -16.25
N PRO C 396 9.71 -35.24 -15.34
CA PRO C 396 10.80 -34.25 -15.19
C PRO C 396 11.98 -34.46 -16.13
N ARG C 397 11.92 -35.40 -17.06
CA ARG C 397 13.02 -35.65 -17.98
C ARG C 397 13.18 -34.50 -18.97
N VAL C 401 15.47 -34.99 -12.25
CA VAL C 401 15.02 -35.26 -10.89
C VAL C 401 14.26 -36.58 -10.85
N SER C 402 14.94 -37.64 -10.42
CA SER C 402 14.36 -38.98 -10.46
C SER C 402 13.19 -39.08 -9.48
N GLY C 403 12.18 -39.87 -9.87
CA GLY C 403 11.01 -40.05 -9.04
C GLY C 403 11.24 -41.13 -7.99
N LEU C 404 11.01 -40.78 -6.73
CA LEU C 404 11.03 -41.73 -5.63
C LEU C 404 9.75 -41.73 -4.81
N ASP C 405 8.99 -40.65 -4.83
CA ASP C 405 7.68 -40.56 -4.20
C ASP C 405 6.61 -40.58 -5.29
N SER C 406 5.59 -41.41 -5.09
CA SER C 406 4.57 -41.70 -6.08
C SER C 406 3.21 -41.27 -5.54
N PHE C 407 2.20 -41.38 -6.38
CA PHE C 407 0.85 -40.94 -6.05
C PHE C 407 0.18 -41.68 -4.89
N GLY C 408 0.90 -42.59 -4.23
CA GLY C 408 0.50 -42.98 -2.89
C GLY C 408 0.89 -41.94 -1.87
N ASN C 409 1.94 -41.16 -2.15
CA ASN C 409 2.35 -40.04 -1.32
C ASN C 409 1.44 -38.82 -1.49
N LEU C 410 0.53 -38.85 -2.47
CA LEU C 410 -0.32 -37.73 -2.84
C LEU C 410 -1.75 -38.01 -2.40
N GLU C 411 -2.23 -37.28 -1.40
CA GLU C 411 -3.60 -37.43 -0.92
C GLU C 411 -4.23 -36.05 -0.75
N VAL C 412 -5.46 -36.03 -0.24
CA VAL C 412 -6.21 -34.78 -0.09
C VAL C 412 -7.10 -34.88 1.13
N SER C 413 -7.23 -33.76 1.87
CA SER C 413 -7.99 -33.68 3.10
C SER C 413 -9.41 -33.22 2.82
N PRO C 414 -10.33 -33.44 3.76
CA PRO C 414 -11.70 -32.91 3.62
C PRO C 414 -11.70 -31.40 3.79
N PRO C 415 -12.84 -30.74 3.55
CA PRO C 415 -12.92 -29.30 3.77
C PRO C 415 -12.58 -28.94 5.21
N VAL C 416 -11.76 -27.90 5.37
CA VAL C 416 -11.23 -27.51 6.68
C VAL C 416 -11.24 -26.00 6.79
N VAL C 417 -10.86 -25.51 7.97
CA VAL C 417 -10.69 -24.08 8.23
C VAL C 417 -9.43 -23.92 9.06
N ALA C 418 -8.46 -23.16 8.55
CA ALA C 418 -7.20 -23.00 9.26
C ALA C 418 -6.55 -21.69 8.86
N ASN C 419 -5.75 -21.14 9.77
CA ASN C 419 -5.02 -19.89 9.56
C ASN C 419 -5.97 -18.74 9.21
N GLY C 420 -7.23 -18.84 9.66
CA GLY C 420 -8.26 -17.90 9.30
C GLY C 420 -8.94 -18.22 7.98
N LYS C 421 -8.17 -18.73 7.02
CA LYS C 421 -8.76 -19.06 5.72
C LYS C 421 -9.63 -20.31 5.82
N GLU C 422 -10.53 -20.44 4.86
CA GLU C 422 -11.42 -21.58 4.74
C GLU C 422 -11.08 -22.35 3.46
N TYR C 423 -10.89 -23.66 3.58
CA TYR C 423 -10.56 -24.53 2.47
C TYR C 423 -11.76 -25.44 2.20
N PRO C 424 -12.70 -25.01 1.37
CA PRO C 424 -13.90 -25.84 1.12
C PRO C 424 -13.67 -27.02 0.20
N LEU C 425 -12.51 -27.09 -0.45
CA LEU C 425 -12.14 -28.26 -1.25
C LEU C 425 -11.00 -29.04 -0.59
N GLY C 426 -10.72 -28.78 0.68
CA GLY C 426 -9.63 -29.47 1.36
C GLY C 426 -8.28 -28.94 0.90
N ARG C 427 -7.24 -29.59 1.41
CA ARG C 427 -5.88 -29.25 1.07
C ARG C 427 -5.14 -30.50 0.61
N ILE C 428 -4.16 -30.30 -0.27
CA ILE C 428 -3.36 -31.41 -0.78
C ILE C 428 -2.32 -31.80 0.26
N LEU C 429 -2.04 -33.09 0.37
CA LEU C 429 -1.06 -33.62 1.31
C LEU C 429 -0.02 -34.41 0.54
N ILE C 430 1.23 -33.97 0.62
CA ILE C 430 2.38 -34.67 0.04
C ILE C 430 3.47 -34.71 1.10
N GLY C 431 4.39 -35.66 0.94
CA GLY C 431 5.43 -35.88 1.91
C GLY C 431 6.79 -35.31 1.49
N GLY C 432 7.69 -35.21 2.47
CA GLY C 432 9.03 -34.70 2.26
C GLY C 432 9.84 -34.58 3.55
N ASN C 433 10.81 -33.67 3.59
CA ASN C 433 11.59 -33.40 4.80
C ASN C 433 11.52 -31.93 5.14
N LEU C 434 11.75 -31.60 6.42
CA LEU C 434 11.67 -30.20 6.84
C LEU C 434 12.85 -29.37 6.36
N PRO C 435 14.12 -29.68 6.73
CA PRO C 435 15.22 -28.84 6.26
C PRO C 435 15.66 -29.14 4.83
N GLY C 436 15.57 -30.40 4.45
CA GLY C 436 16.10 -30.86 3.17
C GLY C 436 16.47 -32.32 3.25
N SER C 437 16.75 -32.88 2.09
CA SER C 437 17.08 -34.31 1.97
C SER C 437 18.32 -34.67 2.77
N ARG C 440 14.50 -36.37 1.28
CA ARG C 440 13.79 -36.79 0.07
C ARG C 440 12.51 -35.99 -0.12
N ARG C 441 12.27 -35.58 -1.37
CA ARG C 441 11.12 -34.75 -1.70
C ARG C 441 10.56 -35.18 -3.05
N VAL C 442 9.24 -35.03 -3.19
CA VAL C 442 8.58 -35.28 -4.46
C VAL C 442 9.12 -34.30 -5.50
N THR C 443 9.15 -34.74 -6.76
CA THR C 443 9.74 -33.96 -7.84
C THR C 443 9.15 -32.55 -7.88
N GLN C 444 9.94 -31.60 -8.36
CA GLN C 444 9.52 -30.21 -8.35
C GLN C 444 8.41 -29.94 -9.36
N VAL C 445 8.34 -30.70 -10.45
CA VAL C 445 7.31 -30.46 -11.45
C VAL C 445 5.93 -30.80 -10.90
N VAL C 446 5.83 -31.92 -10.19
CA VAL C 446 4.55 -32.30 -9.58
C VAL C 446 4.15 -31.30 -8.51
N ARG C 447 5.12 -30.85 -7.71
CA ARG C 447 4.84 -29.83 -6.71
C ARG C 447 4.32 -28.55 -7.37
N ASP C 448 4.96 -28.13 -8.46
CA ASP C 448 4.54 -26.91 -9.14
C ASP C 448 3.14 -27.06 -9.70
N PHE C 449 2.81 -28.22 -10.29
CA PHE C 449 1.46 -28.46 -10.77
C PHE C 449 0.44 -28.35 -9.64
N LEU C 450 0.69 -29.08 -8.54
CA LEU C 450 -0.25 -29.08 -7.42
C LEU C 450 -0.44 -27.69 -6.82
N HIS C 451 0.66 -26.95 -6.68
CA HIS C 451 0.56 -25.60 -6.13
C HIS C 451 -0.10 -24.65 -7.11
N ALA C 452 0.02 -24.90 -8.41
CA ALA C 452 -0.57 -24.02 -9.41
C ALA C 452 -2.04 -24.28 -9.64
N GLN C 453 -2.56 -25.44 -9.19
CA GLN C 453 -4.01 -25.63 -9.22
C GLN C 453 -4.73 -24.61 -8.35
N LYS C 454 -4.06 -24.11 -7.30
CA LYS C 454 -4.47 -22.94 -6.53
C LYS C 454 -5.74 -23.12 -5.71
N VAL C 455 -6.42 -24.25 -5.84
CA VAL C 455 -7.71 -24.43 -5.17
C VAL C 455 -7.61 -25.30 -3.91
N GLN C 456 -6.52 -26.06 -3.74
CA GLN C 456 -6.33 -26.88 -2.55
C GLN C 456 -4.88 -26.71 -2.11
N PRO C 457 -4.58 -25.62 -1.41
CA PRO C 457 -3.17 -25.29 -1.10
C PRO C 457 -2.48 -26.44 -0.37
N PRO C 458 -1.47 -27.03 -0.99
CA PRO C 458 -0.86 -28.24 -0.43
C PRO C 458 -0.16 -27.98 0.88
N VAL C 459 0.03 -29.05 1.64
CA VAL C 459 0.76 -29.06 2.90
C VAL C 459 1.81 -30.16 2.79
N GLU C 460 3.08 -29.77 2.72
CA GLU C 460 4.15 -30.74 2.64
C GLU C 460 4.44 -31.31 4.02
N LEU C 461 4.49 -32.64 4.13
CA LEU C 461 4.59 -33.34 5.39
C LEU C 461 5.94 -34.04 5.50
N PHE C 462 6.12 -34.72 6.63
CA PHE C 462 7.35 -35.47 6.93
C PHE C 462 7.05 -36.95 6.72
N VAL C 463 7.60 -37.52 5.66
CA VAL C 463 7.33 -38.92 5.30
C VAL C 463 8.65 -39.63 5.00
N ASP C 464 9.75 -38.87 4.98
CA ASP C 464 11.05 -39.42 4.61
C ASP C 464 11.54 -40.51 5.56
N TRP C 465 10.93 -40.65 6.74
CA TRP C 465 11.37 -41.65 7.70
C TRP C 465 10.90 -43.07 7.35
N LEU C 466 9.88 -43.19 6.50
CA LEU C 466 9.38 -44.51 6.13
C LEU C 466 10.22 -45.11 5.01
N ALA C 467 10.11 -46.43 4.86
CA ALA C 467 10.87 -47.14 3.84
C ALA C 467 10.48 -46.66 2.44
N VAL C 468 9.21 -46.84 2.08
CA VAL C 468 8.75 -46.32 0.78
C VAL C 468 8.37 -44.85 0.91
N GLY C 469 7.83 -44.44 2.06
CA GLY C 469 7.58 -43.03 2.32
C GLY C 469 6.39 -42.45 1.59
N HIS C 470 5.19 -42.96 1.89
CA HIS C 470 3.95 -42.44 1.34
C HIS C 470 3.07 -41.92 2.48
N VAL C 471 2.38 -40.82 2.22
CA VAL C 471 1.57 -40.19 3.25
C VAL C 471 0.51 -41.16 3.77
N ASP C 472 -0.10 -41.94 2.87
CA ASP C 472 -1.18 -42.82 3.29
C ASP C 472 -0.72 -44.00 4.14
N GLU C 473 0.57 -44.10 4.45
CA GLU C 473 1.04 -45.18 5.33
C GLU C 473 0.71 -44.93 6.79
N PHE C 474 0.55 -43.67 7.19
CA PHE C 474 0.24 -43.34 8.57
C PHE C 474 -1.00 -42.47 8.73
N LEU C 475 -1.59 -41.96 7.66
CA LEU C 475 -2.68 -41.00 7.73
C LEU C 475 -3.80 -41.44 6.80
N SER C 476 -5.03 -41.42 7.31
CA SER C 476 -6.19 -41.75 6.49
C SER C 476 -7.43 -41.05 7.03
N PHE C 477 -8.19 -40.43 6.14
CA PHE C 477 -9.43 -39.77 6.54
C PHE C 477 -10.61 -40.71 6.34
N VAL C 478 -11.57 -40.64 7.26
CA VAL C 478 -12.73 -41.53 7.23
C VAL C 478 -14.00 -40.72 7.46
N PRO C 479 -15.09 -41.00 6.75
CA PRO C 479 -16.33 -40.27 7.01
C PRO C 479 -16.99 -40.72 8.30
N ALA C 480 -17.47 -39.76 9.08
CA ALA C 480 -18.14 -40.06 10.33
C ALA C 480 -19.14 -38.96 10.66
N PRO C 481 -20.44 -39.26 10.75
CA PRO C 481 -21.43 -38.21 10.99
C PRO C 481 -21.38 -37.66 12.41
N ASP C 482 -20.29 -36.95 12.73
CA ASP C 482 -20.12 -36.37 14.06
C ASP C 482 -18.90 -35.46 14.04
N GLY C 483 -18.96 -34.39 14.85
CA GLY C 483 -17.82 -33.54 15.07
C GLY C 483 -17.52 -32.57 13.96
N LYS C 484 -16.97 -33.08 12.86
CA LYS C 484 -16.69 -32.27 11.68
C LYS C 484 -17.09 -33.00 10.40
N GLY C 485 -17.88 -34.07 10.51
CA GLY C 485 -18.22 -34.89 9.37
C GLY C 485 -17.20 -35.96 9.03
N PHE C 486 -16.01 -35.91 9.62
CA PHE C 486 -14.96 -36.86 9.30
C PHE C 486 -14.05 -37.02 10.51
N ARG C 487 -13.23 -38.08 10.47
CA ARG C 487 -12.20 -38.34 11.46
C ARG C 487 -10.88 -38.61 10.76
N MET C 488 -9.82 -37.99 11.26
CA MET C 488 -8.47 -38.27 10.79
C MET C 488 -7.86 -39.38 11.63
N LEU C 489 -7.45 -40.46 10.98
CA LEU C 489 -6.87 -41.62 11.66
C LEU C 489 -5.38 -41.63 11.42
N LEU C 490 -4.62 -41.70 12.51
CA LEU C 490 -3.16 -41.73 12.45
C LEU C 490 -2.65 -43.00 13.10
N ALA C 491 -1.66 -43.63 12.44
CA ALA C 491 -0.99 -44.76 13.05
C ALA C 491 -0.23 -44.30 14.30
N SER C 492 -0.32 -45.11 15.37
CA SER C 492 0.32 -44.72 16.62
C SER C 492 0.89 -45.94 17.34
N PRO C 493 2.21 -46.07 17.38
CA PRO C 493 2.80 -47.15 18.20
C PRO C 493 2.42 -47.06 19.67
N GLY C 494 2.11 -45.86 20.17
CA GLY C 494 1.67 -45.75 21.55
C GLY C 494 0.33 -46.39 21.80
N ALA C 495 -0.57 -46.36 20.82
CA ALA C 495 -1.84 -47.05 20.95
C ALA C 495 -1.65 -48.54 21.08
N CYS C 496 -0.73 -49.11 20.28
CA CYS C 496 -0.41 -50.52 20.39
C CYS C 496 0.28 -50.82 21.72
N PHE C 497 1.13 -49.91 22.18
CA PHE C 497 1.71 -50.05 23.52
C PHE C 497 0.62 -50.20 24.58
N LYS C 498 -0.33 -49.25 24.59
CA LYS C 498 -1.40 -49.28 25.57
C LYS C 498 -2.23 -50.56 25.45
N LEU C 499 -2.56 -50.96 24.22
CA LEU C 499 -3.39 -52.15 24.04
C LEU C 499 -2.67 -53.40 24.54
N PHE C 500 -1.41 -53.58 24.15
CA PHE C 500 -0.67 -54.77 24.58
C PHE C 500 -0.43 -54.76 26.08
N GLN C 501 -0.23 -53.58 26.68
CA GLN C 501 -0.05 -53.53 28.13
C GLN C 501 -1.32 -53.87 28.87
N GLU C 502 -2.46 -53.34 28.41
CA GLU C 502 -3.73 -53.67 29.04
C GLU C 502 -4.09 -55.14 28.85
N LYS C 503 -3.63 -55.75 27.75
CA LYS C 503 -3.85 -57.18 27.58
C LYS C 503 -2.89 -58.01 28.43
N GLN C 504 -1.66 -57.52 28.64
CA GLN C 504 -0.75 -58.17 29.58
C GLN C 504 -1.32 -58.16 30.99
N LYS C 505 -1.93 -57.04 31.39
CA LYS C 505 -2.52 -56.95 32.72
C LYS C 505 -3.64 -57.94 32.95
N CYS C 506 -4.12 -58.62 31.90
CA CYS C 506 -5.11 -59.68 32.04
C CYS C 506 -4.49 -61.07 32.10
N GLY C 507 -3.32 -61.26 31.49
CA GLY C 507 -2.65 -62.54 31.45
C GLY C 507 -2.53 -63.15 30.08
N HIS C 508 -2.97 -62.45 29.02
CA HIS C 508 -2.89 -62.96 27.66
C HIS C 508 -1.58 -62.59 26.97
N GLY C 509 -0.51 -62.35 27.73
CA GLY C 509 0.76 -62.05 27.13
C GLY C 509 1.33 -63.18 26.28
N ARG C 510 0.94 -64.42 26.56
CA ARG C 510 1.37 -65.56 25.78
C ARG C 510 0.54 -65.75 24.51
N ALA C 511 -0.38 -64.85 24.21
CA ALA C 511 -1.11 -64.91 22.95
C ALA C 511 -0.21 -64.49 21.80
N LEU C 512 -0.33 -65.19 20.68
CA LEU C 512 0.58 -65.03 19.56
C LEU C 512 -0.05 -64.19 18.46
N LEU C 513 0.77 -63.42 17.76
CA LEU C 513 0.27 -62.53 16.72
C LEU C 513 0.05 -63.27 15.41
N PHE C 514 1.12 -63.75 14.80
CA PHE C 514 1.04 -64.33 13.45
C PHE C 514 0.70 -65.82 13.49
N GLN C 515 -0.38 -66.16 14.20
CA GLN C 515 -0.72 -67.57 14.38
C GLN C 515 -1.41 -68.14 13.14
N GLY C 516 -2.58 -67.61 12.80
CA GLY C 516 -3.27 -68.07 11.61
C GLY C 516 -2.86 -67.28 10.38
N VAL C 517 -1.88 -67.80 9.64
CA VAL C 517 -1.36 -67.13 8.45
C VAL C 517 -0.48 -68.13 7.69
N VAL C 518 -0.34 -67.94 6.38
CA VAL C 518 0.62 -68.73 5.61
C VAL C 518 2.00 -68.38 6.16
N ASP C 519 2.63 -69.35 6.82
CA ASP C 519 3.83 -69.11 7.61
C ASP C 519 5.09 -69.37 6.80
N ASP C 520 5.93 -68.34 6.69
CA ASP C 520 7.22 -68.42 6.02
C ASP C 520 8.29 -68.86 7.00
N VAL C 523 7.11 -65.71 8.56
CA VAL C 523 7.50 -64.91 9.71
C VAL C 523 7.18 -65.67 11.01
N LYS C 524 8.16 -65.75 11.90
CA LYS C 524 8.00 -66.51 13.13
C LYS C 524 7.00 -65.83 14.06
N THR C 525 6.18 -66.65 14.72
CA THR C 525 5.06 -66.18 15.52
C THR C 525 5.56 -65.60 16.83
N ILE C 526 5.42 -64.28 16.98
CA ILE C 526 5.83 -63.55 18.19
C ILE C 526 4.61 -63.41 19.11
N SER C 527 4.88 -63.30 20.41
CA SER C 527 3.84 -63.12 21.40
C SER C 527 3.87 -61.71 21.98
N ILE C 528 2.84 -61.38 22.76
CA ILE C 528 2.73 -60.03 23.32
C ILE C 528 3.88 -59.75 24.29
N ASN C 529 4.21 -60.73 25.13
CA ASN C 529 5.32 -60.55 26.07
C ASN C 529 6.64 -60.34 25.34
N GLN C 530 6.84 -61.06 24.23
CA GLN C 530 8.07 -60.89 23.46
C GLN C 530 8.15 -59.50 22.83
N VAL C 531 7.01 -58.98 22.37
CA VAL C 531 7.02 -57.66 21.74
C VAL C 531 7.25 -56.57 22.78
N LEU C 532 6.50 -56.61 23.89
CA LEU C 532 6.60 -55.55 24.88
C LEU C 532 7.97 -55.51 25.56
N SER C 533 8.64 -56.65 25.64
CA SER C 533 9.93 -56.75 26.31
C SER C 533 11.10 -56.75 25.34
N ASN C 534 10.93 -56.21 24.15
CA ASN C 534 12.00 -56.11 23.16
C ASN C 534 12.42 -54.64 23.10
N LYS C 535 13.58 -54.33 23.70
CA LYS C 535 13.96 -52.93 23.89
C LYS C 535 14.19 -52.22 22.55
N ASP C 536 14.85 -52.88 21.61
CA ASP C 536 15.13 -52.24 20.33
C ASP C 536 13.84 -51.92 19.58
N LEU C 537 12.92 -52.88 19.52
CA LEU C 537 11.65 -52.68 18.84
C LEU C 537 10.85 -51.55 19.49
N ILE C 538 10.82 -51.51 20.82
CA ILE C 538 10.05 -50.49 21.51
C ILE C 538 10.66 -49.11 21.29
N ASN C 539 11.99 -49.00 21.33
CA ASN C 539 12.61 -47.71 21.10
C ASN C 539 12.42 -47.23 19.67
N TYR C 540 12.50 -48.15 18.70
CA TYR C 540 12.27 -47.76 17.31
C TYR C 540 10.83 -47.32 17.11
N ASN C 541 9.88 -47.98 17.76
CA ASN C 541 8.49 -47.56 17.66
C ASN C 541 8.26 -46.23 18.36
N LYS C 542 9.02 -45.94 19.42
CA LYS C 542 8.94 -44.62 20.06
C LYS C 542 9.42 -43.53 19.11
N PHE C 543 10.53 -43.78 18.40
CA PHE C 543 10.99 -42.83 17.38
C PHE C 543 9.95 -42.65 16.27
N VAL C 544 9.36 -43.75 15.82
CA VAL C 544 8.30 -43.69 14.81
C VAL C 544 7.14 -42.84 15.32
N GLN C 545 6.74 -43.04 16.58
CA GLN C 545 5.65 -42.27 17.16
C GLN C 545 6.00 -40.80 17.27
N SER C 546 7.27 -40.48 17.51
CA SER C 546 7.67 -39.06 17.52
C SER C 546 7.53 -38.44 16.14
N CYS C 547 7.94 -39.17 15.09
CA CYS C 547 7.74 -38.68 13.73
C CYS C 547 6.26 -38.44 13.44
N ILE C 548 5.43 -39.44 13.77
CA ILE C 548 4.00 -39.32 13.52
C ILE C 548 3.38 -38.20 14.35
N ASP C 549 3.96 -37.91 15.53
CA ASP C 549 3.44 -36.82 16.34
C ASP C 549 3.80 -35.47 15.74
N TRP C 550 5.00 -35.35 15.17
CA TRP C 550 5.33 -34.14 14.42
C TRP C 550 4.33 -33.92 13.30
N ASN C 551 4.09 -34.97 12.50
CA ASN C 551 3.08 -34.85 11.45
C ASN C 551 1.71 -34.55 12.03
N ARG C 552 1.41 -35.05 13.23
CA ARG C 552 0.12 -34.83 13.86
C ARG C 552 -0.09 -33.37 14.21
N GLU C 553 0.91 -32.74 14.84
CA GLU C 553 0.79 -31.33 15.18
CA GLU C 553 0.78 -31.33 15.18
C GLU C 553 0.75 -30.45 13.93
N VAL C 554 1.53 -30.82 12.90
CA VAL C 554 1.48 -30.05 11.66
C VAL C 554 0.10 -30.17 11.02
N LEU C 555 -0.50 -31.36 11.10
CA LEU C 555 -1.84 -31.56 10.56
C LEU C 555 -2.88 -30.76 11.34
N LYS C 556 -2.78 -30.75 12.67
CA LYS C 556 -3.71 -29.97 13.49
C LYS C 556 -3.59 -28.48 13.21
N ARG C 557 -2.37 -27.99 12.92
CA ARG C 557 -2.23 -26.58 12.61
C ARG C 557 -2.78 -26.26 11.22
N GLU C 558 -2.40 -27.05 10.22
CA GLU C 558 -2.73 -26.72 8.84
C GLU C 558 -4.14 -27.14 8.43
N LEU C 559 -4.85 -27.91 9.26
CA LEU C 559 -6.22 -28.31 8.97
C LEU C 559 -7.23 -27.84 10.01
N GLY C 560 -6.77 -27.30 11.14
CA GLY C 560 -7.69 -26.81 12.15
C GLY C 560 -8.53 -27.88 12.82
N LEU C 561 -7.98 -29.06 12.99
CA LEU C 561 -8.69 -30.17 13.62
C LEU C 561 -8.27 -30.28 15.08
N ALA C 562 -9.17 -30.84 15.89
CA ALA C 562 -8.92 -31.07 17.30
C ALA C 562 -8.79 -32.57 17.57
N GLU C 563 -8.58 -32.91 18.84
CA GLU C 563 -8.48 -34.31 19.21
C GLU C 563 -9.81 -35.04 19.05
N CYS C 564 -10.93 -34.32 19.03
CA CYS C 564 -12.21 -34.96 18.80
C CYS C 564 -12.29 -35.59 17.43
N ASP C 565 -11.50 -35.10 16.48
CA ASP C 565 -11.48 -35.61 15.11
C ASP C 565 -10.31 -36.55 14.85
N ILE C 566 -9.34 -36.61 15.75
CA ILE C 566 -8.15 -37.43 15.57
C ILE C 566 -8.29 -38.72 16.36
N ILE C 567 -8.15 -39.84 15.67
CA ILE C 567 -8.19 -41.17 16.27
C ILE C 567 -6.87 -41.87 16.00
N ASP C 568 -6.25 -42.40 17.04
CA ASP C 568 -5.01 -43.15 16.91
C ASP C 568 -5.32 -44.63 16.74
N ILE C 569 -4.69 -45.24 15.75
CA ILE C 569 -4.88 -46.65 15.42
C ILE C 569 -3.61 -47.39 15.82
N PRO C 570 -3.71 -48.48 16.58
CA PRO C 570 -2.50 -49.19 17.00
C PRO C 570 -1.76 -49.78 15.81
N GLN C 571 -0.46 -49.50 15.73
CA GLN C 571 0.36 -49.99 14.63
C GLN C 571 1.83 -49.97 15.04
N LEU C 572 2.49 -51.11 14.92
CA LEU C 572 3.92 -51.21 15.13
C LEU C 572 4.65 -51.23 13.80
N PHE C 573 5.97 -51.04 13.85
CA PHE C 573 6.77 -50.91 12.63
C PHE C 573 8.05 -51.74 12.75
N LYS C 574 8.34 -52.50 11.70
CA LYS C 574 9.59 -53.23 11.59
C LYS C 574 10.69 -52.31 11.05
N THR C 575 11.89 -52.87 10.90
CA THR C 575 13.00 -52.17 10.26
C THR C 575 14.15 -53.15 10.05
N GLU C 576 14.81 -53.00 8.91
CA GLU C 576 16.09 -53.67 8.66
C GLU C 576 17.18 -52.64 8.38
N ARG C 577 16.85 -51.36 8.39
CA ARG C 577 17.76 -50.26 8.12
C ARG C 577 17.29 -49.08 8.96
N LYS C 578 17.76 -47.88 8.64
CA LYS C 578 17.33 -46.68 9.35
C LYS C 578 15.93 -46.22 8.93
N LYS C 579 15.27 -46.93 8.02
CA LYS C 579 13.93 -46.56 7.57
C LYS C 579 12.91 -47.61 8.02
N ALA C 580 11.63 -47.24 7.97
CA ALA C 580 10.58 -47.95 8.67
C ALA C 580 9.64 -48.66 7.71
N THR C 581 9.39 -49.95 8.00
CA THR C 581 8.35 -50.74 7.37
C THR C 581 7.40 -51.24 8.47
N ALA C 582 6.26 -51.78 8.05
CA ALA C 582 5.24 -52.21 9.00
C ALA C 582 5.60 -53.54 9.65
N PHE C 583 5.28 -53.67 10.94
CA PHE C 583 5.51 -54.91 11.68
C PHE C 583 4.44 -55.95 11.34
N PHE C 584 3.19 -55.63 11.66
CA PHE C 584 2.03 -56.37 11.22
C PHE C 584 1.25 -55.53 10.20
N PRO C 585 0.30 -56.13 9.48
CA PRO C 585 -0.42 -55.37 8.45
C PRO C 585 -0.94 -54.03 8.96
N ASP C 586 -0.68 -52.98 8.18
CA ASP C 586 -1.00 -51.61 8.58
C ASP C 586 -2.50 -51.40 8.58
N LEU C 587 -3.06 -51.06 9.75
CA LEU C 587 -4.51 -50.92 9.86
C LEU C 587 -5.00 -49.65 9.15
N VAL C 588 -4.30 -48.53 9.33
CA VAL C 588 -4.50 -47.37 8.46
C VAL C 588 -3.94 -47.76 7.10
N ASN C 589 -4.15 -46.91 6.09
CA ASN C 589 -3.94 -47.28 4.70
C ASN C 589 -4.95 -48.37 4.33
N MET C 590 -6.22 -48.03 4.48
CA MET C 590 -7.34 -48.90 4.15
C MET C 590 -8.15 -48.28 3.02
N LEU C 591 -9.04 -49.07 2.44
CA LEU C 591 -9.90 -48.62 1.36
C LEU C 591 -11.21 -48.12 1.94
N VAL C 592 -11.44 -46.81 1.84
CA VAL C 592 -12.59 -46.17 2.49
C VAL C 592 -13.61 -45.80 1.41
N LEU C 593 -14.75 -46.48 1.42
CA LEU C 593 -15.84 -46.29 0.46
C LEU C 593 -17.09 -45.97 1.27
N GLY C 594 -17.28 -44.70 1.60
CA GLY C 594 -18.45 -44.27 2.33
C GLY C 594 -18.67 -45.00 3.64
N LYS C 595 -19.72 -45.82 3.70
CA LYS C 595 -20.06 -46.55 4.90
C LYS C 595 -19.24 -47.82 5.11
N HIS C 596 -18.45 -48.23 4.13
CA HIS C 596 -17.73 -49.50 4.19
C HIS C 596 -16.25 -49.27 3.95
N LEU C 597 -15.42 -49.82 4.83
CA LEU C 597 -13.97 -49.69 4.70
C LEU C 597 -13.34 -51.07 4.77
N GLY C 598 -12.49 -51.36 3.79
CA GLY C 598 -11.70 -52.57 3.77
C GLY C 598 -10.35 -52.35 4.41
N ILE C 599 -10.10 -53.05 5.52
CA ILE C 599 -8.91 -52.86 6.34
C ILE C 599 -8.04 -54.10 6.20
N PRO C 600 -6.72 -53.97 6.16
CA PRO C 600 -5.86 -55.16 6.11
C PRO C 600 -6.01 -55.99 7.39
N LYS C 601 -6.18 -57.29 7.22
CA LYS C 601 -6.31 -58.20 8.35
C LYS C 601 -5.01 -58.18 9.15
N PRO C 602 -5.03 -57.64 10.36
CA PRO C 602 -3.76 -57.42 11.09
C PRO C 602 -3.11 -58.71 11.57
N PHE C 603 -3.87 -59.80 11.72
CA PHE C 603 -3.36 -61.04 12.29
C PHE C 603 -2.69 -60.77 13.64
N GLY C 604 -3.47 -60.18 14.55
CA GLY C 604 -2.98 -59.81 15.85
C GLY C 604 -3.12 -60.92 16.85
N PRO C 605 -2.92 -60.60 18.14
CA PRO C 605 -2.98 -61.63 19.19
C PRO C 605 -4.40 -62.13 19.39
N ILE C 606 -4.59 -63.42 19.16
CA ILE C 606 -5.89 -64.06 19.40
C ILE C 606 -6.04 -64.29 20.89
N ILE C 607 -7.08 -63.70 21.48
CA ILE C 607 -7.33 -63.80 22.91
C ILE C 607 -8.54 -64.67 23.21
N ASN C 608 -9.61 -64.54 22.44
CA ASN C 608 -10.82 -65.34 22.63
C ASN C 608 -11.32 -65.82 21.28
N GLY C 609 -10.41 -66.35 20.46
CA GLY C 609 -10.74 -66.76 19.12
C GLY C 609 -10.86 -65.63 18.12
N CYS C 610 -10.77 -64.38 18.58
CA CYS C 610 -10.87 -63.21 17.71
C CYS C 610 -9.65 -62.32 17.93
N CYS C 611 -9.15 -61.76 16.82
CA CYS C 611 -7.99 -60.88 16.88
C CYS C 611 -8.30 -59.63 17.70
N CYS C 612 -7.46 -59.35 18.70
CA CYS C 612 -7.70 -58.21 19.57
C CYS C 612 -7.46 -56.88 18.84
N LEU C 613 -6.57 -56.87 17.86
CA LEU C 613 -6.40 -55.67 17.04
C LEU C 613 -7.67 -55.36 16.25
N GLU C 614 -8.32 -56.40 15.71
CA GLU C 614 -9.59 -56.19 15.03
C GLU C 614 -10.66 -55.69 15.99
N GLU C 615 -10.65 -56.20 17.23
CA GLU C 615 -11.60 -55.72 18.23
C GLU C 615 -11.38 -54.25 18.54
N LYS C 616 -10.12 -53.83 18.66
CA LYS C 616 -9.82 -52.42 18.92
C LYS C 616 -10.21 -51.56 17.72
N VAL C 617 -9.94 -52.04 16.51
CA VAL C 617 -10.34 -51.31 15.31
C VAL C 617 -11.85 -51.11 15.27
N ARG C 618 -12.60 -52.17 15.61
CA ARG C 618 -14.06 -52.05 15.65
C ARG C 618 -14.49 -51.06 16.73
N SER C 619 -13.92 -51.18 17.94
CA SER C 619 -14.25 -50.27 19.02
C SER C 619 -13.93 -48.82 18.67
N LEU C 620 -13.00 -48.59 17.76
CA LEU C 620 -12.66 -47.22 17.36
C LEU C 620 -13.49 -46.71 16.19
N LEU C 621 -13.91 -47.59 15.27
CA LEU C 621 -14.55 -47.16 14.04
C LEU C 621 -16.06 -47.39 14.02
N GLU C 622 -16.52 -48.58 14.42
CA GLU C 622 -17.94 -48.91 14.31
C GLU C 622 -18.87 -48.01 15.11
N PRO C 623 -18.50 -47.43 16.25
CA PRO C 623 -19.38 -46.42 16.88
C PRO C 623 -19.66 -45.22 15.99
N LEU C 624 -18.92 -45.04 14.90
CA LEU C 624 -19.17 -43.99 13.92
C LEU C 624 -20.01 -44.49 12.74
N GLY C 625 -20.75 -45.58 12.93
CA GLY C 625 -21.59 -46.14 11.89
C GLY C 625 -20.88 -46.95 10.82
N LEU C 626 -19.55 -46.87 10.74
CA LEU C 626 -18.80 -47.58 9.72
C LEU C 626 -18.81 -49.09 9.99
N HIS C 627 -18.54 -49.86 8.94
CA HIS C 627 -18.50 -51.31 9.02
C HIS C 627 -17.12 -51.78 8.57
N CYS C 628 -16.43 -52.51 9.45
CA CYS C 628 -15.05 -52.91 9.23
C CYS C 628 -14.98 -54.35 8.76
N THR C 629 -14.49 -54.56 7.54
CA THR C 629 -14.29 -55.90 6.99
C THR C 629 -12.80 -56.06 6.69
N PHE C 630 -12.19 -57.07 7.27
CA PHE C 630 -10.74 -57.27 7.19
C PHE C 630 -10.40 -58.29 6.10
N ILE C 631 -9.39 -57.97 5.30
CA ILE C 631 -9.01 -58.75 4.13
C ILE C 631 -7.65 -59.41 4.41
N ASP C 632 -7.57 -60.72 4.16
CA ASP C 632 -6.30 -61.42 4.21
C ASP C 632 -5.42 -60.93 3.06
N ASP C 633 -4.36 -60.20 3.39
CA ASP C 633 -3.45 -59.69 2.36
C ASP C 633 -2.00 -59.87 2.78
N PHE C 634 -1.73 -60.85 3.66
CA PHE C 634 -0.36 -61.04 4.14
C PHE C 634 0.55 -61.59 3.05
N THR C 635 0.05 -62.53 2.26
CA THR C 635 0.87 -63.08 1.18
C THR C 635 0.92 -62.16 -0.03
N PRO C 636 -0.21 -61.61 -0.52
CA PRO C 636 -0.12 -60.72 -1.69
C PRO C 636 0.63 -59.43 -1.39
N TYR C 637 0.30 -58.78 -0.28
CA TYR C 637 0.88 -57.50 0.09
C TYR C 637 1.42 -57.59 1.52
N HIS C 638 1.94 -56.46 2.02
CA HIS C 638 2.50 -56.34 3.36
C HIS C 638 3.80 -57.11 3.50
N MET C 639 4.12 -57.92 2.49
CA MET C 639 5.44 -58.50 2.34
C MET C 639 6.22 -57.82 1.24
N LEU C 640 5.55 -57.03 0.41
CA LEU C 640 6.17 -56.10 -0.52
C LEU C 640 5.89 -54.66 -0.12
N HIS C 641 5.67 -54.43 1.17
CA HIS C 641 5.52 -53.10 1.76
C HIS C 641 4.28 -52.37 1.23
N GLY C 642 3.13 -53.04 1.32
CA GLY C 642 1.90 -52.43 0.87
C GLY C 642 0.68 -53.04 1.55
N GLU C 643 -0.40 -52.27 1.55
CA GLU C 643 -1.65 -52.73 2.13
C GLU C 643 -2.78 -52.57 1.12
N VAL C 644 -4.04 -52.73 1.56
CA VAL C 644 -5.17 -52.71 0.63
C VAL C 644 -5.25 -51.37 -0.09
N HIS C 645 -5.07 -50.26 0.65
CA HIS C 645 -5.10 -48.95 0.01
C HIS C 645 -3.98 -48.80 -1.01
N CYS C 646 -2.85 -49.48 -0.80
CA CYS C 646 -1.77 -49.47 -1.78
C CYS C 646 -2.12 -50.22 -3.05
N GLY C 647 -3.07 -51.16 -2.98
CA GLY C 647 -3.50 -51.92 -4.13
C GLY C 647 -4.87 -51.57 -4.67
N THR C 648 -5.52 -50.52 -4.15
CA THR C 648 -6.85 -50.14 -4.59
C THR C 648 -6.90 -48.64 -4.78
N ASN C 649 -7.27 -48.20 -5.98
CA ASN C 649 -7.57 -46.81 -6.27
C ASN C 649 -9.08 -46.64 -6.43
N VAL C 650 -9.53 -45.39 -6.40
CA VAL C 650 -10.96 -45.10 -6.47
C VAL C 650 -11.15 -43.65 -6.89
N CYS C 651 -12.14 -43.43 -7.76
CA CYS C 651 -12.63 -42.10 -8.09
C CYS C 651 -13.94 -41.84 -7.37
N ARG C 652 -14.21 -40.57 -7.07
CA ARG C 652 -15.32 -40.21 -6.22
C ARG C 652 -16.17 -39.12 -6.86
N LYS C 653 -17.36 -38.93 -6.30
CA LYS C 653 -18.25 -37.88 -6.75
C LYS C 653 -17.62 -36.52 -6.49
N PRO C 654 -17.62 -35.61 -7.47
CA PRO C 654 -17.01 -34.29 -7.25
C PRO C 654 -17.71 -33.53 -6.14
N PHE C 655 -17.04 -32.50 -5.64
CA PHE C 655 -17.63 -31.66 -4.61
C PHE C 655 -18.85 -30.92 -5.15
N SER C 656 -19.82 -30.69 -4.27
CA SER C 656 -20.95 -29.83 -4.62
C SER C 656 -20.52 -28.37 -4.66
N PHE C 657 -19.56 -27.98 -3.82
CA PHE C 657 -19.04 -26.62 -3.82
C PHE C 657 -18.25 -26.37 -5.11
N LYS C 658 -18.59 -25.30 -5.81
CA LYS C 658 -17.94 -24.96 -7.07
C LYS C 658 -16.66 -24.18 -6.82
N TRP C 659 -15.64 -24.45 -7.63
CA TRP C 659 -14.30 -23.96 -7.36
C TRP C 659 -14.11 -22.48 -7.65
N TRP C 660 -15.00 -21.86 -8.43
CA TRP C 660 -14.77 -20.48 -8.83
C TRP C 660 -15.01 -19.48 -7.70
N ASN C 661 -15.99 -19.74 -6.83
CA ASN C 661 -16.24 -18.87 -5.68
C ASN C 661 -15.46 -19.35 -4.46
N MET C 662 -14.14 -19.42 -4.63
CA MET C 662 -13.25 -19.96 -3.60
C MET C 662 -12.43 -18.91 -2.88
N VAL C 663 -12.28 -17.71 -3.45
CA VAL C 663 -11.45 -16.63 -2.91
C VAL C 663 -10.13 -17.16 -2.35
N PRO C 664 -9.19 -17.62 -3.20
CA PRO C 664 -7.89 -18.09 -2.72
C PRO C 664 -7.10 -17.00 -1.99
#